data_5ZUH
#
_entry.id   5ZUH
#
_entity_poly.entity_id   1
_entity_poly.type   'polypeptide(L)'
_entity_poly.pdbx_seq_one_letter_code
;TDHQTVYVKPVPPTATLEQLTEFFSKHGTVQAVWRRYFAGKKDAPPESRTKPSVFVVFNSSEEAEAFQKAPPMYDDVQLT
AEMKTTYLERKAEEIAAKK
;
_entity_poly.pdbx_strand_id   A
#
# COMPACT_ATOMS: atom_id res chain seq x y z
N THR A 1 -12.49 -17.43 -3.81
CA THR A 1 -12.36 -16.04 -3.40
C THR A 1 -10.99 -15.47 -3.77
N ASP A 2 -10.99 -14.29 -4.38
CA ASP A 2 -9.75 -13.64 -4.78
C ASP A 2 -9.66 -12.23 -4.20
N HIS A 3 -8.53 -11.93 -3.56
CA HIS A 3 -8.32 -10.60 -2.97
C HIS A 3 -6.98 -10.02 -3.41
N GLN A 4 -7.00 -8.74 -3.77
CA GLN A 4 -5.79 -8.06 -4.21
C GLN A 4 -5.57 -6.76 -3.43
N THR A 5 -4.35 -6.54 -2.98
CA THR A 5 -4.01 -5.35 -2.22
C THR A 5 -2.58 -4.90 -2.50
N VAL A 6 -2.41 -3.61 -2.78
CA VAL A 6 -1.10 -3.06 -3.07
C VAL A 6 -0.63 -2.15 -1.94
N TYR A 7 0.68 -2.09 -1.74
CA TYR A 7 1.26 -1.25 -0.69
C TYR A 7 2.04 -0.08 -1.29
N VAL A 8 1.67 1.13 -0.88
CA VAL A 8 2.31 2.34 -1.37
C VAL A 8 2.73 3.25 -0.22
N LYS A 9 3.83 3.95 -0.40
CA LYS A 9 4.33 4.86 0.62
C LYS A 9 3.24 5.83 1.07
N PRO A 10 3.39 6.37 2.29
CA PRO A 10 2.43 7.31 2.86
C PRO A 10 2.44 8.66 2.16
N VAL A 11 1.47 9.52 2.49
CA VAL A 11 1.38 10.84 1.88
C VAL A 11 1.75 11.93 2.88
N PRO A 12 2.19 13.08 2.35
CA PRO A 12 2.59 14.23 3.18
C PRO A 12 1.40 14.88 3.88
N PRO A 13 1.69 15.77 4.84
CA PRO A 13 0.66 16.47 5.60
C PRO A 13 -0.08 17.50 4.75
N THR A 14 0.52 17.88 3.63
CA THR A 14 -0.07 18.85 2.73
C THR A 14 -1.10 18.20 1.81
N ALA A 15 -0.81 16.96 1.39
CA ALA A 15 -1.70 16.22 0.51
C ALA A 15 -3.01 15.89 1.21
N THR A 16 -4.07 16.59 0.83
CA THR A 16 -5.39 16.37 1.42
C THR A 16 -6.13 15.23 0.72
N LEU A 17 -7.25 14.82 1.29
CA LEU A 17 -8.04 13.74 0.72
C LEU A 17 -8.58 14.12 -0.65
N GLU A 18 -9.07 15.37 -0.77
CA GLU A 18 -9.61 15.86 -2.02
C GLU A 18 -8.52 15.93 -3.09
N GLN A 19 -7.35 16.40 -2.70
CA GLN A 19 -6.22 16.52 -3.62
C GLN A 19 -5.73 15.14 -4.07
N LEU A 20 -5.62 14.22 -3.12
CA LEU A 20 -5.16 12.87 -3.41
C LEU A 20 -6.08 12.19 -4.41
N THR A 21 -7.39 12.24 -4.13
CA THR A 21 -8.38 11.63 -5.01
C THR A 21 -8.34 12.25 -6.40
N GLU A 22 -8.38 13.58 -6.46
CA GLU A 22 -8.34 14.28 -7.73
C GLU A 22 -7.15 13.84 -8.58
N PHE A 23 -5.95 13.98 -8.02
CA PHE A 23 -4.74 13.60 -8.72
C PHE A 23 -4.82 12.14 -9.19
N PHE A 24 -5.32 11.27 -8.33
CA PHE A 24 -5.46 9.86 -8.67
C PHE A 24 -6.27 9.68 -9.94
N SER A 25 -7.49 10.23 -9.95
CA SER A 25 -8.36 10.12 -11.10
C SER A 25 -7.69 10.67 -12.36
N LYS A 26 -6.88 11.71 -12.18
CA LYS A 26 -6.17 12.34 -13.29
C LYS A 26 -5.26 11.32 -13.99
N HIS A 27 -4.66 10.42 -13.21
CA HIS A 27 -3.78 9.40 -13.76
C HIS A 27 -3.91 8.10 -12.98
N GLY A 28 -4.45 7.08 -13.63
CA GLY A 28 -4.63 5.79 -12.98
C GLY A 28 -6.01 5.62 -12.40
N THR A 29 -6.54 4.40 -12.48
CA THR A 29 -7.87 4.11 -11.95
C THR A 29 -7.79 3.18 -10.75
N VAL A 30 -8.22 3.68 -9.59
CA VAL A 30 -8.19 2.90 -8.36
C VAL A 30 -9.60 2.69 -7.82
N GLN A 31 -9.84 1.53 -7.22
CA GLN A 31 -11.15 1.20 -6.66
C GLN A 31 -11.37 1.94 -5.34
N ALA A 32 -10.50 1.67 -4.37
CA ALA A 32 -10.59 2.31 -3.06
C ALA A 32 -9.24 2.32 -2.35
N VAL A 33 -9.14 3.12 -1.29
CA VAL A 33 -7.90 3.22 -0.53
C VAL A 33 -8.19 3.37 0.96
N TRP A 34 -7.32 2.79 1.78
CA TRP A 34 -7.48 2.86 3.23
C TRP A 34 -6.16 2.59 3.94
N ARG A 35 -6.10 2.90 5.23
CA ARG A 35 -4.91 2.69 6.02
C ARG A 35 -5.23 2.61 7.50
N ARG A 36 -4.56 1.71 8.21
CA ARG A 36 -4.78 1.53 9.64
C ARG A 36 -3.49 1.11 10.34
N TYR A 37 -3.48 1.24 11.67
CA TYR A 37 -2.30 0.87 12.46
C TYR A 37 -2.71 0.35 13.83
N PHE A 38 -2.33 -0.89 14.11
CA PHE A 38 -2.66 -1.51 15.39
C PHE A 38 -1.67 -1.09 16.48
N ALA A 39 -2.18 -0.38 17.48
CA ALA A 39 -1.35 0.09 18.58
C ALA A 39 -1.06 -1.04 19.57
N GLY A 40 -1.98 -1.99 19.66
CA GLY A 40 -1.81 -3.11 20.57
C GLY A 40 -2.37 -2.82 21.94
N LYS A 41 -3.39 -3.58 22.34
CA LYS A 41 -4.02 -3.40 23.64
C LYS A 41 -4.29 -4.75 24.30
N LYS A 42 -3.25 -5.58 24.37
CA LYS A 42 -3.38 -6.90 24.98
C LYS A 42 -2.04 -7.35 25.58
N ASP A 43 -2.05 -8.50 26.24
CA ASP A 43 -0.84 -9.04 26.85
C ASP A 43 -0.19 -10.07 25.94
N ALA A 44 -0.40 -9.92 24.64
CA ALA A 44 0.17 -10.84 23.66
C ALA A 44 1.17 -10.13 22.75
N PRO A 45 2.05 -10.90 22.11
CA PRO A 45 3.08 -10.36 21.21
C PRO A 45 2.48 -9.80 19.93
N PRO A 46 3.31 -9.06 19.17
CA PRO A 46 2.87 -8.45 17.90
C PRO A 46 2.63 -9.49 16.81
N GLU A 47 1.36 -9.80 16.56
CA GLU A 47 1.00 -10.78 15.55
C GLU A 47 0.69 -10.09 14.22
N SER A 48 0.02 -8.95 14.29
CA SER A 48 -0.34 -8.20 13.09
C SER A 48 0.76 -7.22 12.71
N ARG A 49 0.63 -6.60 11.54
CA ARG A 49 1.61 -5.65 11.06
C ARG A 49 1.04 -4.23 11.05
N THR A 50 1.68 -3.34 11.80
CA THR A 50 1.24 -1.95 11.87
C THR A 50 2.29 -1.00 11.29
N LYS A 51 2.00 -0.46 10.12
CA LYS A 51 2.92 0.46 9.45
C LYS A 51 2.17 1.67 8.89
N PRO A 52 2.89 2.77 8.68
CA PRO A 52 2.31 4.01 8.15
C PRO A 52 1.92 3.88 6.68
N SER A 53 2.45 2.85 6.02
CA SER A 53 2.16 2.62 4.62
C SER A 53 0.66 2.57 4.37
N VAL A 54 0.26 2.95 3.16
CA VAL A 54 -1.16 2.95 2.80
C VAL A 54 -1.49 1.79 1.87
N PHE A 55 -2.71 1.29 1.96
CA PHE A 55 -3.15 0.17 1.13
C PHE A 55 -4.12 0.65 0.05
N VAL A 56 -3.83 0.31 -1.20
CA VAL A 56 -4.67 0.70 -2.32
C VAL A 56 -5.12 -0.52 -3.13
N VAL A 57 -6.37 -0.50 -3.57
CA VAL A 57 -6.92 -1.60 -4.35
C VAL A 57 -7.46 -1.10 -5.68
N PHE A 58 -6.88 -1.60 -6.77
CA PHE A 58 -7.30 -1.20 -8.11
C PHE A 58 -8.50 -2.04 -8.57
N ASN A 59 -9.40 -1.40 -9.31
CA ASN A 59 -10.59 -2.08 -9.81
C ASN A 59 -10.31 -2.76 -11.14
N SER A 60 -9.59 -2.06 -12.02
CA SER A 60 -9.25 -2.60 -13.33
C SER A 60 -8.09 -3.58 -13.24
N SER A 61 -8.27 -4.75 -13.85
CA SER A 61 -7.24 -5.78 -13.83
C SER A 61 -5.96 -5.30 -14.51
N GLU A 62 -6.11 -4.76 -15.71
CA GLU A 62 -4.98 -4.26 -16.47
C GLU A 62 -4.22 -3.19 -15.68
N GLU A 63 -4.95 -2.15 -15.28
CA GLU A 63 -4.34 -1.06 -14.52
C GLU A 63 -3.76 -1.57 -13.21
N ALA A 64 -4.38 -2.60 -12.65
CA ALA A 64 -3.92 -3.18 -11.39
C ALA A 64 -2.53 -3.78 -11.54
N GLU A 65 -2.34 -4.59 -12.58
CA GLU A 65 -1.07 -5.23 -12.84
C GLU A 65 -0.01 -4.20 -13.21
N ALA A 66 -0.40 -3.24 -14.05
CA ALA A 66 0.51 -2.19 -14.50
C ALA A 66 1.09 -1.43 -13.30
N PHE A 67 0.22 -1.00 -12.40
CA PHE A 67 0.65 -0.27 -11.21
C PHE A 67 1.46 -1.16 -10.29
N GLN A 68 1.04 -2.41 -10.15
CA GLN A 68 1.72 -3.36 -9.29
C GLN A 68 3.19 -3.50 -9.69
N LYS A 69 3.43 -3.62 -10.99
CA LYS A 69 4.79 -3.75 -11.50
C LYS A 69 5.65 -2.55 -11.10
N ALA A 70 5.34 -1.40 -11.66
CA ALA A 70 6.06 -0.17 -11.36
C ALA A 70 5.13 0.93 -10.88
N PRO A 71 5.70 1.93 -10.20
CA PRO A 71 4.93 3.06 -9.67
C PRO A 71 4.42 3.98 -10.78
N PRO A 72 3.50 4.89 -10.42
CA PRO A 72 2.91 5.84 -11.37
C PRO A 72 3.90 6.88 -11.84
N MET A 73 4.81 7.28 -10.95
CA MET A 73 5.82 8.28 -11.28
C MET A 73 5.18 9.61 -11.60
N TYR A 74 5.07 10.48 -10.59
CA TYR A 74 4.47 11.79 -10.77
C TYR A 74 5.48 12.90 -10.45
N ASP A 75 5.66 13.81 -11.41
CA ASP A 75 6.59 14.93 -11.23
C ASP A 75 6.29 15.68 -9.94
N ASP A 76 5.01 15.95 -9.69
CA ASP A 76 4.60 16.66 -8.48
C ASP A 76 5.19 16.01 -7.24
N VAL A 77 4.78 14.77 -6.98
CA VAL A 77 5.26 14.03 -5.82
C VAL A 77 5.74 12.64 -6.21
N GLN A 78 6.93 12.28 -5.77
CA GLN A 78 7.50 10.97 -6.07
C GLN A 78 6.69 9.86 -5.42
N LEU A 79 6.17 8.95 -6.24
CA LEU A 79 5.37 7.84 -5.75
C LEU A 79 6.20 6.56 -5.68
N THR A 80 6.05 5.82 -4.57
CA THR A 80 6.78 4.58 -4.39
C THR A 80 5.84 3.43 -4.03
N ALA A 81 5.56 2.58 -5.02
CA ALA A 81 4.68 1.44 -4.81
C ALA A 81 5.46 0.14 -4.81
N GLU A 82 5.09 -0.77 -3.90
CA GLU A 82 5.76 -2.06 -3.79
C GLU A 82 4.84 -3.19 -4.23
N MET A 83 5.41 -4.37 -4.44
CA MET A 83 4.64 -5.53 -4.85
C MET A 83 4.36 -6.46 -3.67
N LYS A 84 3.26 -7.20 -3.76
CA LYS A 84 2.88 -8.12 -2.69
C LYS A 84 3.94 -9.20 -2.51
N THR A 85 4.52 -9.64 -3.62
CA THR A 85 5.55 -10.68 -3.58
C THR A 85 6.74 -10.23 -2.76
N THR A 86 7.21 -9.01 -3.01
CA THR A 86 8.36 -8.46 -2.30
C THR A 86 8.12 -8.47 -0.79
N TYR A 87 6.96 -7.96 -0.38
CA TYR A 87 6.61 -7.92 1.04
C TYR A 87 6.59 -9.32 1.64
N LEU A 88 5.91 -10.24 0.96
CA LEU A 88 5.81 -11.61 1.42
C LEU A 88 7.19 -12.20 1.69
N GLU A 89 8.10 -11.98 0.76
CA GLU A 89 9.46 -12.49 0.89
C GLU A 89 10.18 -11.84 2.07
N ARG A 90 9.95 -10.54 2.24
CA ARG A 90 10.57 -9.79 3.33
C ARG A 90 10.21 -10.40 4.69
N LYS A 91 8.92 -10.49 4.97
CA LYS A 91 8.43 -11.05 6.23
C LYS A 91 8.88 -12.50 6.37
N ALA A 92 8.81 -13.25 5.28
CA ALA A 92 9.21 -14.65 5.29
C ALA A 92 10.64 -14.81 5.79
N GLU A 93 11.54 -13.97 5.28
CA GLU A 93 12.94 -14.02 5.67
C GLU A 93 13.12 -13.55 7.11
N GLU A 94 12.36 -12.53 7.48
CA GLU A 94 12.44 -11.97 8.83
C GLU A 94 12.18 -13.05 9.88
N ILE A 95 10.99 -13.64 9.83
CA ILE A 95 10.61 -14.68 10.77
C ILE A 95 11.60 -15.85 10.73
N ALA A 96 12.14 -16.11 9.54
CA ALA A 96 13.09 -17.19 9.37
C ALA A 96 14.32 -16.99 10.27
N ALA A 97 14.82 -15.77 10.31
CA ALA A 97 15.98 -15.45 11.14
C ALA A 97 15.65 -15.56 12.62
N LYS A 98 14.47 -15.07 12.99
CA LYS A 98 14.04 -15.11 14.39
C LYS A 98 13.91 -16.56 14.87
N LYS A 99 13.11 -17.35 14.17
CA LYS A 99 12.91 -18.75 14.53
C LYS A 99 14.06 -19.61 14.01
N THR A 1 -11.63 -18.01 -5.05
CA THR A 1 -11.55 -16.68 -4.44
C THR A 1 -10.25 -15.98 -4.83
N ASP A 2 -10.34 -14.70 -5.14
CA ASP A 2 -9.17 -13.92 -5.52
C ASP A 2 -9.10 -12.63 -4.72
N HIS A 3 -7.92 -12.31 -4.20
CA HIS A 3 -7.72 -11.10 -3.42
C HIS A 3 -6.53 -10.30 -3.94
N GLN A 4 -6.74 -9.02 -4.20
CA GLN A 4 -5.68 -8.15 -4.70
C GLN A 4 -5.50 -6.94 -3.80
N THR A 5 -4.25 -6.66 -3.43
CA THR A 5 -3.93 -5.53 -2.56
C THR A 5 -2.54 -4.99 -2.85
N VAL A 6 -2.45 -3.68 -3.08
CA VAL A 6 -1.18 -3.04 -3.37
C VAL A 6 -0.75 -2.12 -2.22
N TYR A 7 0.55 -2.03 -2.00
CA TYR A 7 1.08 -1.18 -0.94
C TYR A 7 1.84 0.01 -1.51
N VAL A 8 1.49 1.21 -1.04
CA VAL A 8 2.13 2.43 -1.50
C VAL A 8 2.66 3.26 -0.33
N LYS A 9 3.76 3.97 -0.56
CA LYS A 9 4.37 4.80 0.47
C LYS A 9 3.33 5.72 1.10
N PRO A 10 3.61 6.17 2.33
CA PRO A 10 2.71 7.07 3.08
C PRO A 10 2.68 8.47 2.47
N VAL A 11 1.68 9.25 2.88
CA VAL A 11 1.53 10.61 2.37
C VAL A 11 1.87 11.63 3.45
N PRO A 12 2.25 12.84 3.02
CA PRO A 12 2.62 13.93 3.93
C PRO A 12 1.41 14.48 4.68
N PRO A 13 1.67 15.29 5.71
CA PRO A 13 0.62 15.91 6.54
C PRO A 13 -0.16 16.97 5.78
N THR A 14 0.42 17.47 4.69
CA THR A 14 -0.23 18.48 3.87
C THR A 14 -1.20 17.85 2.87
N ALA A 15 -0.82 16.69 2.34
CA ALA A 15 -1.66 15.99 1.38
C ALA A 15 -3.04 15.69 1.96
N THR A 16 -4.05 16.36 1.42
CA THR A 16 -5.42 16.17 1.88
C THR A 16 -6.10 15.03 1.13
N LEU A 17 -7.30 14.67 1.57
CA LEU A 17 -8.06 13.60 0.94
C LEU A 17 -8.57 14.02 -0.43
N GLU A 18 -9.07 15.27 -0.51
CA GLU A 18 -9.59 15.79 -1.77
C GLU A 18 -8.49 15.90 -2.81
N GLN A 19 -7.32 16.36 -2.39
CA GLN A 19 -6.18 16.51 -3.28
C GLN A 19 -5.70 15.15 -3.79
N LEU A 20 -5.46 14.23 -2.86
CA LEU A 20 -5.00 12.89 -3.21
C LEU A 20 -5.96 12.23 -4.20
N THR A 21 -7.25 12.23 -3.86
CA THR A 21 -8.26 11.62 -4.71
C THR A 21 -8.27 12.25 -6.09
N GLU A 22 -8.28 13.58 -6.14
CA GLU A 22 -8.28 14.31 -7.40
C GLU A 22 -7.14 13.83 -8.30
N PHE A 23 -5.92 13.94 -7.79
CA PHE A 23 -4.74 13.52 -8.54
C PHE A 23 -4.89 12.09 -9.04
N PHE A 24 -5.39 11.22 -8.17
CA PHE A 24 -5.58 9.81 -8.51
C PHE A 24 -6.46 9.67 -9.75
N SER A 25 -7.62 10.31 -9.73
CA SER A 25 -8.55 10.25 -10.84
C SER A 25 -7.93 10.85 -12.10
N LYS A 26 -7.07 11.85 -11.92
CA LYS A 26 -6.41 12.52 -13.03
C LYS A 26 -5.51 11.54 -13.78
N HIS A 27 -4.88 10.63 -13.04
CA HIS A 27 -3.99 9.64 -13.64
C HIS A 27 -4.07 8.31 -12.89
N GLY A 28 -4.64 7.31 -13.54
CA GLY A 28 -4.77 6.00 -12.91
C GLY A 28 -6.16 5.76 -12.36
N THR A 29 -6.65 4.53 -12.51
CA THR A 29 -7.97 4.17 -12.02
C THR A 29 -7.88 3.22 -10.84
N VAL A 30 -8.32 3.69 -9.67
CA VAL A 30 -8.30 2.87 -8.46
C VAL A 30 -9.70 2.64 -7.93
N GLN A 31 -9.95 1.43 -7.41
CA GLN A 31 -11.25 1.08 -6.86
C GLN A 31 -11.49 1.79 -5.53
N ALA A 32 -10.59 1.55 -4.57
CA ALA A 32 -10.71 2.16 -3.25
C ALA A 32 -9.36 2.22 -2.56
N VAL A 33 -9.27 3.03 -1.50
CA VAL A 33 -8.04 3.17 -0.75
C VAL A 33 -8.31 3.36 0.74
N TRP A 34 -7.45 2.81 1.57
CA TRP A 34 -7.60 2.92 3.02
C TRP A 34 -6.28 2.61 3.73
N ARG A 35 -6.22 2.94 5.01
CA ARG A 35 -5.03 2.69 5.81
C ARG A 35 -5.36 2.64 7.30
N ARG A 36 -4.68 1.76 8.02
CA ARG A 36 -4.91 1.61 9.46
C ARG A 36 -3.62 1.18 10.16
N TYR A 37 -3.57 1.41 11.47
CA TYR A 37 -2.40 1.05 12.27
C TYR A 37 -2.82 0.60 13.67
N PHE A 38 -2.34 -0.57 14.07
CA PHE A 38 -2.65 -1.12 15.38
C PHE A 38 -1.75 -0.52 16.46
N ALA A 39 -2.35 0.09 17.48
CA ALA A 39 -1.60 0.71 18.56
C ALA A 39 -1.09 -0.35 19.53
N GLY A 40 -1.89 -1.39 19.75
CA GLY A 40 -1.49 -2.45 20.66
C GLY A 40 -1.85 -2.15 22.10
N LYS A 41 -2.78 -2.91 22.66
CA LYS A 41 -3.20 -2.71 24.04
C LYS A 41 -3.40 -4.05 24.74
N LYS A 42 -2.40 -4.92 24.65
CA LYS A 42 -2.46 -6.23 25.27
C LYS A 42 -1.09 -6.67 25.74
N ASP A 43 -1.03 -7.85 26.38
CA ASP A 43 0.23 -8.39 26.88
C ASP A 43 0.76 -9.47 25.94
N ALA A 44 0.40 -9.37 24.67
CA ALA A 44 0.85 -10.34 23.67
C ALA A 44 1.82 -9.71 22.69
N PRO A 45 2.59 -10.55 21.99
CA PRO A 45 3.58 -10.10 21.00
C PRO A 45 2.92 -9.53 19.75
N PRO A 46 3.72 -8.86 18.91
CA PRO A 46 3.23 -8.26 17.66
C PRO A 46 2.85 -9.30 16.63
N GLU A 47 1.55 -9.60 16.54
CA GLU A 47 1.06 -10.58 15.58
C GLU A 47 0.65 -9.91 14.28
N SER A 48 0.01 -8.76 14.38
CA SER A 48 -0.44 -8.02 13.21
C SER A 48 0.66 -7.08 12.71
N ARG A 49 0.44 -6.51 11.52
CA ARG A 49 1.41 -5.61 10.93
C ARG A 49 0.88 -4.17 10.92
N THR A 50 1.54 -3.30 11.68
CA THR A 50 1.14 -1.90 11.77
C THR A 50 2.19 -0.99 11.16
N LYS A 51 1.89 -0.44 9.99
CA LYS A 51 2.81 0.46 9.30
C LYS A 51 2.06 1.65 8.71
N PRO A 52 2.80 2.75 8.48
CA PRO A 52 2.23 3.98 7.91
C PRO A 52 1.83 3.80 6.45
N SER A 53 2.36 2.76 5.81
CA SER A 53 2.05 2.49 4.41
C SER A 53 0.55 2.46 4.17
N VAL A 54 0.14 2.81 2.96
CA VAL A 54 -1.27 2.82 2.60
C VAL A 54 -1.63 1.64 1.71
N PHE A 55 -2.87 1.18 1.81
CA PHE A 55 -3.33 0.05 1.01
C PHE A 55 -4.34 0.50 -0.04
N VAL A 56 -4.07 0.15 -1.29
CA VAL A 56 -4.96 0.52 -2.39
C VAL A 56 -5.37 -0.71 -3.20
N VAL A 57 -6.61 -0.72 -3.65
CA VAL A 57 -7.13 -1.84 -4.44
C VAL A 57 -7.59 -1.36 -5.82
N PHE A 58 -6.96 -1.88 -6.86
CA PHE A 58 -7.32 -1.51 -8.22
C PHE A 58 -8.52 -2.32 -8.72
N ASN A 59 -9.41 -1.66 -9.45
CA ASN A 59 -10.60 -2.32 -9.98
C ASN A 59 -10.28 -3.04 -11.29
N SER A 60 -9.48 -2.40 -12.13
CA SER A 60 -9.12 -2.97 -13.42
C SER A 60 -7.92 -3.91 -13.28
N SER A 61 -8.03 -5.10 -13.85
CA SER A 61 -6.97 -6.09 -13.78
C SER A 61 -5.71 -5.58 -14.47
N GLU A 62 -5.87 -5.07 -15.68
CA GLU A 62 -4.74 -4.54 -16.45
C GLU A 62 -4.01 -3.47 -15.65
N GLU A 63 -4.74 -2.43 -15.25
CA GLU A 63 -4.15 -1.34 -14.48
C GLU A 63 -3.56 -1.84 -13.17
N ALA A 64 -4.18 -2.86 -12.60
CA ALA A 64 -3.72 -3.44 -11.35
C ALA A 64 -2.31 -3.99 -11.49
N GLU A 65 -2.09 -4.81 -12.52
CA GLU A 65 -0.79 -5.41 -12.77
C GLU A 65 0.23 -4.34 -13.16
N ALA A 66 -0.21 -3.40 -13.99
CA ALA A 66 0.66 -2.33 -14.44
C ALA A 66 1.24 -1.55 -13.27
N PHE A 67 0.37 -1.14 -12.35
CA PHE A 67 0.78 -0.39 -11.18
C PHE A 67 1.62 -1.25 -10.23
N GLN A 68 1.22 -2.51 -10.09
CA GLN A 68 1.92 -3.44 -9.22
C GLN A 68 3.39 -3.54 -9.61
N LYS A 69 3.65 -3.69 -10.91
CA LYS A 69 5.01 -3.80 -11.41
C LYS A 69 5.83 -2.56 -11.04
N ALA A 70 5.48 -1.43 -11.64
CA ALA A 70 6.17 -0.18 -11.38
C ALA A 70 5.20 0.91 -10.94
N PRO A 71 5.73 1.95 -10.28
CA PRO A 71 4.92 3.08 -9.80
C PRO A 71 4.38 3.94 -10.95
N PRO A 72 3.44 4.84 -10.62
CA PRO A 72 2.82 5.73 -11.59
C PRO A 72 3.79 6.80 -12.09
N MET A 73 4.71 7.20 -11.22
CA MET A 73 5.70 8.21 -11.58
C MET A 73 5.02 9.54 -11.94
N TYR A 74 4.90 10.42 -10.96
CA TYR A 74 4.26 11.72 -11.18
C TYR A 74 5.24 12.86 -10.90
N ASP A 75 5.40 13.74 -11.88
CA ASP A 75 6.30 14.88 -11.75
C ASP A 75 6.00 15.66 -10.47
N ASP A 76 4.72 15.91 -10.22
CA ASP A 76 4.30 16.65 -9.04
C ASP A 76 4.91 16.04 -7.77
N VAL A 77 4.51 14.81 -7.46
CA VAL A 77 5.03 14.12 -6.28
C VAL A 77 5.52 12.71 -6.64
N GLN A 78 6.73 12.40 -6.20
CA GLN A 78 7.32 11.09 -6.47
C GLN A 78 6.52 9.98 -5.79
N LEU A 79 6.00 9.06 -6.59
CA LEU A 79 5.22 7.94 -6.07
C LEU A 79 6.07 6.68 -5.97
N THR A 80 5.97 5.99 -4.83
CA THR A 80 6.73 4.77 -4.60
C THR A 80 5.81 3.62 -4.21
N ALA A 81 5.56 2.72 -5.15
CA ALA A 81 4.70 1.57 -4.90
C ALA A 81 5.51 0.28 -4.84
N GLU A 82 5.10 -0.63 -3.97
CA GLU A 82 5.78 -1.91 -3.82
C GLU A 82 4.89 -3.07 -4.26
N MET A 83 5.49 -4.24 -4.41
CA MET A 83 4.75 -5.43 -4.82
C MET A 83 4.47 -6.34 -3.63
N LYS A 84 3.41 -7.13 -3.75
CA LYS A 84 3.03 -8.05 -2.68
C LYS A 84 4.10 -9.13 -2.49
N THR A 85 4.72 -9.55 -3.58
CA THR A 85 5.75 -10.57 -3.53
C THR A 85 6.92 -10.13 -2.66
N THR A 86 7.39 -8.90 -2.88
CA THR A 86 8.50 -8.35 -2.11
C THR A 86 8.22 -8.43 -0.62
N TYR A 87 7.12 -7.83 -0.18
CA TYR A 87 6.75 -7.85 1.23
C TYR A 87 6.69 -9.27 1.78
N LEU A 88 6.02 -10.14 1.04
CA LEU A 88 5.90 -11.54 1.45
C LEU A 88 7.27 -12.15 1.75
N GLU A 89 8.23 -11.89 0.87
CA GLU A 89 9.58 -12.41 1.03
C GLU A 89 10.23 -11.82 2.28
N ARG A 90 10.05 -10.52 2.48
CA ARG A 90 10.63 -9.84 3.63
C ARG A 90 10.21 -10.51 4.93
N LYS A 91 8.89 -10.59 5.15
CA LYS A 91 8.36 -11.20 6.35
C LYS A 91 8.79 -12.66 6.46
N ALA A 92 8.79 -13.36 5.33
CA ALA A 92 9.19 -14.76 5.29
C ALA A 92 10.57 -14.95 5.89
N GLU A 93 11.51 -14.09 5.49
CA GLU A 93 12.88 -14.17 5.99
C GLU A 93 12.95 -13.73 7.44
N GLU A 94 12.15 -12.73 7.80
CA GLU A 94 12.12 -12.21 9.15
C GLU A 94 11.77 -13.31 10.16
N ILE A 95 10.56 -13.85 10.03
CA ILE A 95 10.10 -14.90 10.91
C ILE A 95 10.99 -16.14 10.81
N ALA A 96 11.53 -16.38 9.62
CA ALA A 96 12.41 -17.52 9.39
C ALA A 96 13.61 -17.48 10.32
N ALA A 97 14.23 -16.31 10.43
CA ALA A 97 15.39 -16.14 11.29
C ALA A 97 15.02 -16.27 12.76
N LYS A 98 13.87 -15.71 13.12
CA LYS A 98 13.39 -15.76 14.50
C LYS A 98 13.17 -17.20 14.95
N LYS A 99 12.37 -17.93 14.20
CA LYS A 99 12.08 -19.33 14.52
C LYS A 99 13.22 -20.23 14.05
N THR A 1 -12.52 -17.47 -4.29
CA THR A 1 -12.43 -16.06 -3.92
C THR A 1 -11.07 -15.47 -4.28
N ASP A 2 -11.07 -14.22 -4.72
CA ASP A 2 -9.83 -13.56 -5.10
C ASP A 2 -9.74 -12.18 -4.46
N HIS A 3 -8.59 -11.88 -3.85
CA HIS A 3 -8.37 -10.61 -3.20
C HIS A 3 -7.06 -9.97 -3.65
N GLN A 4 -7.12 -8.70 -4.03
CA GLN A 4 -5.95 -7.98 -4.49
C GLN A 4 -5.74 -6.70 -3.69
N THR A 5 -4.52 -6.50 -3.20
CA THR A 5 -4.18 -5.32 -2.42
C THR A 5 -2.75 -4.88 -2.67
N VAL A 6 -2.58 -3.59 -2.97
CA VAL A 6 -1.26 -3.04 -3.24
C VAL A 6 -0.80 -2.13 -2.09
N TYR A 7 0.51 -2.11 -1.86
CA TYR A 7 1.08 -1.30 -0.80
C TYR A 7 1.88 -0.12 -1.37
N VAL A 8 1.55 1.09 -0.92
CA VAL A 8 2.24 2.29 -1.38
C VAL A 8 2.71 3.13 -0.20
N LYS A 9 3.83 3.82 -0.40
CA LYS A 9 4.39 4.68 0.64
C LYS A 9 3.34 5.63 1.19
N PRO A 10 3.55 6.11 2.42
CA PRO A 10 2.64 7.04 3.09
C PRO A 10 2.64 8.42 2.44
N VAL A 11 1.68 9.26 2.83
CA VAL A 11 1.58 10.61 2.29
C VAL A 11 1.97 11.64 3.34
N PRO A 12 2.40 12.83 2.86
CA PRO A 12 2.81 13.93 3.75
C PRO A 12 1.63 14.54 4.49
N PRO A 13 1.93 15.38 5.49
CA PRO A 13 0.91 16.05 6.30
C PRO A 13 0.16 17.12 5.51
N THR A 14 0.74 17.55 4.40
CA THR A 14 0.12 18.57 3.55
C THR A 14 -0.90 17.95 2.61
N ALA A 15 -0.52 16.85 1.97
CA ALA A 15 -1.41 16.16 1.04
C ALA A 15 -2.70 15.75 1.73
N THR A 16 -3.80 16.41 1.35
CA THR A 16 -5.10 16.11 1.94
C THR A 16 -5.77 14.94 1.21
N LEU A 17 -6.94 14.55 1.70
CA LEU A 17 -7.68 13.45 1.10
C LEU A 17 -8.27 13.86 -0.25
N GLU A 18 -8.85 15.05 -0.30
CA GLU A 18 -9.44 15.57 -1.53
C GLU A 18 -8.39 15.70 -2.63
N GLN A 19 -7.20 16.16 -2.26
CA GLN A 19 -6.12 16.33 -3.21
C GLN A 19 -5.63 14.98 -3.74
N LEU A 20 -5.43 14.04 -2.83
CA LEU A 20 -4.97 12.70 -3.21
C LEU A 20 -5.95 12.04 -4.18
N THR A 21 -7.22 11.99 -3.79
CA THR A 21 -8.25 11.39 -4.61
C THR A 21 -8.33 12.07 -5.98
N GLU A 22 -8.32 13.40 -5.97
CA GLU A 22 -8.40 14.17 -7.20
C GLU A 22 -7.30 13.74 -8.17
N PHE A 23 -6.06 13.81 -7.73
CA PHE A 23 -4.93 13.43 -8.57
C PHE A 23 -5.08 12.00 -9.07
N PHE A 24 -5.49 11.10 -8.18
CA PHE A 24 -5.68 9.70 -8.54
C PHE A 24 -6.61 9.56 -9.74
N SER A 25 -7.78 10.19 -9.65
CA SER A 25 -8.76 10.14 -10.73
C SER A 25 -8.18 10.73 -12.02
N LYS A 26 -7.41 11.80 -11.87
CA LYS A 26 -6.79 12.46 -13.01
C LYS A 26 -5.89 11.50 -13.78
N HIS A 27 -5.22 10.61 -13.05
CA HIS A 27 -4.33 9.64 -13.66
C HIS A 27 -4.44 8.29 -12.97
N GLY A 28 -5.00 7.32 -13.68
CA GLY A 28 -5.16 5.98 -13.11
C GLY A 28 -6.53 5.78 -12.51
N THR A 29 -7.07 4.56 -12.65
CA THR A 29 -8.39 4.24 -12.12
C THR A 29 -8.28 3.25 -10.97
N VAL A 30 -8.63 3.69 -9.76
CA VAL A 30 -8.59 2.85 -8.59
C VAL A 30 -9.98 2.59 -8.03
N GLN A 31 -10.18 1.41 -7.47
CA GLN A 31 -11.46 1.03 -6.90
C GLN A 31 -11.70 1.73 -5.56
N ALA A 32 -10.78 1.52 -4.62
CA ALA A 32 -10.89 2.13 -3.30
C ALA A 32 -9.53 2.19 -2.61
N VAL A 33 -9.42 3.03 -1.58
CA VAL A 33 -8.18 3.17 -0.84
C VAL A 33 -8.45 3.36 0.65
N TRP A 34 -7.55 2.83 1.48
CA TRP A 34 -7.70 2.94 2.93
C TRP A 34 -6.38 2.64 3.62
N ARG A 35 -6.34 2.87 4.93
CA ARG A 35 -5.13 2.62 5.71
C ARG A 35 -5.46 2.52 7.19
N ARG A 36 -4.77 1.62 7.90
CA ARG A 36 -5.00 1.42 9.32
C ARG A 36 -3.68 1.10 10.04
N TYR A 37 -3.67 1.28 11.35
CA TYR A 37 -2.48 1.01 12.15
C TYR A 37 -2.86 0.49 13.53
N PHE A 38 -2.41 -0.72 13.85
CA PHE A 38 -2.71 -1.34 15.13
C PHE A 38 -1.71 -0.87 16.19
N ALA A 39 -2.23 -0.31 17.28
CA ALA A 39 -1.39 0.18 18.36
C ALA A 39 -0.98 -0.96 19.29
N GLY A 40 -1.90 -1.90 19.50
CA GLY A 40 -1.62 -3.03 20.37
C GLY A 40 -1.87 -2.72 21.83
N LYS A 41 -2.86 -3.39 22.41
CA LYS A 41 -3.21 -3.18 23.81
C LYS A 41 -3.50 -4.51 24.50
N LYS A 42 -2.52 -5.42 24.45
CA LYS A 42 -2.67 -6.73 25.08
C LYS A 42 -1.31 -7.28 25.51
N ASP A 43 -1.33 -8.44 26.16
CA ASP A 43 -0.10 -9.07 26.62
C ASP A 43 0.35 -10.17 25.66
N ALA A 44 0.01 -10.00 24.38
CA ALA A 44 0.38 -10.97 23.37
C ALA A 44 1.34 -10.38 22.35
N PRO A 45 2.06 -11.25 21.63
CA PRO A 45 3.02 -10.82 20.61
C PRO A 45 2.35 -10.21 19.39
N PRO A 46 3.16 -9.56 18.53
CA PRO A 46 2.67 -8.92 17.31
C PRO A 46 2.20 -9.93 16.27
N GLU A 47 0.88 -10.06 16.13
CA GLU A 47 0.32 -10.99 15.16
C GLU A 47 -0.05 -10.28 13.86
N SER A 48 -0.63 -9.09 13.99
CA SER A 48 -1.03 -8.31 12.83
C SER A 48 0.10 -7.39 12.38
N ARG A 49 -0.07 -6.79 11.21
CA ARG A 49 0.94 -5.88 10.66
C ARG A 49 0.46 -4.43 10.73
N THR A 50 1.18 -3.63 11.51
CA THR A 50 0.85 -2.22 11.68
C THR A 50 1.94 -1.32 11.11
N LYS A 51 1.66 -0.69 9.98
CA LYS A 51 2.61 0.20 9.33
C LYS A 51 1.92 1.44 8.78
N PRO A 52 2.70 2.52 8.60
CA PRO A 52 2.17 3.79 8.08
C PRO A 52 1.78 3.69 6.61
N SER A 53 2.33 2.70 5.91
CA SER A 53 2.04 2.50 4.50
C SER A 53 0.53 2.44 4.26
N VAL A 54 0.12 2.85 3.06
CA VAL A 54 -1.29 2.85 2.69
C VAL A 54 -1.62 1.70 1.77
N PHE A 55 -2.88 1.26 1.79
CA PHE A 55 -3.32 0.16 0.96
C PHE A 55 -4.30 0.65 -0.12
N VAL A 56 -4.02 0.28 -1.35
CA VAL A 56 -4.87 0.68 -2.47
C VAL A 56 -5.30 -0.54 -3.30
N VAL A 57 -6.58 -0.58 -3.66
CA VAL A 57 -7.11 -1.67 -4.45
C VAL A 57 -7.64 -1.18 -5.79
N PHE A 58 -6.99 -1.62 -6.87
CA PHE A 58 -7.39 -1.23 -8.22
C PHE A 58 -8.59 -2.05 -8.69
N ASN A 59 -9.47 -1.42 -9.46
CA ASN A 59 -10.65 -2.09 -9.98
C ASN A 59 -10.33 -2.79 -11.31
N SER A 60 -9.59 -2.11 -12.16
CA SER A 60 -9.22 -2.66 -13.47
C SER A 60 -8.07 -3.65 -13.33
N SER A 61 -8.24 -4.83 -13.91
CA SER A 61 -7.21 -5.87 -13.86
C SER A 61 -5.93 -5.39 -14.52
N GLU A 62 -6.05 -4.86 -15.74
CA GLU A 62 -4.90 -4.37 -16.49
C GLU A 62 -4.15 -3.31 -15.69
N GLU A 63 -4.87 -2.26 -15.30
CA GLU A 63 -4.28 -1.16 -14.54
C GLU A 63 -3.74 -1.67 -13.20
N ALA A 64 -4.37 -2.71 -12.67
CA ALA A 64 -3.95 -3.29 -11.39
C ALA A 64 -2.56 -3.90 -11.50
N GLU A 65 -2.37 -4.74 -12.51
CA GLU A 65 -1.08 -5.40 -12.72
C GLU A 65 0.00 -4.38 -13.09
N ALA A 66 -0.37 -3.42 -13.93
CA ALA A 66 0.57 -2.38 -14.36
C ALA A 66 1.09 -1.59 -13.17
N PHE A 67 0.19 -1.07 -12.35
CA PHE A 67 0.56 -0.29 -11.19
C PHE A 67 1.35 -1.15 -10.20
N GLN A 68 0.93 -2.39 -10.04
CA GLN A 68 1.59 -3.32 -9.13
C GLN A 68 3.06 -3.50 -9.50
N LYS A 69 3.32 -3.64 -10.79
CA LYS A 69 4.67 -3.83 -11.29
C LYS A 69 5.56 -2.64 -10.90
N ALA A 70 5.27 -1.49 -11.50
CA ALA A 70 6.04 -0.28 -11.21
C ALA A 70 5.12 0.85 -10.76
N PRO A 71 5.71 1.86 -10.09
CA PRO A 71 4.96 3.02 -9.58
C PRO A 71 4.47 3.92 -10.71
N PRO A 72 3.58 4.86 -10.36
CA PRO A 72 3.02 5.80 -11.33
C PRO A 72 4.04 6.83 -11.81
N MET A 73 4.96 7.19 -10.93
CA MET A 73 6.01 8.15 -11.28
C MET A 73 5.40 9.51 -11.61
N TYR A 74 5.32 10.38 -10.62
CA TYR A 74 4.76 11.72 -10.81
C TYR A 74 5.80 12.79 -10.51
N ASP A 75 5.99 13.69 -11.47
CA ASP A 75 6.96 14.78 -11.30
C ASP A 75 6.68 15.56 -10.03
N ASP A 76 5.41 15.88 -9.78
CA ASP A 76 5.02 16.62 -8.61
C ASP A 76 5.57 15.97 -7.34
N VAL A 77 5.12 14.75 -7.08
CA VAL A 77 5.57 14.01 -5.90
C VAL A 77 6.02 12.60 -6.28
N GLN A 78 7.21 12.22 -5.83
CA GLN A 78 7.76 10.89 -6.10
C GLN A 78 6.91 9.81 -5.45
N LEU A 79 6.39 8.90 -6.26
CA LEU A 79 5.56 7.81 -5.76
C LEU A 79 6.36 6.51 -5.67
N THR A 80 6.21 5.80 -4.57
CA THR A 80 6.92 4.54 -4.36
C THR A 80 5.96 3.43 -3.98
N ALA A 81 5.66 2.56 -4.94
CA ALA A 81 4.75 1.43 -4.70
C ALA A 81 5.50 0.11 -4.68
N GLU A 82 5.06 -0.81 -3.83
CA GLU A 82 5.69 -2.11 -3.72
C GLU A 82 4.76 -3.21 -4.20
N MET A 83 5.31 -4.40 -4.42
CA MET A 83 4.53 -5.54 -4.88
C MET A 83 4.20 -6.48 -3.72
N LYS A 84 3.08 -7.20 -3.85
CA LYS A 84 2.66 -8.13 -2.82
C LYS A 84 3.71 -9.22 -2.59
N THR A 85 4.31 -9.70 -3.68
CA THR A 85 5.33 -10.73 -3.60
C THR A 85 6.54 -10.24 -2.83
N THR A 86 7.03 -9.05 -3.19
CA THR A 86 8.19 -8.46 -2.53
C THR A 86 7.99 -8.39 -1.02
N TYR A 87 6.90 -7.76 -0.60
CA TYR A 87 6.60 -7.63 0.81
C TYR A 87 6.51 -8.99 1.49
N LEU A 88 5.79 -9.91 0.87
CA LEU A 88 5.63 -11.26 1.40
C LEU A 88 6.99 -11.88 1.72
N GLU A 89 7.92 -11.76 0.78
CA GLU A 89 9.27 -12.31 0.97
C GLU A 89 9.99 -11.59 2.10
N ARG A 90 9.81 -10.27 2.17
CA ARG A 90 10.45 -9.47 3.20
C ARG A 90 10.07 -9.96 4.59
N LYS A 91 8.77 -9.95 4.88
CA LYS A 91 8.26 -10.39 6.17
C LYS A 91 8.64 -11.85 6.44
N ALA A 92 8.55 -12.68 5.41
CA ALA A 92 8.89 -14.09 5.52
C ALA A 92 10.31 -14.28 6.04
N GLU A 93 11.24 -13.50 5.50
CA GLU A 93 12.64 -13.58 5.90
C GLU A 93 12.83 -12.99 7.30
N GLU A 94 12.07 -11.94 7.60
CA GLU A 94 12.16 -11.28 8.90
C GLU A 94 11.82 -12.26 10.02
N ILE A 95 10.61 -12.81 9.96
CA ILE A 95 10.16 -13.76 10.98
C ILE A 95 11.07 -14.98 11.04
N ALA A 96 11.60 -15.37 9.88
CA ALA A 96 12.50 -16.52 9.79
C ALA A 96 13.74 -16.30 10.64
N ALA A 97 14.26 -15.09 10.63
CA ALA A 97 15.45 -14.76 11.40
C ALA A 97 15.22 -14.93 12.89
N LYS A 98 14.02 -14.55 13.34
CA LYS A 98 13.67 -14.67 14.75
C LYS A 98 13.63 -16.13 15.18
N LYS A 99 12.89 -16.95 14.44
CA LYS A 99 12.77 -18.37 14.74
C LYS A 99 13.90 -19.16 14.08
N THR A 1 -12.37 -17.61 -4.75
CA THR A 1 -12.24 -16.28 -4.16
C THR A 1 -10.82 -15.76 -4.30
N ASP A 2 -10.69 -14.51 -4.75
CA ASP A 2 -9.38 -13.89 -4.92
C ASP A 2 -9.38 -12.47 -4.37
N HIS A 3 -8.31 -12.13 -3.65
CA HIS A 3 -8.18 -10.80 -3.06
C HIS A 3 -6.90 -10.12 -3.54
N GLN A 4 -7.02 -8.86 -3.95
CA GLN A 4 -5.88 -8.10 -4.43
C GLN A 4 -5.68 -6.83 -3.61
N THR A 5 -4.44 -6.57 -3.20
CA THR A 5 -4.13 -5.40 -2.40
C THR A 5 -2.72 -4.89 -2.69
N VAL A 6 -2.59 -3.59 -2.92
CA VAL A 6 -1.30 -2.99 -3.21
C VAL A 6 -0.85 -2.07 -2.08
N TYR A 7 0.45 -1.97 -1.89
CA TYR A 7 1.01 -1.14 -0.84
C TYR A 7 1.76 0.05 -1.43
N VAL A 8 1.44 1.25 -0.96
CA VAL A 8 2.08 2.47 -1.44
C VAL A 8 2.62 3.30 -0.28
N LYS A 9 3.71 4.02 -0.53
CA LYS A 9 4.33 4.86 0.50
C LYS A 9 3.29 5.79 1.13
N PRO A 10 3.58 6.25 2.35
CA PRO A 10 2.68 7.16 3.08
C PRO A 10 2.64 8.55 2.46
N VAL A 11 1.65 9.33 2.88
CA VAL A 11 1.49 10.70 2.37
C VAL A 11 1.85 11.73 3.42
N PRO A 12 2.23 12.93 2.97
CA PRO A 12 2.61 14.03 3.86
C PRO A 12 1.42 14.59 4.63
N PRO A 13 1.71 15.42 5.65
CA PRO A 13 0.67 16.03 6.48
C PRO A 13 -0.13 17.10 5.72
N THR A 14 0.45 17.58 4.62
CA THR A 14 -0.21 18.59 3.81
C THR A 14 -1.18 17.95 2.81
N ALA A 15 -0.81 16.79 2.29
CA ALA A 15 -1.64 16.08 1.33
C ALA A 15 -3.02 15.79 1.91
N THR A 16 -4.04 16.43 1.34
CA THR A 16 -5.41 16.25 1.79
C THR A 16 -6.09 15.10 1.05
N LEU A 17 -7.28 14.74 1.51
CA LEU A 17 -8.04 13.66 0.89
C LEU A 17 -8.55 14.06 -0.48
N GLU A 18 -9.04 15.29 -0.59
CA GLU A 18 -9.55 15.80 -1.86
C GLU A 18 -8.44 15.93 -2.89
N GLN A 19 -7.28 16.41 -2.44
CA GLN A 19 -6.13 16.58 -3.32
C GLN A 19 -5.62 15.24 -3.83
N LEU A 20 -5.42 14.31 -2.91
CA LEU A 20 -4.93 12.97 -3.26
C LEU A 20 -5.88 12.30 -4.25
N THR A 21 -7.16 12.22 -3.90
CA THR A 21 -8.16 11.59 -4.76
C THR A 21 -8.17 12.24 -6.14
N GLU A 22 -8.20 13.58 -6.16
CA GLU A 22 -8.21 14.31 -7.42
C GLU A 22 -7.05 13.88 -8.32
N PHE A 23 -5.84 13.91 -7.77
CA PHE A 23 -4.66 13.52 -8.53
C PHE A 23 -4.79 12.10 -9.07
N PHE A 24 -5.25 11.20 -8.21
CA PHE A 24 -5.42 9.79 -8.59
C PHE A 24 -6.30 9.68 -9.84
N SER A 25 -7.47 10.30 -9.79
CA SER A 25 -8.40 10.26 -10.92
C SER A 25 -7.75 10.82 -12.18
N LYS A 26 -6.88 11.81 -11.99
CA LYS A 26 -6.19 12.43 -13.11
C LYS A 26 -5.31 11.43 -13.85
N HIS A 27 -4.71 10.50 -13.09
CA HIS A 27 -3.86 9.48 -13.67
C HIS A 27 -3.98 8.17 -12.90
N GLY A 28 -4.56 7.16 -13.54
CA GLY A 28 -4.73 5.87 -12.90
C GLY A 28 -6.13 5.69 -12.33
N THR A 29 -6.66 4.47 -12.48
CA THR A 29 -7.99 4.17 -11.98
C THR A 29 -7.93 3.22 -10.79
N VAL A 30 -8.35 3.72 -9.63
CA VAL A 30 -8.35 2.92 -8.40
C VAL A 30 -9.76 2.71 -7.88
N GLN A 31 -9.99 1.56 -7.26
CA GLN A 31 -11.31 1.23 -6.72
C GLN A 31 -11.54 1.95 -5.39
N ALA A 32 -10.62 1.74 -4.44
CA ALA A 32 -10.72 2.36 -3.13
C ALA A 32 -9.37 2.41 -2.43
N VAL A 33 -9.28 3.20 -1.38
CA VAL A 33 -8.03 3.34 -0.62
C VAL A 33 -8.31 3.56 0.86
N TRP A 34 -7.44 3.00 1.71
CA TRP A 34 -7.60 3.13 3.15
C TRP A 34 -6.30 2.79 3.86
N ARG A 35 -6.23 3.11 5.15
CA ARG A 35 -5.04 2.85 5.94
C ARG A 35 -5.39 2.76 7.43
N ARG A 36 -4.73 1.83 8.13
CA ARG A 36 -4.98 1.64 9.55
C ARG A 36 -3.68 1.33 10.29
N TYR A 37 -3.70 1.47 11.61
CA TYR A 37 -2.53 1.21 12.43
C TYR A 37 -2.92 0.67 13.80
N PHE A 38 -2.43 -0.51 14.13
CA PHE A 38 -2.73 -1.14 15.41
C PHE A 38 -1.76 -0.67 16.49
N ALA A 39 -2.30 -0.07 17.55
CA ALA A 39 -1.49 0.43 18.65
C ALA A 39 -1.09 -0.70 19.59
N GLY A 40 -1.93 -1.73 19.67
CA GLY A 40 -1.65 -2.86 20.53
C GLY A 40 -2.02 -2.60 21.99
N LYS A 41 -3.01 -3.34 22.47
CA LYS A 41 -3.47 -3.19 23.85
C LYS A 41 -3.84 -4.53 24.45
N LYS A 42 -2.91 -5.48 24.40
CA LYS A 42 -3.14 -6.81 24.95
C LYS A 42 -1.84 -7.41 25.48
N ASP A 43 -1.94 -8.59 26.08
CA ASP A 43 -0.78 -9.28 26.64
C ASP A 43 -0.27 -10.32 25.66
N ALA A 44 -0.50 -10.10 24.37
CA ALA A 44 -0.05 -11.02 23.34
C ALA A 44 1.00 -10.37 22.43
N PRO A 45 1.77 -11.22 21.72
CA PRO A 45 2.82 -10.75 20.81
C PRO A 45 2.23 -10.07 19.57
N PRO A 46 3.11 -9.39 18.80
CA PRO A 46 2.71 -8.68 17.58
C PRO A 46 2.32 -9.65 16.46
N GLU A 47 1.03 -9.81 16.24
CA GLU A 47 0.53 -10.70 15.20
C GLU A 47 0.23 -9.92 13.92
N SER A 48 -0.39 -8.75 14.07
CA SER A 48 -0.74 -7.92 12.93
C SER A 48 0.42 -7.00 12.56
N ARG A 49 0.32 -6.40 11.38
CA ARG A 49 1.36 -5.49 10.90
C ARG A 49 0.89 -4.05 10.95
N THR A 50 1.62 -3.21 11.68
CA THR A 50 1.28 -1.79 11.80
C THR A 50 2.34 -0.91 11.15
N LYS A 51 2.00 -0.37 9.98
CA LYS A 51 2.93 0.51 9.26
C LYS A 51 2.20 1.71 8.69
N PRO A 52 2.95 2.80 8.43
CA PRO A 52 2.40 4.03 7.88
C PRO A 52 1.94 3.88 6.43
N SER A 53 2.44 2.84 5.76
CA SER A 53 2.08 2.58 4.38
C SER A 53 0.57 2.53 4.21
N VAL A 54 0.10 2.91 3.02
CA VAL A 54 -1.32 2.91 2.72
C VAL A 54 -1.70 1.76 1.80
N PHE A 55 -2.92 1.26 1.93
CA PHE A 55 -3.40 0.16 1.11
C PHE A 55 -4.37 0.65 0.04
N VAL A 56 -4.15 0.23 -1.20
CA VAL A 56 -5.01 0.63 -2.31
C VAL A 56 -5.45 -0.57 -3.13
N VAL A 57 -6.71 -0.57 -3.56
CA VAL A 57 -7.25 -1.66 -4.35
C VAL A 57 -7.71 -1.17 -5.72
N PHE A 58 -7.07 -1.68 -6.77
CA PHE A 58 -7.41 -1.29 -8.13
C PHE A 58 -8.61 -2.08 -8.63
N ASN A 59 -9.46 -1.42 -9.41
CA ASN A 59 -10.65 -2.06 -9.96
C ASN A 59 -10.34 -2.75 -11.28
N SER A 60 -9.61 -2.06 -12.15
CA SER A 60 -9.24 -2.60 -13.45
C SER A 60 -8.09 -3.59 -13.32
N SER A 61 -8.23 -4.75 -13.93
CA SER A 61 -7.20 -5.78 -13.89
C SER A 61 -5.91 -5.30 -14.55
N GLU A 62 -6.05 -4.75 -15.75
CA GLU A 62 -4.89 -4.24 -16.48
C GLU A 62 -4.14 -3.20 -15.67
N GLU A 63 -4.85 -2.16 -15.24
CA GLU A 63 -4.25 -1.09 -14.44
C GLU A 63 -3.69 -1.64 -13.13
N ALA A 64 -4.38 -2.63 -12.58
CA ALA A 64 -3.96 -3.24 -11.32
C ALA A 64 -2.57 -3.85 -11.44
N GLU A 65 -2.36 -4.63 -12.50
CA GLU A 65 -1.07 -5.27 -12.73
C GLU A 65 -0.01 -4.25 -13.09
N ALA A 66 -0.37 -3.29 -13.94
CA ALA A 66 0.55 -2.24 -14.36
C ALA A 66 1.15 -1.53 -13.16
N PHE A 67 0.30 -1.14 -12.22
CA PHE A 67 0.75 -0.45 -11.02
C PHE A 67 1.50 -1.38 -10.09
N GLN A 68 1.00 -2.61 -9.96
CA GLN A 68 1.63 -3.60 -9.11
C GLN A 68 3.10 -3.76 -9.45
N LYS A 69 3.39 -3.95 -10.72
CA LYS A 69 4.77 -4.10 -11.19
C LYS A 69 5.61 -2.89 -10.83
N ALA A 70 5.32 -1.76 -11.46
CA ALA A 70 6.05 -0.52 -11.21
C ALA A 70 5.09 0.60 -10.81
N PRO A 71 5.64 1.64 -10.17
CA PRO A 71 4.86 2.80 -9.73
C PRO A 71 4.38 3.65 -10.90
N PRO A 72 3.45 4.58 -10.61
CA PRO A 72 2.88 5.48 -11.63
C PRO A 72 3.89 6.50 -12.12
N MET A 73 4.78 6.93 -11.23
CA MET A 73 5.80 7.91 -11.58
C MET A 73 5.16 9.24 -12.01
N TYR A 74 5.03 10.15 -11.06
CA TYR A 74 4.44 11.46 -11.33
C TYR A 74 5.42 12.58 -11.04
N ASP A 75 5.64 13.44 -12.02
CA ASP A 75 6.56 14.56 -11.87
C ASP A 75 6.21 15.39 -10.65
N ASP A 76 4.93 15.67 -10.47
CA ASP A 76 4.47 16.45 -9.33
C ASP A 76 5.00 15.87 -8.02
N VAL A 77 4.59 14.64 -7.72
CA VAL A 77 5.03 13.97 -6.49
C VAL A 77 5.53 12.56 -6.79
N GLN A 78 6.72 12.25 -6.30
CA GLN A 78 7.32 10.92 -6.51
C GLN A 78 6.49 9.84 -5.83
N LEU A 79 6.02 8.89 -6.61
CA LEU A 79 5.22 7.79 -6.08
C LEU A 79 6.05 6.53 -5.93
N THR A 80 5.89 5.84 -4.80
CA THR A 80 6.63 4.62 -4.53
C THR A 80 5.68 3.48 -4.15
N ALA A 81 5.44 2.58 -5.10
CA ALA A 81 4.56 1.44 -4.86
C ALA A 81 5.35 0.14 -4.84
N GLU A 82 4.93 -0.79 -3.98
CA GLU A 82 5.59 -2.08 -3.86
C GLU A 82 4.67 -3.21 -4.28
N MET A 83 5.24 -4.40 -4.46
CA MET A 83 4.45 -5.56 -4.86
C MET A 83 4.21 -6.50 -3.67
N LYS A 84 3.12 -7.24 -3.72
CA LYS A 84 2.78 -8.17 -2.65
C LYS A 84 3.88 -9.21 -2.46
N THR A 85 4.48 -9.64 -3.57
CA THR A 85 5.55 -10.63 -3.52
C THR A 85 6.73 -10.13 -2.70
N THR A 86 7.14 -8.88 -2.96
CA THR A 86 8.26 -8.28 -2.24
C THR A 86 8.04 -8.35 -0.74
N TYR A 87 6.93 -7.79 -0.28
CA TYR A 87 6.61 -7.78 1.15
C TYR A 87 6.59 -9.20 1.71
N LEU A 88 5.94 -10.10 0.98
CA LEU A 88 5.85 -11.50 1.41
C LEU A 88 7.23 -12.07 1.71
N GLU A 89 8.17 -11.80 0.82
CA GLU A 89 9.54 -12.29 0.99
C GLU A 89 10.21 -11.62 2.18
N ARG A 90 9.95 -10.33 2.35
CA ARG A 90 10.54 -9.57 3.45
C ARG A 90 10.15 -10.19 4.80
N LYS A 91 8.86 -10.31 5.05
CA LYS A 91 8.36 -10.87 6.29
C LYS A 91 8.80 -12.33 6.43
N ALA A 92 8.73 -13.07 5.33
CA ALA A 92 9.13 -14.48 5.34
C ALA A 92 10.54 -14.65 5.87
N GLU A 93 11.45 -13.78 5.43
CA GLU A 93 12.84 -13.84 5.85
C GLU A 93 12.98 -13.35 7.30
N GLU A 94 12.22 -12.32 7.65
CA GLU A 94 12.27 -11.75 8.99
C GLU A 94 11.95 -12.83 10.04
N ILE A 95 10.75 -13.40 9.94
CA ILE A 95 10.33 -14.44 10.87
C ILE A 95 11.24 -15.66 10.79
N ALA A 96 11.75 -15.93 9.59
CA ALA A 96 12.63 -17.06 9.38
C ALA A 96 13.92 -16.91 10.18
N ALA A 97 14.44 -15.70 10.24
CA ALA A 97 15.67 -15.42 10.97
C ALA A 97 15.48 -15.65 12.47
N LYS A 98 14.38 -15.12 13.01
CA LYS A 98 14.09 -15.27 14.43
C LYS A 98 13.91 -16.73 14.80
N LYS A 99 13.06 -17.43 14.05
CA LYS A 99 12.80 -18.84 14.30
C LYS A 99 13.83 -19.71 13.58
N THR A 1 -12.01 -17.44 -5.05
CA THR A 1 -11.91 -16.08 -4.54
C THR A 1 -10.54 -15.47 -4.84
N ASP A 2 -10.54 -14.21 -5.22
CA ASP A 2 -9.30 -13.50 -5.54
C ASP A 2 -9.19 -12.20 -4.75
N HIS A 3 -8.04 -11.99 -4.13
CA HIS A 3 -7.81 -10.80 -3.33
C HIS A 3 -6.58 -10.03 -3.84
N GLN A 4 -6.77 -8.74 -4.11
CA GLN A 4 -5.67 -7.91 -4.61
C GLN A 4 -5.49 -6.68 -3.72
N THR A 5 -4.24 -6.42 -3.34
CA THR A 5 -3.93 -5.28 -2.49
C THR A 5 -2.53 -4.73 -2.80
N VAL A 6 -2.45 -3.43 -3.03
CA VAL A 6 -1.18 -2.79 -3.33
C VAL A 6 -0.74 -1.87 -2.19
N TYR A 7 0.57 -1.78 -1.97
CA TYR A 7 1.12 -0.94 -0.92
C TYR A 7 1.86 0.26 -1.50
N VAL A 8 1.50 1.45 -1.06
CA VAL A 8 2.14 2.68 -1.53
C VAL A 8 2.60 3.54 -0.37
N LYS A 9 3.70 4.26 -0.57
CA LYS A 9 4.25 5.13 0.46
C LYS A 9 3.18 6.06 1.02
N PRO A 10 3.41 6.55 2.24
CA PRO A 10 2.47 7.46 2.92
C PRO A 10 2.44 8.84 2.27
N VAL A 11 1.46 9.65 2.67
CA VAL A 11 1.33 10.99 2.13
C VAL A 11 1.70 12.05 3.16
N PRO A 12 2.10 13.24 2.68
CA PRO A 12 2.49 14.35 3.56
C PRO A 12 1.29 14.94 4.31
N PRO A 13 1.59 15.78 5.31
CA PRO A 13 0.56 16.43 6.12
C PRO A 13 -0.23 17.48 5.34
N THR A 14 0.35 17.95 4.23
CA THR A 14 -0.29 18.95 3.40
C THR A 14 -1.28 18.31 2.44
N ALA A 15 -0.93 17.13 1.92
CA ALA A 15 -1.79 16.42 0.99
C ALA A 15 -3.14 16.10 1.62
N THR A 16 -4.18 16.76 1.14
CA THR A 16 -5.52 16.55 1.65
C THR A 16 -6.22 15.41 0.93
N LEU A 17 -7.40 15.04 1.41
CA LEU A 17 -8.18 13.96 0.80
C LEU A 17 -8.69 14.37 -0.58
N GLU A 18 -9.21 15.59 -0.68
CA GLU A 18 -9.73 16.08 -1.95
C GLU A 18 -8.63 16.16 -3.00
N GLN A 19 -7.46 16.61 -2.60
CA GLN A 19 -6.32 16.73 -3.50
C GLN A 19 -5.86 15.35 -3.97
N LEU A 20 -5.70 14.43 -3.02
CA LEU A 20 -5.26 13.07 -3.34
C LEU A 20 -6.20 12.42 -4.35
N THR A 21 -7.49 12.41 -4.03
CA THR A 21 -8.49 11.83 -4.91
C THR A 21 -8.47 12.48 -6.29
N GLU A 22 -8.40 13.81 -6.30
CA GLU A 22 -8.38 14.56 -7.56
C GLU A 22 -7.26 14.05 -8.47
N PHE A 23 -6.02 14.08 -7.96
CA PHE A 23 -4.87 13.63 -8.73
C PHE A 23 -5.05 12.18 -9.17
N PHE A 24 -5.61 11.37 -8.29
CA PHE A 24 -5.84 9.95 -8.59
C PHE A 24 -6.69 9.80 -9.84
N SER A 25 -7.89 10.37 -9.82
CA SER A 25 -8.80 10.28 -10.95
C SER A 25 -8.16 10.84 -12.22
N LYS A 26 -7.38 11.91 -12.05
CA LYS A 26 -6.71 12.55 -13.18
C LYS A 26 -5.77 11.56 -13.87
N HIS A 27 -5.18 10.66 -13.09
CA HIS A 27 -4.26 9.68 -13.63
C HIS A 27 -4.35 8.36 -12.86
N GLY A 28 -4.88 7.33 -13.50
CA GLY A 28 -5.03 6.04 -12.85
C GLY A 28 -6.40 5.84 -12.27
N THR A 29 -6.93 4.62 -12.40
CA THR A 29 -8.26 4.29 -11.87
C THR A 29 -8.16 3.26 -10.76
N VAL A 30 -8.55 3.66 -9.55
CA VAL A 30 -8.51 2.76 -8.40
C VAL A 30 -9.92 2.51 -7.86
N GLN A 31 -10.14 1.31 -7.34
CA GLN A 31 -11.44 0.94 -6.79
C GLN A 31 -11.68 1.65 -5.46
N ALA A 32 -10.80 1.42 -4.51
CA ALA A 32 -10.93 2.04 -3.19
C ALA A 32 -9.57 2.15 -2.50
N VAL A 33 -9.50 2.96 -1.45
CA VAL A 33 -8.26 3.16 -0.71
C VAL A 33 -8.52 3.28 0.78
N TRP A 34 -7.59 2.79 1.59
CA TRP A 34 -7.72 2.84 3.04
C TRP A 34 -6.38 2.62 3.72
N ARG A 35 -6.33 2.87 5.02
CA ARG A 35 -5.11 2.70 5.79
C ARG A 35 -5.40 2.54 7.28
N ARG A 36 -4.60 1.73 7.96
CA ARG A 36 -4.79 1.49 9.38
C ARG A 36 -3.45 1.23 10.07
N TYR A 37 -3.44 1.35 11.40
CA TYR A 37 -2.22 1.13 12.17
C TYR A 37 -2.54 0.55 13.54
N PHE A 38 -1.96 -0.61 13.85
CA PHE A 38 -2.19 -1.26 15.12
C PHE A 38 -1.31 -0.65 16.21
N ALA A 39 -1.95 -0.18 17.29
CA ALA A 39 -1.22 0.43 18.39
C ALA A 39 -0.70 -0.63 19.35
N GLY A 40 -1.47 -1.70 19.53
CA GLY A 40 -1.07 -2.78 20.42
C GLY A 40 -1.44 -2.49 21.86
N LYS A 41 -2.39 -3.24 22.38
CA LYS A 41 -2.83 -3.08 23.76
C LYS A 41 -3.02 -4.43 24.45
N LYS A 42 -1.97 -5.23 24.47
CA LYS A 42 -2.02 -6.55 25.09
C LYS A 42 -0.63 -6.97 25.57
N ASP A 43 -0.56 -8.13 26.21
CA ASP A 43 0.70 -8.65 26.73
C ASP A 43 1.29 -9.68 25.78
N ALA A 44 0.98 -9.53 24.49
CA ALA A 44 1.49 -10.45 23.47
C ALA A 44 2.40 -9.74 22.49
N PRO A 45 3.23 -10.51 21.78
CA PRO A 45 4.17 -9.97 20.80
C PRO A 45 3.48 -9.42 19.56
N PRO A 46 4.23 -8.69 18.73
CA PRO A 46 3.69 -8.08 17.50
C PRO A 46 3.37 -9.14 16.44
N GLU A 47 2.09 -9.44 16.28
CA GLU A 47 1.65 -10.42 15.30
C GLU A 47 1.32 -9.76 13.97
N SER A 48 0.56 -8.66 14.04
CA SER A 48 0.17 -7.93 12.84
C SER A 48 1.22 -6.89 12.47
N ARG A 49 1.12 -6.38 11.25
CA ARG A 49 2.05 -5.36 10.77
C ARG A 49 1.43 -3.97 10.79
N THR A 50 2.04 -3.06 11.53
CA THR A 50 1.54 -1.70 11.64
C THR A 50 2.53 -0.69 11.04
N LYS A 51 2.17 -0.16 9.88
CA LYS A 51 3.03 0.81 9.20
C LYS A 51 2.20 1.97 8.66
N PRO A 52 2.86 3.12 8.44
CA PRO A 52 2.20 4.32 7.91
C PRO A 52 1.79 4.16 6.45
N SER A 53 2.36 3.17 5.79
CA SER A 53 2.06 2.91 4.38
C SER A 53 0.55 2.81 4.16
N VAL A 54 0.11 3.19 2.97
CA VAL A 54 -1.32 3.14 2.64
C VAL A 54 -1.62 1.96 1.71
N PHE A 55 -2.86 1.48 1.78
CA PHE A 55 -3.28 0.35 0.96
C PHE A 55 -4.28 0.80 -0.10
N VAL A 56 -4.02 0.42 -1.35
CA VAL A 56 -4.90 0.77 -2.46
C VAL A 56 -5.29 -0.46 -3.27
N VAL A 57 -6.56 -0.53 -3.65
CA VAL A 57 -7.08 -1.65 -4.43
C VAL A 57 -7.59 -1.19 -5.79
N PHE A 58 -6.92 -1.62 -6.85
CA PHE A 58 -7.32 -1.25 -8.21
C PHE A 58 -8.47 -2.12 -8.69
N ASN A 59 -9.37 -1.52 -9.46
CA ASN A 59 -10.52 -2.24 -10.00
C ASN A 59 -10.15 -2.97 -11.28
N SER A 60 -9.40 -2.31 -12.14
CA SER A 60 -8.98 -2.91 -13.40
C SER A 60 -7.82 -3.87 -13.20
N SER A 61 -7.97 -5.09 -13.69
CA SER A 61 -6.94 -6.11 -13.56
C SER A 61 -5.64 -5.65 -14.20
N GLU A 62 -5.72 -5.21 -15.45
CA GLU A 62 -4.55 -4.75 -16.18
C GLU A 62 -3.85 -3.63 -15.43
N GLU A 63 -4.59 -2.56 -15.12
CA GLU A 63 -4.04 -1.43 -14.40
C GLU A 63 -3.49 -1.86 -13.05
N ALA A 64 -4.12 -2.86 -12.45
CA ALA A 64 -3.68 -3.37 -11.14
C ALA A 64 -2.29 -3.98 -11.23
N GLU A 65 -2.08 -4.84 -12.22
CA GLU A 65 -0.79 -5.48 -12.42
C GLU A 65 0.28 -4.45 -12.79
N ALA A 66 -0.10 -3.49 -13.62
CA ALA A 66 0.83 -2.45 -14.06
C ALA A 66 1.35 -1.65 -12.87
N PHE A 67 0.45 -1.17 -12.03
CA PHE A 67 0.82 -0.39 -10.86
C PHE A 67 1.61 -1.24 -9.86
N GLN A 68 1.20 -2.50 -9.71
CA GLN A 68 1.87 -3.42 -8.80
C GLN A 68 3.35 -3.58 -9.17
N LYS A 69 3.60 -3.80 -10.46
CA LYS A 69 4.97 -3.97 -10.95
C LYS A 69 5.82 -2.74 -10.64
N ALA A 70 5.49 -1.63 -11.29
CA ALA A 70 6.23 -0.38 -11.07
C ALA A 70 5.28 0.75 -10.69
N PRO A 71 5.84 1.80 -10.08
CA PRO A 71 5.07 2.98 -9.65
C PRO A 71 4.55 3.80 -10.83
N PRO A 72 3.63 4.72 -10.54
CA PRO A 72 3.04 5.59 -11.58
C PRO A 72 4.03 6.60 -12.12
N MET A 73 4.94 7.07 -11.26
CA MET A 73 5.95 8.03 -11.65
C MET A 73 5.30 9.36 -12.06
N TYR A 74 5.21 10.28 -11.12
CA TYR A 74 4.60 11.58 -11.40
C TYR A 74 5.61 12.71 -11.16
N ASP A 75 5.77 13.56 -12.18
CA ASP A 75 6.70 14.68 -12.09
C ASP A 75 6.42 15.52 -10.85
N ASP A 76 5.15 15.81 -10.61
CA ASP A 76 4.75 16.61 -9.46
C ASP A 76 5.34 16.05 -8.17
N VAL A 77 4.92 14.85 -7.80
CA VAL A 77 5.41 14.20 -6.60
C VAL A 77 5.86 12.78 -6.87
N GLN A 78 7.07 12.44 -6.45
CA GLN A 78 7.63 11.11 -6.65
C GLN A 78 6.79 10.06 -5.92
N LEU A 79 6.29 9.08 -6.67
CA LEU A 79 5.47 8.02 -6.10
C LEU A 79 6.30 6.75 -5.91
N THR A 80 6.13 6.09 -4.77
CA THR A 80 6.85 4.86 -4.47
C THR A 80 5.89 3.74 -4.12
N ALA A 81 5.70 2.81 -5.06
CA ALA A 81 4.80 1.68 -4.84
C ALA A 81 5.59 0.38 -4.76
N GLU A 82 5.14 -0.52 -3.87
CA GLU A 82 5.81 -1.80 -3.69
C GLU A 82 4.91 -2.95 -4.15
N MET A 83 5.49 -4.14 -4.27
CA MET A 83 4.74 -5.31 -4.71
C MET A 83 4.43 -6.22 -3.52
N LYS A 84 3.33 -6.97 -3.63
CA LYS A 84 2.92 -7.88 -2.56
C LYS A 84 3.98 -8.96 -2.33
N THR A 85 4.61 -9.40 -3.41
CA THR A 85 5.65 -10.43 -3.33
C THR A 85 6.75 -10.01 -2.36
N THR A 86 7.24 -8.78 -2.52
CA THR A 86 8.30 -8.26 -1.67
C THR A 86 7.95 -8.43 -0.19
N TYR A 87 6.82 -7.85 0.21
CA TYR A 87 6.38 -7.93 1.60
C TYR A 87 6.33 -9.38 2.07
N LEU A 88 5.75 -10.24 1.23
CA LEU A 88 5.64 -11.66 1.57
C LEU A 88 7.00 -12.25 1.92
N GLU A 89 8.00 -11.93 1.10
CA GLU A 89 9.36 -12.42 1.32
C GLU A 89 9.93 -11.87 2.63
N ARG A 90 9.63 -10.61 2.91
CA ARG A 90 10.13 -9.96 4.12
C ARG A 90 9.62 -10.68 5.36
N LYS A 91 8.30 -10.77 5.50
CA LYS A 91 7.70 -11.44 6.64
C LYS A 91 8.14 -12.90 6.73
N ALA A 92 8.22 -13.55 5.57
CA ALA A 92 8.65 -14.95 5.51
C ALA A 92 10.03 -15.13 6.13
N GLU A 93 10.95 -14.22 5.80
CA GLU A 93 12.30 -14.29 6.32
C GLU A 93 12.33 -13.96 7.80
N GLU A 94 11.49 -13.01 8.21
CA GLU A 94 11.43 -12.61 9.62
C GLU A 94 11.05 -13.79 10.51
N ILE A 95 9.89 -14.36 10.26
CA ILE A 95 9.41 -15.51 11.04
C ILE A 95 10.43 -16.65 11.02
N ALA A 96 11.10 -16.81 9.88
CA ALA A 96 12.10 -17.86 9.73
C ALA A 96 13.24 -17.68 10.73
N ALA A 97 13.65 -16.43 10.93
CA ALA A 97 14.73 -16.13 11.86
C ALA A 97 14.36 -16.53 13.29
N LYS A 98 13.15 -16.18 13.71
CA LYS A 98 12.67 -16.50 15.05
C LYS A 98 12.53 -18.01 15.22
N LYS A 99 11.73 -18.63 14.35
CA LYS A 99 11.52 -20.07 14.41
C LYS A 99 12.58 -20.81 13.59
N THR A 1 -11.73 -17.84 -4.12
CA THR A 1 -11.76 -16.41 -3.86
C THR A 1 -10.44 -15.75 -4.23
N ASP A 2 -10.52 -14.54 -4.76
CA ASP A 2 -9.33 -13.80 -5.16
C ASP A 2 -9.31 -12.41 -4.51
N HIS A 3 -8.18 -12.08 -3.89
CA HIS A 3 -8.03 -10.78 -3.23
C HIS A 3 -6.80 -10.04 -3.76
N GLN A 4 -6.98 -8.76 -4.04
CA GLN A 4 -5.87 -7.95 -4.55
C GLN A 4 -5.67 -6.70 -3.69
N THR A 5 -4.44 -6.47 -3.27
CA THR A 5 -4.11 -5.32 -2.44
C THR A 5 -2.71 -4.79 -2.76
N VAL A 6 -2.61 -3.48 -2.95
CA VAL A 6 -1.34 -2.86 -3.25
C VAL A 6 -0.88 -1.94 -2.11
N TYR A 7 0.43 -1.85 -1.93
CA TYR A 7 0.99 -1.01 -0.86
C TYR A 7 1.71 0.19 -1.46
N VAL A 8 1.37 1.38 -0.97
CA VAL A 8 1.99 2.62 -1.45
C VAL A 8 2.51 3.45 -0.28
N LYS A 9 3.61 4.16 -0.51
CA LYS A 9 4.21 5.00 0.51
C LYS A 9 3.17 5.94 1.12
N PRO A 10 3.44 6.41 2.34
CA PRO A 10 2.54 7.32 3.06
C PRO A 10 2.52 8.72 2.42
N VAL A 11 1.52 9.51 2.80
CA VAL A 11 1.37 10.86 2.27
C VAL A 11 1.70 11.90 3.34
N PRO A 12 2.10 13.10 2.90
CA PRO A 12 2.45 14.21 3.79
C PRO A 12 1.23 14.77 4.51
N PRO A 13 1.48 15.60 5.53
CA PRO A 13 0.41 16.23 6.32
C PRO A 13 -0.36 17.28 5.53
N THR A 14 0.25 17.77 4.46
CA THR A 14 -0.37 18.78 3.62
C THR A 14 -1.32 18.14 2.60
N ALA A 15 -0.91 17.00 2.06
CA ALA A 15 -1.72 16.29 1.09
C ALA A 15 -3.07 15.91 1.67
N THR A 16 -4.12 16.60 1.23
CA THR A 16 -5.46 16.34 1.71
C THR A 16 -6.12 15.21 0.92
N LEU A 17 -7.32 14.83 1.34
CA LEU A 17 -8.06 13.75 0.66
C LEU A 17 -8.55 14.21 -0.71
N GLU A 18 -9.05 15.44 -0.77
CA GLU A 18 -9.55 15.99 -2.03
C GLU A 18 -8.44 16.05 -3.07
N GLN A 19 -7.25 16.46 -2.64
CA GLN A 19 -6.11 16.57 -3.54
C GLN A 19 -5.66 15.19 -4.02
N LEU A 20 -5.58 14.24 -3.08
CA LEU A 20 -5.17 12.88 -3.40
C LEU A 20 -6.08 12.26 -4.46
N THR A 21 -7.39 12.33 -4.22
CA THR A 21 -8.37 11.79 -5.14
C THR A 21 -8.31 12.50 -6.49
N GLU A 22 -8.19 13.82 -6.45
CA GLU A 22 -8.13 14.62 -7.67
C GLU A 22 -6.99 14.13 -8.57
N PHE A 23 -5.80 13.98 -8.00
CA PHE A 23 -4.64 13.52 -8.75
C PHE A 23 -4.84 12.09 -9.25
N PHE A 24 -5.39 11.24 -8.39
CA PHE A 24 -5.63 9.85 -8.74
C PHE A 24 -6.47 9.74 -10.01
N SER A 25 -7.65 10.36 -9.99
CA SER A 25 -8.55 10.33 -11.13
C SER A 25 -7.85 10.88 -12.38
N LYS A 26 -6.98 11.86 -12.18
CA LYS A 26 -6.24 12.46 -13.29
C LYS A 26 -5.35 11.43 -13.97
N HIS A 27 -4.78 10.53 -13.18
CA HIS A 27 -3.91 9.48 -13.71
C HIS A 27 -4.05 8.20 -12.90
N GLY A 28 -4.59 7.16 -13.54
CA GLY A 28 -4.76 5.89 -12.87
C GLY A 28 -6.16 5.73 -12.29
N THR A 29 -6.70 4.52 -12.39
CA THR A 29 -8.04 4.24 -11.88
C THR A 29 -7.98 3.27 -10.70
N VAL A 30 -8.41 3.74 -9.53
CA VAL A 30 -8.40 2.92 -8.33
C VAL A 30 -9.82 2.73 -7.78
N GLN A 31 -10.10 1.54 -7.26
CA GLN A 31 -11.41 1.24 -6.71
C GLN A 31 -11.63 1.98 -5.39
N ALA A 32 -10.76 1.73 -4.43
CA ALA A 32 -10.85 2.36 -3.12
C ALA A 32 -9.49 2.40 -2.43
N VAL A 33 -9.40 3.20 -1.36
CA VAL A 33 -8.15 3.33 -0.61
C VAL A 33 -8.43 3.50 0.88
N TRP A 34 -7.56 2.94 1.71
CA TRP A 34 -7.71 3.04 3.16
C TRP A 34 -6.40 2.71 3.86
N ARG A 35 -6.34 3.00 5.16
CA ARG A 35 -5.15 2.75 5.95
C ARG A 35 -5.47 2.69 7.43
N ARG A 36 -4.75 1.85 8.17
CA ARG A 36 -4.98 1.71 9.60
C ARG A 36 -3.68 1.32 10.31
N TYR A 37 -3.64 1.56 11.62
CA TYR A 37 -2.46 1.23 12.41
C TYR A 37 -2.85 0.68 13.77
N PHE A 38 -2.30 -0.48 14.13
CA PHE A 38 -2.59 -1.12 15.40
C PHE A 38 -1.67 -0.60 16.50
N ALA A 39 -2.26 -0.01 17.54
CA ALA A 39 -1.48 0.53 18.65
C ALA A 39 -1.00 -0.59 19.57
N GLY A 40 -1.80 -1.64 19.70
CA GLY A 40 -1.44 -2.75 20.55
C GLY A 40 -1.81 -2.52 22.00
N LYS A 41 -2.78 -3.28 22.49
CA LYS A 41 -3.23 -3.15 23.88
C LYS A 41 -3.54 -4.51 24.48
N LYS A 42 -2.54 -5.39 24.48
CA LYS A 42 -2.70 -6.74 25.02
C LYS A 42 -1.38 -7.28 25.52
N ASP A 43 -1.41 -8.48 26.10
CA ASP A 43 -0.20 -9.12 26.61
C ASP A 43 0.32 -10.17 25.64
N ALA A 44 0.05 -9.96 24.35
CA ALA A 44 0.50 -10.88 23.32
C ALA A 44 1.50 -10.22 22.38
N PRO A 45 2.27 -11.04 21.65
CA PRO A 45 3.28 -10.56 20.71
C PRO A 45 2.65 -9.91 19.48
N PRO A 46 3.48 -9.22 18.69
CA PRO A 46 3.03 -8.54 17.46
C PRO A 46 2.64 -9.52 16.37
N GLU A 47 1.34 -9.74 16.19
CA GLU A 47 0.84 -10.65 15.18
C GLU A 47 0.50 -9.91 13.89
N SER A 48 -0.15 -8.76 14.04
CA SER A 48 -0.55 -7.95 12.90
C SER A 48 0.56 -6.97 12.51
N ARG A 49 0.46 -6.40 11.31
CA ARG A 49 1.45 -5.45 10.84
C ARG A 49 0.91 -4.03 10.89
N THR A 50 1.58 -3.17 11.66
CA THR A 50 1.17 -1.79 11.81
C THR A 50 2.20 -0.84 11.20
N LYS A 51 1.88 -0.28 10.05
CA LYS A 51 2.77 0.65 9.36
C LYS A 51 1.99 1.82 8.78
N PRO A 52 2.70 2.95 8.55
CA PRO A 52 2.10 4.16 7.99
C PRO A 52 1.71 3.99 6.53
N SER A 53 2.25 2.96 5.88
CA SER A 53 1.95 2.69 4.48
C SER A 53 0.44 2.64 4.26
N VAL A 54 0.02 3.04 3.05
CA VAL A 54 -1.40 3.04 2.70
C VAL A 54 -1.74 1.86 1.80
N PHE A 55 -2.96 1.35 1.92
CA PHE A 55 -3.41 0.23 1.12
C PHE A 55 -4.44 0.67 0.08
N VAL A 56 -4.17 0.35 -1.18
CA VAL A 56 -5.07 0.72 -2.27
C VAL A 56 -5.49 -0.51 -3.07
N VAL A 57 -6.75 -0.51 -3.52
CA VAL A 57 -7.28 -1.62 -4.29
C VAL A 57 -7.73 -1.17 -5.67
N PHE A 58 -7.09 -1.69 -6.70
CA PHE A 58 -7.42 -1.34 -8.08
C PHE A 58 -8.60 -2.17 -8.59
N ASN A 59 -9.48 -1.54 -9.36
CA ASN A 59 -10.65 -2.21 -9.91
C ASN A 59 -10.30 -2.93 -11.21
N SER A 60 -9.55 -2.25 -12.06
CA SER A 60 -9.15 -2.83 -13.34
C SER A 60 -7.98 -3.80 -13.17
N SER A 61 -8.13 -4.98 -13.75
CA SER A 61 -7.09 -6.01 -13.66
C SER A 61 -5.80 -5.53 -14.31
N GLU A 62 -5.90 -5.06 -15.55
CA GLU A 62 -4.75 -4.57 -16.29
C GLU A 62 -4.03 -3.48 -15.51
N GLU A 63 -4.77 -2.43 -15.16
CA GLU A 63 -4.21 -1.31 -14.41
C GLU A 63 -3.65 -1.77 -13.07
N ALA A 64 -4.34 -2.73 -12.45
CA ALA A 64 -3.91 -3.26 -11.16
C ALA A 64 -2.51 -3.86 -11.25
N GLU A 65 -2.30 -4.72 -12.25
CA GLU A 65 -1.01 -5.37 -12.44
C GLU A 65 0.06 -4.34 -12.82
N ALA A 66 -0.31 -3.40 -13.68
CA ALA A 66 0.60 -2.36 -14.12
C ALA A 66 1.18 -1.59 -12.93
N PHE A 67 0.30 -1.09 -12.08
CA PHE A 67 0.72 -0.34 -10.90
C PHE A 67 1.48 -1.22 -9.92
N GLN A 68 1.02 -2.46 -9.78
CA GLN A 68 1.66 -3.42 -8.87
C GLN A 68 3.14 -3.58 -9.22
N LYS A 69 3.42 -3.79 -10.50
CA LYS A 69 4.80 -3.96 -10.96
C LYS A 69 5.64 -2.74 -10.62
N ALA A 70 5.35 -1.63 -11.28
CA ALA A 70 6.08 -0.39 -11.05
C ALA A 70 5.13 0.75 -10.66
N PRO A 71 5.68 1.80 -10.04
CA PRO A 71 4.91 2.97 -9.60
C PRO A 71 4.42 3.80 -10.77
N PRO A 72 3.49 4.73 -10.50
CA PRO A 72 2.92 5.61 -11.52
C PRO A 72 3.93 6.63 -12.03
N MET A 73 4.85 7.03 -11.17
CA MET A 73 5.87 8.00 -11.54
C MET A 73 5.24 9.33 -11.97
N TYR A 74 5.13 10.25 -11.03
CA TYR A 74 4.54 11.55 -11.30
C TYR A 74 5.54 12.68 -11.03
N ASP A 75 5.78 13.51 -12.04
CA ASP A 75 6.70 14.62 -11.91
C ASP A 75 6.38 15.47 -10.68
N ASP A 76 5.09 15.76 -10.51
CA ASP A 76 4.66 16.57 -9.38
C ASP A 76 5.20 16.00 -8.06
N VAL A 77 4.78 14.78 -7.73
CA VAL A 77 5.22 14.13 -6.51
C VAL A 77 5.71 12.71 -6.77
N GLN A 78 6.90 12.40 -6.30
CA GLN A 78 7.49 11.07 -6.49
C GLN A 78 6.64 10.00 -5.80
N LEU A 79 6.15 9.05 -6.57
CA LEU A 79 5.34 7.97 -6.03
C LEU A 79 6.16 6.70 -5.86
N THR A 80 5.98 6.03 -4.72
CA THR A 80 6.71 4.80 -4.43
C THR A 80 5.75 3.67 -4.08
N ALA A 81 5.55 2.76 -5.03
CA ALA A 81 4.66 1.62 -4.82
C ALA A 81 5.44 0.33 -4.73
N GLU A 82 5.00 -0.58 -3.87
CA GLU A 82 5.66 -1.87 -3.69
C GLU A 82 4.75 -3.01 -4.15
N MET A 83 5.34 -4.19 -4.29
CA MET A 83 4.60 -5.37 -4.73
C MET A 83 4.29 -6.29 -3.55
N LYS A 84 3.23 -7.07 -3.68
CA LYS A 84 2.83 -8.01 -2.63
C LYS A 84 3.90 -9.06 -2.41
N THR A 85 4.49 -9.54 -3.50
CA THR A 85 5.53 -10.57 -3.42
C THR A 85 6.68 -10.11 -2.53
N THR A 86 7.13 -8.88 -2.73
CA THR A 86 8.22 -8.32 -1.95
C THR A 86 7.95 -8.45 -0.46
N TYR A 87 6.85 -7.87 0.00
CA TYR A 87 6.48 -7.92 1.41
C TYR A 87 6.44 -9.37 1.90
N LEU A 88 5.83 -10.24 1.11
CA LEU A 88 5.72 -11.66 1.46
C LEU A 88 7.09 -12.24 1.78
N GLU A 89 8.07 -11.93 0.92
CA GLU A 89 9.43 -12.44 1.10
C GLU A 89 10.06 -11.84 2.35
N ARG A 90 9.79 -10.56 2.59
CA ARG A 90 10.35 -9.86 3.75
C ARG A 90 9.92 -10.56 5.05
N LYS A 91 8.61 -10.70 5.24
CA LYS A 91 8.08 -11.34 6.44
C LYS A 91 8.54 -12.80 6.52
N ALA A 92 8.52 -13.48 5.38
CA ALA A 92 8.94 -14.88 5.33
C ALA A 92 10.36 -15.06 5.89
N GLU A 93 11.26 -14.17 5.49
CA GLU A 93 12.65 -14.23 5.94
C GLU A 93 12.75 -13.82 7.41
N GLU A 94 11.94 -12.83 7.80
CA GLU A 94 11.94 -12.34 9.17
C GLU A 94 11.66 -13.48 10.15
N ILE A 95 10.51 -14.11 10.00
CA ILE A 95 10.11 -15.21 10.87
C ILE A 95 11.15 -16.33 10.83
N ALA A 96 11.74 -16.55 9.66
CA ALA A 96 12.73 -17.59 9.49
C ALA A 96 13.98 -17.30 10.33
N ALA A 97 14.44 -16.06 10.31
CA ALA A 97 15.61 -15.65 11.07
C ALA A 97 15.36 -15.81 12.56
N LYS A 98 14.17 -15.43 13.01
CA LYS A 98 13.81 -15.53 14.42
C LYS A 98 13.71 -16.99 14.85
N LYS A 99 12.88 -17.75 14.15
CA LYS A 99 12.69 -19.16 14.46
C LYS A 99 13.75 -20.02 13.77
N THR A 1 -12.35 -17.18 -6.54
CA THR A 1 -12.11 -16.00 -5.72
C THR A 1 -10.78 -15.34 -6.07
N ASP A 2 -10.77 -14.02 -6.08
CA ASP A 2 -9.56 -13.27 -6.40
C ASP A 2 -9.37 -12.11 -5.43
N HIS A 3 -8.13 -11.89 -5.01
CA HIS A 3 -7.81 -10.81 -4.08
C HIS A 3 -6.63 -9.98 -4.59
N GLN A 4 -6.80 -8.67 -4.61
CA GLN A 4 -5.75 -7.77 -5.08
C GLN A 4 -5.54 -6.64 -4.09
N THR A 5 -4.29 -6.47 -3.65
CA THR A 5 -3.94 -5.42 -2.70
C THR A 5 -2.55 -4.88 -2.96
N VAL A 6 -2.46 -3.58 -3.21
CA VAL A 6 -1.18 -2.93 -3.49
C VAL A 6 -0.78 -2.00 -2.34
N TYR A 7 0.52 -1.89 -2.10
CA TYR A 7 1.03 -1.04 -1.03
C TYR A 7 1.78 0.16 -1.61
N VAL A 8 1.45 1.35 -1.10
CA VAL A 8 2.09 2.57 -1.57
C VAL A 8 2.58 3.41 -0.38
N LYS A 9 3.68 4.12 -0.59
CA LYS A 9 4.26 4.97 0.45
C LYS A 9 3.20 5.89 1.04
N PRO A 10 3.44 6.36 2.27
CA PRO A 10 2.53 7.26 2.98
C PRO A 10 2.50 8.65 2.35
N VAL A 11 1.55 9.47 2.80
CA VAL A 11 1.40 10.83 2.29
C VAL A 11 1.83 11.86 3.33
N PRO A 12 2.24 13.04 2.86
CA PRO A 12 2.67 14.13 3.74
C PRO A 12 1.52 14.73 4.54
N PRO A 13 1.86 15.56 5.56
CA PRO A 13 0.86 16.20 6.40
C PRO A 13 0.07 17.28 5.67
N THR A 14 0.62 17.74 4.56
CA THR A 14 -0.03 18.77 3.76
C THR A 14 -1.04 18.16 2.79
N ALA A 15 -0.69 17.02 2.22
CA ALA A 15 -1.57 16.34 1.28
C ALA A 15 -2.92 16.02 1.92
N THR A 16 -3.97 16.68 1.42
CA THR A 16 -5.31 16.48 1.95
C THR A 16 -6.01 15.32 1.23
N LEU A 17 -7.24 15.05 1.64
CA LEU A 17 -8.02 13.97 1.04
C LEU A 17 -8.49 14.35 -0.37
N GLU A 18 -9.00 15.57 -0.50
CA GLU A 18 -9.47 16.06 -1.79
C GLU A 18 -8.34 16.08 -2.82
N GLN A 19 -7.15 16.46 -2.38
CA GLN A 19 -5.99 16.52 -3.25
C GLN A 19 -5.58 15.12 -3.72
N LEU A 20 -5.61 14.17 -2.79
CA LEU A 20 -5.25 12.80 -3.10
C LEU A 20 -6.22 12.18 -4.11
N THR A 21 -7.51 12.31 -3.82
CA THR A 21 -8.54 11.77 -4.70
C THR A 21 -8.48 12.42 -6.09
N GLU A 22 -8.26 13.72 -6.11
CA GLU A 22 -8.18 14.46 -7.37
C GLU A 22 -7.04 13.93 -8.24
N PHE A 23 -5.84 13.88 -7.66
CA PHE A 23 -4.66 13.40 -8.37
C PHE A 23 -4.89 11.97 -8.89
N PHE A 24 -5.45 11.13 -8.03
CA PHE A 24 -5.72 9.74 -8.40
C PHE A 24 -6.62 9.67 -9.63
N SER A 25 -7.80 10.27 -9.53
CA SER A 25 -8.75 10.28 -10.63
C SER A 25 -8.14 10.89 -11.89
N LYS A 26 -7.32 11.93 -11.70
CA LYS A 26 -6.66 12.60 -12.81
C LYS A 26 -5.74 11.65 -13.56
N HIS A 27 -5.11 10.74 -12.81
CA HIS A 27 -4.20 9.77 -13.41
C HIS A 27 -4.29 8.43 -12.69
N GLY A 28 -4.83 7.43 -13.37
CA GLY A 28 -4.97 6.11 -12.78
C GLY A 28 -6.36 5.86 -12.24
N THR A 29 -6.85 4.64 -12.40
CA THR A 29 -8.18 4.27 -11.93
C THR A 29 -8.10 3.31 -10.75
N VAL A 30 -8.52 3.78 -9.58
CA VAL A 30 -8.50 2.97 -8.37
C VAL A 30 -9.91 2.72 -7.84
N GLN A 31 -10.11 1.56 -7.23
CA GLN A 31 -11.41 1.21 -6.67
C GLN A 31 -11.63 1.87 -5.32
N ALA A 32 -10.72 1.59 -4.38
CA ALA A 32 -10.81 2.15 -3.04
C ALA A 32 -9.44 2.20 -2.37
N VAL A 33 -9.33 3.00 -1.32
CA VAL A 33 -8.07 3.14 -0.60
C VAL A 33 -8.32 3.37 0.89
N TRP A 34 -7.46 2.79 1.72
CA TRP A 34 -7.58 2.92 3.17
C TRP A 34 -6.28 2.54 3.87
N ARG A 35 -6.21 2.81 5.17
CA ARG A 35 -5.02 2.49 5.96
C ARG A 35 -5.35 2.43 7.44
N ARG A 36 -4.71 1.49 8.14
CA ARG A 36 -4.94 1.33 9.57
C ARG A 36 -3.64 0.98 10.29
N TYR A 37 -3.61 1.22 11.60
CA TYR A 37 -2.43 0.95 12.40
C TYR A 37 -2.81 0.51 13.81
N PHE A 38 -2.37 -0.68 14.20
CA PHE A 38 -2.67 -1.21 15.52
C PHE A 38 -1.70 -0.66 16.57
N ALA A 39 -2.24 0.00 17.59
CA ALA A 39 -1.42 0.57 18.64
C ALA A 39 -0.99 -0.50 19.64
N GLY A 40 -1.82 -1.53 19.79
CA GLY A 40 -1.50 -2.60 20.72
C GLY A 40 -2.01 -2.33 22.12
N LYS A 41 -2.95 -3.15 22.58
CA LYS A 41 -3.52 -2.99 23.91
C LYS A 41 -3.63 -4.34 24.62
N LYS A 42 -2.54 -5.10 24.61
CA LYS A 42 -2.51 -6.41 25.24
C LYS A 42 -1.11 -6.73 25.78
N ASP A 43 -0.97 -7.89 26.41
CA ASP A 43 0.31 -8.30 26.96
C ASP A 43 1.00 -9.31 26.04
N ALA A 44 0.71 -9.21 24.75
CA ALA A 44 1.30 -10.12 23.76
C ALA A 44 2.15 -9.34 22.76
N PRO A 45 3.05 -10.07 22.07
CA PRO A 45 3.95 -9.47 21.09
C PRO A 45 3.21 -9.02 19.83
N PRO A 46 3.90 -8.25 18.97
CA PRO A 46 3.32 -7.74 17.72
C PRO A 46 3.11 -8.84 16.70
N GLU A 47 1.85 -9.26 16.54
CA GLU A 47 1.52 -10.31 15.58
C GLU A 47 1.07 -9.71 14.26
N SER A 48 0.26 -8.65 14.34
CA SER A 48 -0.24 -7.99 13.13
C SER A 48 0.81 -7.05 12.55
N ARG A 49 0.51 -6.48 11.39
CA ARG A 49 1.42 -5.56 10.72
C ARG A 49 0.89 -4.13 10.79
N THR A 50 1.57 -3.28 11.55
CA THR A 50 1.17 -1.89 11.69
C THR A 50 2.21 -0.95 11.09
N LYS A 51 1.89 -0.37 9.94
CA LYS A 51 2.79 0.55 9.26
C LYS A 51 2.03 1.74 8.68
N PRO A 52 2.74 2.85 8.46
CA PRO A 52 2.15 4.07 7.91
C PRO A 52 1.76 3.92 6.44
N SER A 53 2.29 2.88 5.79
CA SER A 53 1.99 2.62 4.39
C SER A 53 0.49 2.58 4.16
N VAL A 54 0.07 2.95 2.95
CA VAL A 54 -1.34 2.96 2.59
C VAL A 54 -1.68 1.80 1.66
N PHE A 55 -2.89 1.26 1.81
CA PHE A 55 -3.34 0.14 1.00
C PHE A 55 -4.33 0.61 -0.06
N VAL A 56 -4.10 0.21 -1.31
CA VAL A 56 -4.97 0.58 -2.41
C VAL A 56 -5.40 -0.65 -3.21
N VAL A 57 -6.65 -0.64 -3.66
CA VAL A 57 -7.18 -1.75 -4.44
C VAL A 57 -7.70 -1.28 -5.79
N PHE A 58 -7.06 -1.74 -6.86
CA PHE A 58 -7.46 -1.36 -8.21
C PHE A 58 -8.65 -2.20 -8.69
N ASN A 59 -9.54 -1.57 -9.43
CA ASN A 59 -10.72 -2.26 -9.95
C ASN A 59 -10.38 -3.03 -11.22
N SER A 60 -9.61 -2.41 -12.10
CA SER A 60 -9.22 -3.04 -13.36
C SER A 60 -8.05 -3.99 -13.14
N SER A 61 -8.17 -5.20 -13.66
CA SER A 61 -7.12 -6.21 -13.53
C SER A 61 -5.84 -5.75 -14.21
N GLU A 62 -5.96 -5.30 -15.46
CA GLU A 62 -4.81 -4.84 -16.22
C GLU A 62 -4.10 -3.70 -15.49
N GLU A 63 -4.82 -2.63 -15.22
CA GLU A 63 -4.25 -1.48 -14.53
C GLU A 63 -3.69 -1.88 -13.17
N ALA A 64 -4.37 -2.82 -12.51
CA ALA A 64 -3.93 -3.30 -11.21
C ALA A 64 -2.53 -3.88 -11.28
N GLU A 65 -2.31 -4.80 -12.23
CA GLU A 65 -1.01 -5.43 -12.39
C GLU A 65 0.04 -4.41 -12.82
N ALA A 66 -0.36 -3.50 -13.71
CA ALA A 66 0.55 -2.47 -14.19
C ALA A 66 1.12 -1.65 -13.05
N PHE A 67 0.24 -1.19 -12.16
CA PHE A 67 0.66 -0.40 -11.01
C PHE A 67 1.45 -1.23 -10.02
N GLN A 68 1.05 -2.48 -9.85
CA GLN A 68 1.73 -3.39 -8.93
C GLN A 68 3.20 -3.54 -9.30
N LYS A 69 3.47 -3.71 -10.59
CA LYS A 69 4.84 -3.87 -11.07
C LYS A 69 5.67 -2.64 -10.73
N ALA A 70 5.36 -1.52 -11.36
CA ALA A 70 6.08 -0.28 -11.12
C ALA A 70 5.12 0.85 -10.72
N PRO A 71 5.68 1.89 -10.09
CA PRO A 71 4.90 3.05 -9.64
C PRO A 71 4.39 3.89 -10.81
N PRO A 72 3.47 4.82 -10.51
CA PRO A 72 2.88 5.70 -11.53
C PRO A 72 3.88 6.73 -12.04
N MET A 73 4.80 7.13 -11.17
CA MET A 73 5.83 8.11 -11.55
C MET A 73 5.18 9.44 -11.95
N TYR A 74 5.06 10.35 -10.98
CA TYR A 74 4.46 11.65 -11.24
C TYR A 74 5.47 12.77 -10.97
N ASP A 75 5.69 13.61 -11.97
CA ASP A 75 6.62 14.72 -11.85
C ASP A 75 6.29 15.57 -10.62
N ASP A 76 5.02 15.85 -10.42
CA ASP A 76 4.57 16.65 -9.28
C ASP A 76 5.11 16.07 -7.98
N VAL A 77 4.70 14.84 -7.67
CA VAL A 77 5.13 14.17 -6.45
C VAL A 77 5.65 12.77 -6.74
N GLN A 78 6.83 12.46 -6.22
CA GLN A 78 7.44 11.16 -6.43
C GLN A 78 6.63 10.06 -5.76
N LEU A 79 6.13 9.12 -6.56
CA LEU A 79 5.34 8.02 -6.04
C LEU A 79 6.17 6.74 -5.93
N THR A 80 6.04 6.06 -4.80
CA THR A 80 6.78 4.83 -4.56
C THR A 80 5.85 3.70 -4.14
N ALA A 81 5.63 2.75 -5.05
CA ALA A 81 4.76 1.61 -4.78
C ALA A 81 5.57 0.32 -4.69
N GLU A 82 5.15 -0.57 -3.79
CA GLU A 82 5.84 -1.84 -3.60
C GLU A 82 4.97 -2.99 -4.08
N MET A 83 5.57 -4.18 -4.19
CA MET A 83 4.85 -5.36 -4.64
C MET A 83 4.53 -6.28 -3.47
N LYS A 84 3.44 -7.03 -3.59
CA LYS A 84 3.02 -7.96 -2.54
C LYS A 84 4.08 -9.03 -2.31
N THR A 85 4.69 -9.49 -3.40
CA THR A 85 5.72 -10.52 -3.32
C THR A 85 6.87 -10.07 -2.43
N THR A 86 7.32 -8.84 -2.62
CA THR A 86 8.42 -8.29 -1.84
C THR A 86 8.15 -8.39 -0.35
N TYR A 87 7.02 -7.82 0.08
CA TYR A 87 6.64 -7.85 1.48
C TYR A 87 6.59 -9.28 2.00
N LEU A 88 5.95 -10.17 1.24
CA LEU A 88 5.83 -11.56 1.63
C LEU A 88 7.19 -12.16 1.94
N GLU A 89 8.16 -11.91 1.06
CA GLU A 89 9.51 -12.43 1.25
C GLU A 89 10.16 -11.82 2.48
N ARG A 90 9.91 -10.53 2.71
CA ARG A 90 10.46 -9.83 3.85
C ARG A 90 10.04 -10.49 5.16
N LYS A 91 8.75 -10.60 5.37
CA LYS A 91 8.22 -11.22 6.58
C LYS A 91 8.66 -12.68 6.68
N ALA A 92 8.67 -13.37 5.54
CA ALA A 92 9.07 -14.77 5.51
C ALA A 92 10.47 -14.95 6.09
N GLU A 93 11.40 -14.09 5.68
CA GLU A 93 12.77 -14.16 6.16
C GLU A 93 12.86 -13.73 7.62
N GLU A 94 12.08 -12.72 7.98
CA GLU A 94 12.07 -12.20 9.34
C GLU A 94 11.74 -13.32 10.34
N ILE A 95 10.56 -13.89 10.19
CA ILE A 95 10.12 -14.97 11.08
C ILE A 95 11.01 -16.20 10.92
N ALA A 96 11.51 -16.42 9.71
CA ALA A 96 12.37 -17.56 9.44
C ALA A 96 13.56 -17.60 10.41
N ALA A 97 14.11 -16.43 10.71
CA ALA A 97 15.24 -16.34 11.63
C ALA A 97 14.83 -16.72 13.04
N LYS A 98 13.65 -16.26 13.46
CA LYS A 98 13.14 -16.55 14.79
C LYS A 98 12.81 -18.03 14.94
N LYS A 99 12.01 -18.54 14.02
CA LYS A 99 11.62 -19.95 14.05
C LYS A 99 12.66 -20.81 13.34
N THR A 1 -11.04 -18.22 -4.07
CA THR A 1 -11.11 -16.79 -3.80
C THR A 1 -9.79 -16.10 -4.13
N ASP A 2 -9.88 -14.89 -4.68
CA ASP A 2 -8.69 -14.12 -5.04
C ASP A 2 -8.75 -12.73 -4.44
N HIS A 3 -7.65 -12.32 -3.80
CA HIS A 3 -7.58 -11.00 -3.18
C HIS A 3 -6.37 -10.21 -3.71
N GLN A 4 -6.59 -8.96 -4.06
CA GLN A 4 -5.53 -8.11 -4.58
C GLN A 4 -5.37 -6.85 -3.73
N THR A 5 -4.13 -6.56 -3.35
CA THR A 5 -3.85 -5.38 -2.53
C THR A 5 -2.46 -4.82 -2.84
N VAL A 6 -2.39 -3.52 -3.08
CA VAL A 6 -1.13 -2.87 -3.38
C VAL A 6 -0.71 -1.93 -2.25
N TYR A 7 0.60 -1.79 -2.06
CA TYR A 7 1.13 -0.93 -1.01
C TYR A 7 1.82 0.29 -1.60
N VAL A 8 1.49 1.47 -1.09
CA VAL A 8 2.09 2.71 -1.57
C VAL A 8 2.63 3.55 -0.41
N LYS A 9 3.72 4.25 -0.66
CA LYS A 9 4.34 5.09 0.36
C LYS A 9 3.31 6.03 0.98
N PRO A 10 3.61 6.49 2.21
CA PRO A 10 2.73 7.41 2.94
C PRO A 10 2.68 8.80 2.32
N VAL A 11 1.70 9.59 2.73
CA VAL A 11 1.56 10.96 2.21
C VAL A 11 1.93 11.98 3.27
N PRO A 12 2.33 13.19 2.82
CA PRO A 12 2.71 14.28 3.70
C PRO A 12 1.52 14.85 4.47
N PRO A 13 1.82 15.68 5.49
CA PRO A 13 0.78 16.32 6.31
C PRO A 13 0.00 17.37 5.54
N THR A 14 0.57 17.86 4.45
CA THR A 14 -0.08 18.87 3.63
C THR A 14 -1.07 18.25 2.66
N ALA A 15 -0.71 17.09 2.12
CA ALA A 15 -1.58 16.39 1.17
C ALA A 15 -2.93 16.08 1.80
N THR A 16 -3.97 16.76 1.33
CA THR A 16 -5.32 16.56 1.84
C THR A 16 -6.02 15.41 1.13
N LEU A 17 -7.23 15.10 1.57
CA LEU A 17 -8.00 14.01 0.97
C LEU A 17 -8.51 14.41 -0.42
N GLU A 18 -9.00 15.64 -0.54
CA GLU A 18 -9.51 16.14 -1.81
C GLU A 18 -8.39 16.21 -2.85
N GLN A 19 -7.21 16.63 -2.42
CA GLN A 19 -6.07 16.74 -3.31
C GLN A 19 -5.60 15.37 -3.78
N LEU A 20 -5.43 14.46 -2.83
CA LEU A 20 -4.99 13.11 -3.14
C LEU A 20 -5.94 12.43 -4.11
N THR A 21 -7.22 12.38 -3.74
CA THR A 21 -8.24 11.76 -4.58
C THR A 21 -8.27 12.39 -5.97
N GLU A 22 -8.26 13.72 -6.00
CA GLU A 22 -8.29 14.45 -7.27
C GLU A 22 -7.19 13.96 -8.20
N PHE A 23 -5.95 14.01 -7.73
CA PHE A 23 -4.81 13.58 -8.52
C PHE A 23 -4.98 12.12 -8.97
N PHE A 24 -5.47 11.29 -8.06
CA PHE A 24 -5.69 9.88 -8.36
C PHE A 24 -6.58 9.71 -9.59
N SER A 25 -7.76 10.32 -9.54
CA SER A 25 -8.71 10.23 -10.64
C SER A 25 -8.11 10.82 -11.92
N LYS A 26 -7.28 11.83 -11.76
CA LYS A 26 -6.63 12.47 -12.91
C LYS A 26 -5.79 11.47 -13.70
N HIS A 27 -5.16 10.54 -12.99
CA HIS A 27 -4.34 9.52 -13.63
C HIS A 27 -4.42 8.20 -12.85
N GLY A 28 -5.03 7.20 -13.47
CA GLY A 28 -5.16 5.91 -12.84
C GLY A 28 -6.50 5.72 -12.17
N THR A 29 -7.09 4.53 -12.33
CA THR A 29 -8.39 4.24 -11.73
C THR A 29 -8.25 3.25 -10.57
N VAL A 30 -8.57 3.71 -9.37
CA VAL A 30 -8.48 2.87 -8.19
C VAL A 30 -9.87 2.59 -7.60
N GLN A 31 -10.06 1.37 -7.10
CA GLN A 31 -11.33 0.99 -6.52
C GLN A 31 -11.56 1.69 -5.19
N ALA A 32 -10.63 1.50 -4.25
CA ALA A 32 -10.73 2.12 -2.94
C ALA A 32 -9.36 2.21 -2.27
N VAL A 33 -9.28 3.02 -1.22
CA VAL A 33 -8.03 3.19 -0.49
C VAL A 33 -8.29 3.38 1.00
N TRP A 34 -7.40 2.85 1.83
CA TRP A 34 -7.52 2.97 3.28
C TRP A 34 -6.19 2.70 3.96
N ARG A 35 -6.13 3.01 5.26
CA ARG A 35 -4.91 2.79 6.03
C ARG A 35 -5.23 2.70 7.52
N ARG A 36 -4.49 1.85 8.22
CA ARG A 36 -4.68 1.66 9.66
C ARG A 36 -3.37 1.32 10.35
N TYR A 37 -3.35 1.47 11.66
CA TYR A 37 -2.15 1.18 12.45
C TYR A 37 -2.52 0.56 13.79
N PHE A 38 -2.04 -0.66 14.02
CA PHE A 38 -2.31 -1.37 15.27
C PHE A 38 -1.34 -0.94 16.36
N ALA A 39 -1.89 -0.36 17.43
CA ALA A 39 -1.07 0.09 18.55
C ALA A 39 -0.67 -1.07 19.45
N GLY A 40 -1.54 -2.07 19.54
CA GLY A 40 -1.25 -3.23 20.37
C GLY A 40 -1.71 -3.04 21.81
N LYS A 41 -2.77 -3.75 22.18
CA LYS A 41 -3.32 -3.65 23.53
C LYS A 41 -3.66 -5.04 24.08
N LYS A 42 -2.68 -5.93 24.07
CA LYS A 42 -2.88 -7.29 24.57
C LYS A 42 -1.58 -7.87 25.10
N ASP A 43 -1.65 -9.10 25.62
CA ASP A 43 -0.47 -9.77 26.16
C ASP A 43 0.10 -10.77 25.16
N ALA A 44 -0.09 -10.48 23.87
CA ALA A 44 0.40 -11.35 22.82
C ALA A 44 1.45 -10.65 21.98
N PRO A 45 2.25 -11.44 21.25
CA PRO A 45 3.32 -10.92 20.38
C PRO A 45 2.76 -10.20 19.16
N PRO A 46 3.64 -9.48 18.45
CA PRO A 46 3.26 -8.73 17.24
C PRO A 46 2.93 -9.65 16.07
N GLU A 47 1.63 -9.84 15.83
CA GLU A 47 1.19 -10.70 14.74
C GLU A 47 0.86 -9.88 13.50
N SER A 48 0.12 -8.79 13.69
CA SER A 48 -0.27 -7.92 12.58
C SER A 48 0.86 -6.94 12.25
N ARG A 49 0.73 -6.28 11.10
CA ARG A 49 1.74 -5.32 10.65
C ARG A 49 1.20 -3.89 10.74
N THR A 50 1.90 -3.05 11.48
CA THR A 50 1.50 -1.65 11.64
C THR A 50 2.52 -0.71 11.01
N LYS A 51 2.16 -0.12 9.88
CA LYS A 51 3.05 0.81 9.19
C LYS A 51 2.27 2.00 8.64
N PRO A 52 2.97 3.12 8.40
CA PRO A 52 2.36 4.34 7.88
C PRO A 52 1.92 4.20 6.43
N SER A 53 2.47 3.19 5.75
CA SER A 53 2.15 2.94 4.35
C SER A 53 0.64 2.86 4.16
N VAL A 54 0.18 3.18 2.95
CA VAL A 54 -1.24 3.14 2.63
C VAL A 54 -1.58 1.95 1.74
N PHE A 55 -2.79 1.43 1.89
CA PHE A 55 -3.23 0.28 1.11
C PHE A 55 -4.25 0.70 0.06
N VAL A 56 -3.99 0.34 -1.20
CA VAL A 56 -4.89 0.68 -2.29
C VAL A 56 -5.29 -0.56 -3.09
N VAL A 57 -6.56 -0.63 -3.46
CA VAL A 57 -7.07 -1.76 -4.22
C VAL A 57 -7.62 -1.31 -5.57
N PHE A 58 -7.05 -1.83 -6.65
CA PHE A 58 -7.48 -1.48 -7.99
C PHE A 58 -8.68 -2.33 -8.41
N ASN A 59 -9.58 -1.73 -9.19
CA ASN A 59 -10.77 -2.43 -9.66
C ASN A 59 -10.46 -3.25 -10.91
N SER A 60 -9.70 -2.67 -11.82
CA SER A 60 -9.33 -3.36 -13.07
C SER A 60 -8.17 -4.31 -12.83
N SER A 61 -8.33 -5.55 -13.26
CA SER A 61 -7.29 -6.57 -13.11
C SER A 61 -6.01 -6.15 -13.80
N GLU A 62 -6.13 -5.81 -15.09
CA GLU A 62 -4.97 -5.39 -15.88
C GLU A 62 -4.27 -4.21 -15.23
N GLU A 63 -5.01 -3.11 -15.06
CA GLU A 63 -4.45 -1.91 -14.44
C GLU A 63 -3.85 -2.22 -13.07
N ALA A 64 -4.50 -3.13 -12.35
CA ALA A 64 -4.03 -3.52 -11.02
C ALA A 64 -2.63 -4.11 -11.09
N GLU A 65 -2.44 -5.07 -12.00
CA GLU A 65 -1.15 -5.72 -12.16
C GLU A 65 -0.09 -4.72 -12.61
N ALA A 66 -0.47 -3.84 -13.53
CA ALA A 66 0.44 -2.83 -14.06
C ALA A 66 1.01 -1.96 -12.93
N PHE A 67 0.12 -1.40 -12.13
CA PHE A 67 0.52 -0.55 -11.01
C PHE A 67 1.34 -1.34 -9.99
N GLN A 68 0.92 -2.57 -9.76
CA GLN A 68 1.61 -3.44 -8.80
C GLN A 68 3.08 -3.62 -9.18
N LYS A 69 3.32 -3.88 -10.45
CA LYS A 69 4.68 -4.07 -10.95
C LYS A 69 5.54 -2.85 -10.65
N ALA A 70 5.23 -1.74 -11.32
CA ALA A 70 5.98 -0.50 -11.12
C ALA A 70 5.05 0.65 -10.75
N PRO A 71 5.62 1.70 -10.16
CA PRO A 71 4.86 2.88 -9.74
C PRO A 71 4.34 3.69 -10.92
N PRO A 72 3.42 4.64 -10.64
CA PRO A 72 2.84 5.50 -11.66
C PRO A 72 3.85 6.50 -12.23
N MET A 73 4.76 6.95 -11.38
CA MET A 73 5.77 7.91 -11.79
C MET A 73 5.14 9.22 -12.24
N TYR A 74 5.03 10.17 -11.31
CA TYR A 74 4.44 11.47 -11.62
C TYR A 74 5.44 12.59 -11.38
N ASP A 75 5.66 13.40 -12.41
CA ASP A 75 6.60 14.52 -12.32
C ASP A 75 6.28 15.40 -11.11
N ASP A 76 4.99 15.69 -10.92
CA ASP A 76 4.56 16.52 -9.81
C ASP A 76 5.10 15.99 -8.50
N VAL A 77 4.70 14.78 -8.13
CA VAL A 77 5.15 14.15 -6.90
C VAL A 77 5.64 12.72 -7.14
N GLN A 78 6.85 12.43 -6.67
CA GLN A 78 7.43 11.11 -6.84
C GLN A 78 6.61 10.05 -6.10
N LEU A 79 6.13 9.06 -6.83
CA LEU A 79 5.33 7.99 -6.25
C LEU A 79 6.17 6.74 -6.05
N THR A 80 6.00 6.09 -4.91
CA THR A 80 6.74 4.87 -4.59
C THR A 80 5.80 3.73 -4.24
N ALA A 81 5.64 2.80 -5.17
CA ALA A 81 4.76 1.66 -4.95
C ALA A 81 5.56 0.36 -4.87
N GLU A 82 5.12 -0.55 -4.02
CA GLU A 82 5.79 -1.83 -3.84
C GLU A 82 4.90 -2.98 -4.29
N MET A 83 5.49 -4.17 -4.41
CA MET A 83 4.74 -5.36 -4.82
C MET A 83 4.45 -6.26 -3.62
N LYS A 84 3.41 -7.07 -3.75
CA LYS A 84 3.01 -7.99 -2.68
C LYS A 84 4.09 -9.04 -2.45
N THR A 85 4.73 -9.48 -3.52
CA THR A 85 5.78 -10.50 -3.43
C THR A 85 6.91 -10.03 -2.52
N THR A 86 7.37 -8.80 -2.74
CA THR A 86 8.45 -8.24 -1.94
C THR A 86 8.11 -8.29 -0.46
N TYR A 87 6.96 -7.72 -0.10
CA TYR A 87 6.51 -7.69 1.29
C TYR A 87 6.48 -9.10 1.88
N LEU A 88 5.85 -10.02 1.16
CA LEU A 88 5.75 -11.40 1.62
C LEU A 88 7.12 -11.97 1.96
N GLU A 89 8.10 -11.71 1.09
CA GLU A 89 9.46 -12.18 1.29
C GLU A 89 10.06 -11.57 2.56
N ARG A 90 9.82 -10.28 2.75
CA ARG A 90 10.34 -9.57 3.92
C ARG A 90 9.86 -10.22 5.21
N LYS A 91 8.55 -10.29 5.38
CA LYS A 91 7.95 -10.89 6.57
C LYS A 91 8.42 -12.33 6.75
N ALA A 92 8.50 -13.06 5.64
CA ALA A 92 8.93 -14.45 5.67
C ALA A 92 10.32 -14.58 6.28
N GLU A 93 11.24 -13.71 5.85
CA GLU A 93 12.60 -13.73 6.36
C GLU A 93 12.64 -13.30 7.82
N GLU A 94 11.78 -12.35 8.19
CA GLU A 94 11.72 -11.85 9.56
C GLU A 94 11.38 -12.97 10.53
N ILE A 95 10.24 -13.63 10.29
CA ILE A 95 9.81 -14.72 11.15
C ILE A 95 10.81 -15.86 11.14
N ALA A 96 11.46 -16.09 10.00
CA ALA A 96 12.44 -17.14 9.87
C ALA A 96 13.55 -16.99 10.91
N ALA A 97 13.92 -15.75 11.20
CA ALA A 97 14.96 -15.48 12.18
C ALA A 97 14.50 -15.87 13.59
N LYS A 98 13.26 -15.53 13.91
CA LYS A 98 12.70 -15.85 15.23
C LYS A 98 12.58 -17.36 15.41
N LYS A 99 11.89 -18.01 14.50
CA LYS A 99 11.70 -19.46 14.56
C LYS A 99 12.82 -20.18 13.83
N THR A 1 -12.47 -17.15 -5.98
CA THR A 1 -12.28 -15.89 -5.29
C THR A 1 -10.89 -15.31 -5.57
N ASP A 2 -10.81 -14.00 -5.70
CA ASP A 2 -9.54 -13.33 -5.96
C ASP A 2 -9.39 -12.08 -5.11
N HIS A 3 -8.20 -11.89 -4.55
CA HIS A 3 -7.92 -10.74 -3.70
C HIS A 3 -6.72 -9.96 -4.21
N GLN A 4 -6.86 -8.64 -4.29
CA GLN A 4 -5.79 -7.78 -4.77
C GLN A 4 -5.56 -6.61 -3.81
N THR A 5 -4.30 -6.39 -3.46
CA THR A 5 -3.94 -5.30 -2.55
C THR A 5 -2.55 -4.76 -2.86
N VAL A 6 -2.46 -3.45 -3.02
CA VAL A 6 -1.18 -2.81 -3.31
C VAL A 6 -0.76 -1.88 -2.18
N TYR A 7 0.56 -1.76 -1.98
CA TYR A 7 1.09 -0.91 -0.92
C TYR A 7 1.81 0.30 -1.51
N VAL A 8 1.47 1.48 -1.00
CA VAL A 8 2.08 2.72 -1.48
C VAL A 8 2.60 3.56 -0.32
N LYS A 9 3.69 4.28 -0.56
CA LYS A 9 4.29 5.13 0.46
C LYS A 9 3.25 6.04 1.09
N PRO A 10 3.53 6.50 2.32
CA PRO A 10 2.62 7.39 3.06
C PRO A 10 2.55 8.78 2.45
N VAL A 11 1.54 9.55 2.83
CA VAL A 11 1.36 10.90 2.32
C VAL A 11 1.66 11.94 3.41
N PRO A 12 2.02 13.15 2.97
CA PRO A 12 2.34 14.26 3.88
C PRO A 12 1.11 14.78 4.61
N PRO A 13 1.34 15.61 5.64
CA PRO A 13 0.26 16.20 6.43
C PRO A 13 -0.54 17.24 5.66
N THR A 14 0.05 17.72 4.57
CA THR A 14 -0.61 18.73 3.74
C THR A 14 -1.52 18.07 2.70
N ALA A 15 -1.11 16.91 2.20
CA ALA A 15 -1.89 16.18 1.21
C ALA A 15 -3.28 15.84 1.75
N THR A 16 -4.29 16.56 1.27
CA THR A 16 -5.66 16.35 1.70
C THR A 16 -6.31 15.20 0.93
N LEU A 17 -7.50 14.81 1.37
CA LEU A 17 -8.23 13.71 0.71
C LEU A 17 -8.64 14.11 -0.70
N GLU A 18 -9.08 15.35 -0.87
CA GLU A 18 -9.50 15.85 -2.18
C GLU A 18 -8.34 15.84 -3.15
N GLN A 19 -7.16 16.22 -2.67
CA GLN A 19 -5.97 16.26 -3.50
C GLN A 19 -5.57 14.86 -3.96
N LEU A 20 -5.54 13.93 -3.01
CA LEU A 20 -5.18 12.55 -3.31
C LEU A 20 -6.12 11.95 -4.35
N THR A 21 -7.42 11.96 -4.06
CA THR A 21 -8.42 11.41 -4.97
C THR A 21 -8.30 12.05 -6.34
N GLU A 22 -8.19 13.38 -6.37
CA GLU A 22 -8.07 14.12 -7.62
C GLU A 22 -6.93 13.57 -8.47
N PHE A 23 -5.73 13.54 -7.89
CA PHE A 23 -4.55 13.04 -8.59
C PHE A 23 -4.80 11.63 -9.12
N PHE A 24 -5.36 10.78 -8.27
CA PHE A 24 -5.65 9.39 -8.65
C PHE A 24 -6.49 9.34 -9.92
N SER A 25 -7.67 9.93 -9.86
CA SER A 25 -8.58 9.94 -11.01
C SER A 25 -7.89 10.55 -12.23
N LYS A 26 -7.09 11.58 -12.01
CA LYS A 26 -6.37 12.25 -13.08
C LYS A 26 -5.43 11.28 -13.79
N HIS A 27 -4.82 10.38 -13.03
CA HIS A 27 -3.90 9.40 -13.58
C HIS A 27 -3.99 8.07 -12.83
N GLY A 28 -4.49 7.04 -13.51
CA GLY A 28 -4.63 5.74 -12.89
C GLY A 28 -6.03 5.48 -12.39
N THR A 29 -6.48 4.24 -12.50
CA THR A 29 -7.82 3.86 -12.06
C THR A 29 -7.76 2.99 -10.81
N VAL A 30 -8.26 3.51 -9.70
CA VAL A 30 -8.27 2.77 -8.44
C VAL A 30 -9.68 2.60 -7.91
N GLN A 31 -9.95 1.44 -7.31
CA GLN A 31 -11.27 1.16 -6.75
C GLN A 31 -11.49 1.93 -5.46
N ALA A 32 -10.61 1.71 -4.48
CA ALA A 32 -10.71 2.38 -3.19
C ALA A 32 -9.37 2.43 -2.49
N VAL A 33 -9.29 3.20 -1.41
CA VAL A 33 -8.06 3.32 -0.64
C VAL A 33 -8.35 3.50 0.84
N TRP A 34 -7.48 2.95 1.69
CA TRP A 34 -7.64 3.04 3.13
C TRP A 34 -6.33 2.77 3.85
N ARG A 35 -6.31 2.99 5.16
CA ARG A 35 -5.11 2.76 5.96
C ARG A 35 -5.46 2.65 7.44
N ARG A 36 -4.75 1.77 8.14
CA ARG A 36 -5.00 1.55 9.56
C ARG A 36 -3.71 1.14 10.27
N TYR A 37 -3.64 1.41 11.57
CA TYR A 37 -2.47 1.07 12.36
C TYR A 37 -2.87 0.65 13.78
N PHE A 38 -2.42 -0.53 14.18
CA PHE A 38 -2.73 -1.04 15.51
C PHE A 38 -1.74 -0.52 16.54
N ALA A 39 -2.25 0.15 17.56
CA ALA A 39 -1.41 0.71 18.62
C ALA A 39 -0.94 -0.38 19.58
N GLY A 40 -1.75 -1.42 19.74
CA GLY A 40 -1.41 -2.51 20.63
C GLY A 40 -1.83 -2.26 22.06
N LYS A 41 -2.80 -3.04 22.53
CA LYS A 41 -3.30 -2.89 23.89
C LYS A 41 -3.48 -4.25 24.56
N LYS A 42 -2.44 -5.07 24.51
CA LYS A 42 -2.48 -6.40 25.10
C LYS A 42 -1.10 -6.83 25.59
N ASP A 43 -1.03 -7.98 26.25
CA ASP A 43 0.23 -8.50 26.76
C ASP A 43 0.82 -9.52 25.79
N ALA A 44 0.51 -9.37 24.51
CA ALA A 44 1.00 -10.28 23.49
C ALA A 44 1.94 -9.56 22.51
N PRO A 45 2.77 -10.34 21.80
CA PRO A 45 3.72 -9.80 20.83
C PRO A 45 3.02 -9.23 19.59
N PRO A 46 3.79 -8.49 18.78
CA PRO A 46 3.26 -7.87 17.55
C PRO A 46 2.94 -8.91 16.47
N GLU A 47 1.68 -9.31 16.41
CA GLU A 47 1.24 -10.30 15.43
C GLU A 47 0.80 -9.61 14.14
N SER A 48 0.09 -8.49 14.28
CA SER A 48 -0.39 -7.75 13.13
C SER A 48 0.67 -6.80 12.60
N ARG A 49 0.45 -6.26 11.41
CA ARG A 49 1.39 -5.34 10.79
C ARG A 49 0.86 -3.91 10.83
N THR A 50 1.53 -3.06 11.60
CA THR A 50 1.13 -1.66 11.72
C THR A 50 2.18 -0.73 11.13
N LYS A 51 1.86 -0.15 9.97
CA LYS A 51 2.78 0.76 9.30
C LYS A 51 2.03 1.96 8.74
N PRO A 52 2.76 3.07 8.52
CA PRO A 52 2.18 4.30 7.98
C PRO A 52 1.79 4.17 6.51
N SER A 53 2.32 3.13 5.86
CA SER A 53 2.02 2.90 4.45
C SER A 53 0.52 2.84 4.22
N VAL A 54 0.10 3.18 3.00
CA VAL A 54 -1.32 3.17 2.65
C VAL A 54 -1.65 1.98 1.75
N PHE A 55 -2.87 1.46 1.89
CA PHE A 55 -3.31 0.32 1.10
C PHE A 55 -4.33 0.76 0.04
N VAL A 56 -4.07 0.38 -1.21
CA VAL A 56 -4.96 0.74 -2.31
C VAL A 56 -5.38 -0.51 -3.09
N VAL A 57 -6.65 -0.53 -3.48
CA VAL A 57 -7.19 -1.66 -4.24
C VAL A 57 -7.67 -1.22 -5.62
N PHE A 58 -7.06 -1.78 -6.65
CA PHE A 58 -7.42 -1.44 -8.04
C PHE A 58 -8.61 -2.28 -8.50
N ASN A 59 -9.45 -1.68 -9.33
CA ASN A 59 -10.63 -2.37 -9.85
C ASN A 59 -10.28 -3.16 -11.11
N SER A 60 -9.56 -2.53 -12.03
CA SER A 60 -9.17 -3.17 -13.27
C SER A 60 -7.98 -4.09 -13.06
N SER A 61 -8.08 -5.32 -13.57
CA SER A 61 -7.01 -6.30 -13.43
C SER A 61 -5.74 -5.82 -14.12
N GLU A 62 -5.89 -5.38 -15.37
CA GLU A 62 -4.75 -4.89 -16.14
C GLU A 62 -4.04 -3.75 -15.42
N GLU A 63 -4.79 -2.70 -15.10
CA GLU A 63 -4.23 -1.55 -14.40
C GLU A 63 -3.68 -1.95 -13.04
N ALA A 64 -4.33 -2.91 -12.40
CA ALA A 64 -3.91 -3.39 -11.09
C ALA A 64 -2.50 -3.95 -11.15
N GLU A 65 -2.27 -4.90 -12.06
CA GLU A 65 -0.96 -5.52 -12.21
C GLU A 65 0.07 -4.50 -12.67
N ALA A 66 -0.35 -3.61 -13.57
CA ALA A 66 0.55 -2.58 -14.10
C ALA A 66 1.12 -1.72 -12.97
N PHE A 67 0.26 -1.29 -12.06
CA PHE A 67 0.68 -0.46 -10.94
C PHE A 67 1.48 -1.28 -9.93
N GLN A 68 1.08 -2.52 -9.74
CA GLN A 68 1.76 -3.41 -8.81
C GLN A 68 3.23 -3.56 -9.19
N LYS A 69 3.50 -3.77 -10.47
CA LYS A 69 4.86 -3.93 -10.96
C LYS A 69 5.70 -2.70 -10.64
N ALA A 70 5.38 -1.58 -11.29
CA ALA A 70 6.11 -0.34 -11.08
C ALA A 70 5.15 0.79 -10.69
N PRO A 71 5.70 1.85 -10.08
CA PRO A 71 4.93 3.01 -9.65
C PRO A 71 4.41 3.83 -10.82
N PRO A 72 3.48 4.76 -10.54
CA PRO A 72 2.89 5.63 -11.56
C PRO A 72 3.88 6.66 -12.09
N MET A 73 4.78 7.12 -11.22
CA MET A 73 5.78 8.10 -11.62
C MET A 73 5.13 9.41 -12.05
N TYR A 74 5.00 10.34 -11.11
CA TYR A 74 4.38 11.63 -11.40
C TYR A 74 5.38 12.77 -11.16
N ASP A 75 5.57 13.59 -12.18
CA ASP A 75 6.50 14.72 -12.08
C ASP A 75 6.18 15.57 -10.86
N ASP A 76 4.90 15.86 -10.64
CA ASP A 76 4.47 16.66 -9.50
C ASP A 76 5.05 16.10 -8.21
N VAL A 77 4.66 14.88 -7.86
CA VAL A 77 5.15 14.24 -6.65
C VAL A 77 5.63 12.82 -6.93
N GLN A 78 6.82 12.49 -6.41
CA GLN A 78 7.39 11.18 -6.60
C GLN A 78 6.58 10.10 -5.88
N LEU A 79 6.09 9.13 -6.64
CA LEU A 79 5.29 8.05 -6.07
C LEU A 79 6.13 6.79 -5.90
N THR A 80 5.95 6.12 -4.76
CA THR A 80 6.69 4.90 -4.47
C THR A 80 5.75 3.75 -4.13
N ALA A 81 5.56 2.83 -5.07
CA ALA A 81 4.68 1.69 -4.86
C ALA A 81 5.48 0.39 -4.84
N GLU A 82 5.06 -0.53 -3.97
CA GLU A 82 5.73 -1.82 -3.84
C GLU A 82 4.82 -2.95 -4.29
N MET A 83 5.41 -4.14 -4.46
CA MET A 83 4.65 -5.31 -4.89
C MET A 83 4.39 -6.24 -3.71
N LYS A 84 3.30 -7.01 -3.79
CA LYS A 84 2.94 -7.95 -2.73
C LYS A 84 4.02 -9.01 -2.55
N THR A 85 4.66 -9.39 -3.66
CA THR A 85 5.71 -10.39 -3.62
C THR A 85 6.86 -9.95 -2.72
N THR A 86 7.28 -8.70 -2.89
CA THR A 86 8.38 -8.16 -2.10
C THR A 86 8.10 -8.29 -0.60
N TYR A 87 6.99 -7.70 -0.16
CA TYR A 87 6.61 -7.75 1.25
C TYR A 87 6.55 -9.20 1.74
N LEU A 88 5.93 -10.06 0.96
CA LEU A 88 5.80 -11.47 1.31
C LEU A 88 7.17 -12.07 1.61
N GLU A 89 8.15 -11.77 0.76
CA GLU A 89 9.50 -12.29 0.94
C GLU A 89 10.14 -11.71 2.20
N ARG A 90 9.88 -10.44 2.46
CA ARG A 90 10.43 -9.77 3.64
C ARG A 90 9.99 -10.47 4.92
N LYS A 91 8.68 -10.55 5.13
CA LYS A 91 8.12 -11.19 6.30
C LYS A 91 8.56 -12.65 6.38
N ALA A 92 8.52 -13.34 5.25
CA ALA A 92 8.91 -14.74 5.19
C ALA A 92 10.32 -14.94 5.73
N GLU A 93 11.23 -14.05 5.35
CA GLU A 93 12.61 -14.13 5.80
C GLU A 93 12.72 -13.78 7.29
N GLU A 94 11.97 -12.78 7.72
CA GLU A 94 11.97 -12.35 9.11
C GLU A 94 11.63 -13.51 10.04
N ILE A 95 10.49 -14.16 9.77
CA ILE A 95 10.05 -15.28 10.58
C ILE A 95 11.01 -16.47 10.46
N ALA A 96 11.59 -16.62 9.27
CA ALA A 96 12.52 -17.70 9.02
C ALA A 96 13.71 -17.63 9.95
N ALA A 97 14.23 -16.42 10.17
CA ALA A 97 15.37 -16.22 11.05
C ALA A 97 15.01 -16.49 12.49
N LYS A 98 13.81 -16.06 12.90
CA LYS A 98 13.35 -16.27 14.26
C LYS A 98 13.19 -17.74 14.57
N LYS A 99 12.50 -18.47 13.69
CA LYS A 99 12.29 -19.90 13.87
C LYS A 99 13.51 -20.69 13.42
N THR A 1 -12.42 -17.32 -5.32
CA THR A 1 -12.26 -16.00 -4.71
C THR A 1 -10.87 -15.44 -4.99
N ASP A 2 -10.83 -14.16 -5.35
CA ASP A 2 -9.56 -13.49 -5.64
C ASP A 2 -9.40 -12.23 -4.80
N HIS A 3 -8.20 -12.03 -4.27
CA HIS A 3 -7.90 -10.87 -3.43
C HIS A 3 -6.72 -10.08 -3.99
N GLN A 4 -6.91 -8.78 -4.18
CA GLN A 4 -5.86 -7.92 -4.70
C GLN A 4 -5.62 -6.74 -3.77
N THR A 5 -4.36 -6.51 -3.41
CA THR A 5 -3.99 -5.42 -2.53
C THR A 5 -2.61 -4.87 -2.87
N VAL A 6 -2.52 -3.55 -3.00
CA VAL A 6 -1.25 -2.91 -3.33
C VAL A 6 -0.79 -2.00 -2.18
N TYR A 7 0.53 -1.88 -2.04
CA TYR A 7 1.11 -1.05 -0.99
C TYR A 7 1.79 0.18 -1.58
N VAL A 8 1.49 1.34 -1.01
CA VAL A 8 2.08 2.60 -1.48
C VAL A 8 2.57 3.43 -0.31
N LYS A 9 3.68 4.15 -0.53
CA LYS A 9 4.25 5.00 0.50
C LYS A 9 3.21 5.94 1.09
N PRO A 10 3.45 6.41 2.32
CA PRO A 10 2.53 7.32 3.02
C PRO A 10 2.51 8.71 2.39
N VAL A 11 1.51 9.50 2.76
CA VAL A 11 1.36 10.85 2.23
C VAL A 11 1.69 11.89 3.30
N PRO A 12 2.09 13.09 2.85
CA PRO A 12 2.44 14.20 3.74
C PRO A 12 1.22 14.77 4.46
N PRO A 13 1.47 15.60 5.48
CA PRO A 13 0.41 16.23 6.27
C PRO A 13 -0.37 17.27 5.48
N THR A 14 0.23 17.73 4.39
CA THR A 14 -0.41 18.74 3.54
C THR A 14 -1.38 18.09 2.55
N ALA A 15 -0.99 16.95 2.02
CA ALA A 15 -1.83 16.24 1.06
C ALA A 15 -3.19 15.89 1.67
N THR A 16 -4.23 16.57 1.20
CA THR A 16 -5.58 16.34 1.70
C THR A 16 -6.25 15.18 0.96
N LEU A 17 -7.45 14.82 1.41
CA LEU A 17 -8.20 13.74 0.80
C LEU A 17 -8.69 14.13 -0.60
N GLU A 18 -9.16 15.37 -0.72
CA GLU A 18 -9.65 15.87 -2.00
C GLU A 18 -8.54 15.92 -3.04
N GLN A 19 -7.35 16.34 -2.61
CA GLN A 19 -6.20 16.44 -3.49
C GLN A 19 -5.74 15.05 -3.95
N LEU A 20 -5.73 14.10 -3.02
CA LEU A 20 -5.32 12.74 -3.32
C LEU A 20 -6.24 12.11 -4.36
N THR A 21 -7.54 12.19 -4.09
CA THR A 21 -8.54 11.61 -5.01
C THR A 21 -8.47 12.29 -6.37
N GLU A 22 -8.36 13.61 -6.38
CA GLU A 22 -8.29 14.36 -7.62
C GLU A 22 -7.13 13.88 -8.49
N PHE A 23 -5.92 13.92 -7.93
CA PHE A 23 -4.73 13.48 -8.65
C PHE A 23 -4.89 12.05 -9.14
N PHE A 24 -5.44 11.19 -8.28
CA PHE A 24 -5.64 9.79 -8.62
C PHE A 24 -6.47 9.66 -9.90
N SER A 25 -7.66 10.26 -9.89
CA SER A 25 -8.55 10.20 -11.03
C SER A 25 -7.86 10.72 -12.28
N LYS A 26 -7.01 11.73 -12.11
CA LYS A 26 -6.28 12.32 -13.22
C LYS A 26 -5.34 11.29 -13.87
N HIS A 27 -4.77 10.43 -13.05
CA HIS A 27 -3.87 9.39 -13.53
C HIS A 27 -3.99 8.12 -12.71
N GLY A 28 -4.49 7.05 -13.33
CA GLY A 28 -4.65 5.80 -12.63
C GLY A 28 -6.06 5.61 -12.10
N THR A 29 -6.59 4.40 -12.25
CA THR A 29 -7.94 4.09 -11.77
C THR A 29 -7.89 3.14 -10.58
N VAL A 30 -8.36 3.63 -9.43
CA VAL A 30 -8.37 2.83 -8.22
C VAL A 30 -9.80 2.66 -7.69
N GLN A 31 -10.07 1.50 -7.09
CA GLN A 31 -11.39 1.22 -6.54
C GLN A 31 -11.59 1.92 -5.21
N ALA A 32 -10.69 1.66 -4.27
CA ALA A 32 -10.76 2.28 -2.94
C ALA A 32 -9.38 2.34 -2.28
N VAL A 33 -9.26 3.17 -1.26
CA VAL A 33 -8.01 3.32 -0.54
C VAL A 33 -8.24 3.56 0.95
N TRP A 34 -7.36 2.99 1.77
CA TRP A 34 -7.47 3.13 3.22
C TRP A 34 -6.17 2.74 3.91
N ARG A 35 -6.09 3.02 5.21
CA ARG A 35 -4.90 2.69 5.98
C ARG A 35 -5.23 2.56 7.47
N ARG A 36 -4.49 1.70 8.16
CA ARG A 36 -4.71 1.47 9.58
C ARG A 36 -3.40 1.14 10.29
N TYR A 37 -3.38 1.32 11.61
CA TYR A 37 -2.19 1.04 12.39
C TYR A 37 -2.56 0.53 13.78
N PHE A 38 -2.14 -0.69 14.09
CA PHE A 38 -2.43 -1.30 15.38
C PHE A 38 -1.41 -0.87 16.43
N ALA A 39 -1.90 -0.28 17.52
CA ALA A 39 -1.02 0.17 18.60
C ALA A 39 -0.69 -0.97 19.55
N GLY A 40 -1.61 -1.92 19.68
CA GLY A 40 -1.40 -3.05 20.57
C GLY A 40 -1.84 -2.76 21.99
N LYS A 41 -2.86 -3.47 22.46
CA LYS A 41 -3.38 -3.29 23.81
C LYS A 41 -3.65 -4.63 24.47
N LYS A 42 -2.65 -5.50 24.47
CA LYS A 42 -2.78 -6.82 25.08
C LYS A 42 -1.44 -7.32 25.59
N ASP A 43 -1.44 -8.50 26.19
CA ASP A 43 -0.22 -9.09 26.73
C ASP A 43 0.36 -10.13 25.77
N ALA A 44 0.12 -9.93 24.49
CA ALA A 44 0.61 -10.85 23.47
C ALA A 44 1.61 -10.15 22.54
N PRO A 45 2.43 -10.96 21.85
CA PRO A 45 3.44 -10.44 20.92
C PRO A 45 2.82 -9.82 19.67
N PRO A 46 3.65 -9.10 18.90
CA PRO A 46 3.20 -8.44 17.66
C PRO A 46 2.88 -9.45 16.56
N GLU A 47 1.58 -9.70 16.36
CA GLU A 47 1.14 -10.64 15.33
C GLU A 47 0.74 -9.90 14.06
N SER A 48 0.09 -8.75 14.23
CA SER A 48 -0.35 -7.94 13.11
C SER A 48 0.74 -7.00 12.64
N ARG A 49 0.54 -6.39 11.47
CA ARG A 49 1.51 -5.46 10.92
C ARG A 49 0.98 -4.03 10.96
N THR A 50 1.70 -3.17 11.69
CA THR A 50 1.31 -1.77 11.83
C THR A 50 2.35 -0.84 11.22
N LYS A 51 2.02 -0.26 10.07
CA LYS A 51 2.93 0.65 9.39
C LYS A 51 2.18 1.85 8.82
N PRO A 52 2.90 2.95 8.60
CA PRO A 52 2.32 4.18 8.04
C PRO A 52 1.91 4.02 6.58
N SER A 53 2.44 2.99 5.92
CA SER A 53 2.13 2.74 4.53
C SER A 53 0.63 2.67 4.30
N VAL A 54 0.19 3.05 3.11
CA VAL A 54 -1.22 3.03 2.77
C VAL A 54 -1.55 1.85 1.85
N PHE A 55 -2.76 1.34 1.96
CA PHE A 55 -3.21 0.22 1.14
C PHE A 55 -4.25 0.66 0.12
N VAL A 56 -4.01 0.32 -1.14
CA VAL A 56 -4.93 0.69 -2.22
C VAL A 56 -5.36 -0.54 -3.01
N VAL A 57 -6.63 -0.56 -3.42
CA VAL A 57 -7.17 -1.68 -4.18
C VAL A 57 -7.63 -1.23 -5.56
N PHE A 58 -7.01 -1.76 -6.60
CA PHE A 58 -7.37 -1.41 -7.97
C PHE A 58 -8.59 -2.18 -8.43
N ASN A 59 -9.43 -1.53 -9.22
CA ASN A 59 -10.65 -2.15 -9.73
C ASN A 59 -10.36 -2.93 -11.01
N SER A 60 -9.62 -2.30 -11.92
CA SER A 60 -9.27 -2.93 -13.20
C SER A 60 -8.08 -3.87 -13.03
N SER A 61 -8.21 -5.08 -13.56
CA SER A 61 -7.15 -6.07 -13.48
C SER A 61 -5.89 -5.58 -14.20
N GLU A 62 -6.06 -5.13 -15.43
CA GLU A 62 -4.95 -4.64 -16.24
C GLU A 62 -4.19 -3.54 -15.49
N GLU A 63 -4.90 -2.47 -15.13
CA GLU A 63 -4.30 -1.35 -14.42
C GLU A 63 -3.72 -1.82 -13.09
N ALA A 64 -4.41 -2.75 -12.44
CA ALA A 64 -3.96 -3.27 -11.15
C ALA A 64 -2.54 -3.83 -11.25
N GLU A 65 -2.35 -4.76 -12.19
CA GLU A 65 -1.04 -5.39 -12.38
C GLU A 65 -0.02 -4.36 -12.84
N ALA A 66 -0.46 -3.44 -13.71
CA ALA A 66 0.43 -2.41 -14.24
C ALA A 66 1.07 -1.62 -13.11
N PHE A 67 0.26 -1.18 -12.16
CA PHE A 67 0.75 -0.41 -11.02
C PHE A 67 1.54 -1.29 -10.07
N GLN A 68 1.09 -2.53 -9.91
CA GLN A 68 1.76 -3.47 -9.01
C GLN A 68 3.23 -3.63 -9.39
N LYS A 69 3.49 -3.81 -10.68
CA LYS A 69 4.85 -3.98 -11.18
C LYS A 69 5.71 -2.77 -10.83
N ALA A 70 5.40 -1.64 -11.44
CA ALA A 70 6.14 -0.40 -11.19
C ALA A 70 5.20 0.73 -10.79
N PRO A 71 5.76 1.76 -10.14
CA PRO A 71 5.00 2.92 -9.69
C PRO A 71 4.50 3.78 -10.84
N PRO A 72 3.58 4.71 -10.54
CA PRO A 72 3.01 5.62 -11.54
C PRO A 72 4.02 6.64 -12.05
N MET A 73 4.92 7.06 -11.17
CA MET A 73 5.94 8.04 -11.53
C MET A 73 5.31 9.36 -11.94
N TYR A 74 5.19 10.28 -10.98
CA TYR A 74 4.61 11.58 -11.24
C TYR A 74 5.61 12.70 -10.97
N ASP A 75 5.82 13.55 -11.98
CA ASP A 75 6.76 14.65 -11.86
C ASP A 75 6.45 15.50 -10.64
N ASP A 76 5.17 15.79 -10.44
CA ASP A 76 4.73 16.60 -9.30
C ASP A 76 5.27 16.02 -7.99
N VAL A 77 4.86 14.80 -7.68
CA VAL A 77 5.30 14.14 -6.45
C VAL A 77 5.79 12.72 -6.74
N GLN A 78 6.99 12.40 -6.26
CA GLN A 78 7.56 11.08 -6.47
C GLN A 78 6.72 10.01 -5.77
N LEU A 79 6.25 9.04 -6.54
CA LEU A 79 5.44 7.95 -6.00
C LEU A 79 6.27 6.69 -5.81
N THR A 80 6.05 5.99 -4.71
CA THR A 80 6.78 4.76 -4.42
C THR A 80 5.81 3.62 -4.10
N ALA A 81 5.61 2.74 -5.07
CA ALA A 81 4.72 1.59 -4.89
C ALA A 81 5.51 0.29 -4.84
N GLU A 82 5.06 -0.64 -3.99
CA GLU A 82 5.73 -1.92 -3.85
C GLU A 82 4.82 -3.06 -4.32
N MET A 83 5.39 -4.25 -4.47
CA MET A 83 4.64 -5.41 -4.91
C MET A 83 4.34 -6.34 -3.75
N LYS A 84 3.31 -7.16 -3.89
CA LYS A 84 2.92 -8.11 -2.86
C LYS A 84 4.03 -9.12 -2.60
N THR A 85 4.67 -9.57 -3.68
CA THR A 85 5.75 -10.55 -3.58
C THR A 85 6.86 -10.04 -2.67
N THR A 86 7.24 -8.77 -2.86
CA THR A 86 8.30 -8.16 -2.05
C THR A 86 7.99 -8.29 -0.56
N TYR A 87 6.85 -7.75 -0.16
CA TYR A 87 6.45 -7.79 1.24
C TYR A 87 6.47 -9.22 1.77
N LEU A 88 5.88 -10.13 1.00
CA LEU A 88 5.83 -11.54 1.38
C LEU A 88 7.22 -12.07 1.70
N GLU A 89 8.19 -11.73 0.85
CA GLU A 89 9.56 -12.17 1.04
C GLU A 89 10.16 -11.55 2.30
N ARG A 90 9.83 -10.29 2.55
CA ARG A 90 10.34 -9.59 3.71
C ARG A 90 9.91 -10.28 5.00
N LYS A 91 8.59 -10.44 5.17
CA LYS A 91 8.04 -11.08 6.36
C LYS A 91 8.55 -12.51 6.48
N ALA A 92 8.61 -13.22 5.36
CA ALA A 92 9.08 -14.60 5.35
C ALA A 92 10.49 -14.70 5.92
N GLU A 93 11.36 -13.77 5.50
CA GLU A 93 12.74 -13.76 5.96
C GLU A 93 12.81 -13.37 7.44
N GLU A 94 11.95 -12.44 7.84
CA GLU A 94 11.93 -11.98 9.22
C GLU A 94 11.65 -13.14 10.17
N ILE A 95 10.56 -13.86 9.92
CA ILE A 95 10.18 -15.00 10.74
C ILE A 95 11.21 -16.12 10.65
N ALA A 96 11.81 -16.26 9.47
CA ALA A 96 12.82 -17.30 9.25
C ALA A 96 13.97 -17.16 10.23
N ALA A 97 14.35 -15.92 10.51
CA ALA A 97 15.44 -15.65 11.44
C ALA A 97 15.09 -16.09 12.85
N LYS A 98 13.90 -15.72 13.30
CA LYS A 98 13.44 -16.08 14.65
C LYS A 98 13.27 -17.59 14.78
N LYS A 99 12.47 -18.18 13.89
CA LYS A 99 12.25 -19.61 13.91
C LYS A 99 13.26 -20.33 13.04
N THR A 1 -12.68 -17.43 -5.49
CA THR A 1 -12.52 -16.10 -4.92
C THR A 1 -11.12 -15.54 -5.20
N ASP A 2 -11.05 -14.25 -5.50
CA ASP A 2 -9.78 -13.59 -5.77
C ASP A 2 -9.64 -12.31 -4.97
N HIS A 3 -8.47 -12.11 -4.36
CA HIS A 3 -8.21 -10.92 -3.57
C HIS A 3 -6.94 -10.22 -4.04
N GLN A 4 -7.05 -8.92 -4.27
CA GLN A 4 -5.91 -8.13 -4.73
C GLN A 4 -5.72 -6.88 -3.86
N THR A 5 -4.48 -6.64 -3.46
CA THR A 5 -4.16 -5.49 -2.63
C THR A 5 -2.77 -4.95 -2.93
N VAL A 6 -2.68 -3.64 -3.16
CA VAL A 6 -1.40 -3.01 -3.46
C VAL A 6 -0.94 -2.13 -2.31
N TYR A 7 0.37 -2.05 -2.12
CA TYR A 7 0.95 -1.25 -1.04
C TYR A 7 1.71 -0.06 -1.60
N VAL A 8 1.39 1.13 -1.08
CA VAL A 8 2.05 2.36 -1.53
C VAL A 8 2.56 3.17 -0.35
N LYS A 9 3.68 3.86 -0.55
CA LYS A 9 4.27 4.68 0.50
C LYS A 9 3.25 5.63 1.10
N PRO A 10 3.50 6.07 2.34
CA PRO A 10 2.61 6.99 3.05
C PRO A 10 2.61 8.39 2.44
N VAL A 11 1.65 9.21 2.85
CA VAL A 11 1.53 10.57 2.34
C VAL A 11 1.91 11.58 3.42
N PRO A 12 2.34 12.77 2.98
CA PRO A 12 2.74 13.85 3.89
C PRO A 12 1.55 14.45 4.64
N PRO A 13 1.85 15.26 5.67
CA PRO A 13 0.81 15.90 6.48
C PRO A 13 0.06 16.99 5.72
N THR A 14 0.66 17.45 4.62
CA THR A 14 0.04 18.48 3.80
C THR A 14 -0.96 17.89 2.82
N ALA A 15 -0.61 16.75 2.24
CA ALA A 15 -1.50 16.08 1.28
C ALA A 15 -2.83 15.73 1.93
N THR A 16 -3.89 16.40 1.47
CA THR A 16 -5.23 16.17 2.00
C THR A 16 -5.92 15.02 1.26
N LEU A 17 -7.11 14.66 1.73
CA LEU A 17 -7.87 13.58 1.12
C LEU A 17 -8.37 13.98 -0.26
N GLU A 18 -8.86 15.21 -0.37
CA GLU A 18 -9.37 15.71 -1.64
C GLU A 18 -8.26 15.79 -2.69
N GLN A 19 -7.08 16.24 -2.25
CA GLN A 19 -5.94 16.36 -3.14
C GLN A 19 -5.48 14.99 -3.65
N LEU A 20 -5.40 14.04 -2.72
CA LEU A 20 -4.98 12.68 -3.07
C LEU A 20 -5.92 12.06 -4.10
N THR A 21 -7.21 12.08 -3.79
CA THR A 21 -8.21 11.51 -4.68
C THR A 21 -8.18 12.20 -6.05
N GLU A 22 -8.02 13.52 -6.03
CA GLU A 22 -7.97 14.29 -7.28
C GLU A 22 -6.84 13.80 -8.18
N PHE A 23 -5.62 13.80 -7.64
CA PHE A 23 -4.45 13.37 -8.39
C PHE A 23 -4.64 11.94 -8.91
N PHE A 24 -5.19 11.07 -8.06
CA PHE A 24 -5.43 9.69 -8.43
C PHE A 24 -6.30 9.60 -9.67
N SER A 25 -7.46 10.24 -9.64
CA SER A 25 -8.38 10.23 -10.76
C SER A 25 -7.72 10.80 -12.02
N LYS A 26 -6.85 11.78 -11.81
CA LYS A 26 -6.15 12.43 -12.92
C LYS A 26 -5.26 11.41 -13.65
N HIS A 27 -4.68 10.49 -12.89
CA HIS A 27 -3.81 9.48 -13.46
C HIS A 27 -3.99 8.13 -12.75
N GLY A 28 -4.58 7.17 -13.46
CA GLY A 28 -4.81 5.87 -12.88
C GLY A 28 -6.20 5.72 -12.32
N THR A 29 -6.79 4.53 -12.48
CA THR A 29 -8.13 4.27 -11.97
C THR A 29 -8.09 3.27 -10.82
N VAL A 30 -8.46 3.74 -9.64
CA VAL A 30 -8.48 2.89 -8.44
C VAL A 30 -9.90 2.69 -7.94
N GLN A 31 -10.16 1.51 -7.38
CA GLN A 31 -11.48 1.19 -6.85
C GLN A 31 -11.71 1.86 -5.50
N ALA A 32 -10.78 1.64 -4.57
CA ALA A 32 -10.87 2.23 -3.24
C ALA A 32 -9.51 2.28 -2.57
N VAL A 33 -9.41 3.04 -1.48
CA VAL A 33 -8.17 3.18 -0.74
C VAL A 33 -8.42 3.38 0.75
N TRP A 34 -7.56 2.81 1.58
CA TRP A 34 -7.69 2.93 3.03
C TRP A 34 -6.38 2.61 3.73
N ARG A 35 -6.34 2.84 5.03
CA ARG A 35 -5.14 2.58 5.82
C ARG A 35 -5.48 2.40 7.29
N ARG A 36 -4.80 1.48 7.94
CA ARG A 36 -5.03 1.20 9.36
C ARG A 36 -3.72 0.91 10.08
N TYR A 37 -3.73 1.06 11.40
CA TYR A 37 -2.53 0.81 12.21
C TYR A 37 -2.91 0.23 13.57
N PHE A 38 -2.33 -0.91 13.91
CA PHE A 38 -2.60 -1.56 15.18
C PHE A 38 -1.75 -0.96 16.29
N ALA A 39 -2.41 -0.38 17.28
CA ALA A 39 -1.71 0.24 18.41
C ALA A 39 -1.24 -0.81 19.40
N GLY A 40 -1.99 -1.90 19.49
CA GLY A 40 -1.62 -2.98 20.41
C GLY A 40 -2.06 -2.70 21.83
N LYS A 41 -3.00 -3.50 22.32
CA LYS A 41 -3.51 -3.34 23.68
C LYS A 41 -3.65 -4.69 24.39
N LYS A 42 -2.57 -5.46 24.39
CA LYS A 42 -2.57 -6.77 25.02
C LYS A 42 -1.17 -7.13 25.52
N ASP A 43 -1.06 -8.27 26.20
CA ASP A 43 0.22 -8.73 26.72
C ASP A 43 0.86 -9.75 25.79
N ALA A 44 0.53 -9.65 24.50
CA ALA A 44 1.07 -10.57 23.50
C ALA A 44 2.03 -9.84 22.56
N PRO A 45 2.89 -10.62 21.88
CA PRO A 45 3.88 -10.08 20.94
C PRO A 45 3.23 -9.53 19.68
N PRO A 46 4.02 -8.78 18.89
CA PRO A 46 3.54 -8.17 17.64
C PRO A 46 3.26 -9.22 16.56
N GLU A 47 2.00 -9.62 16.45
CA GLU A 47 1.61 -10.60 15.46
C GLU A 47 1.08 -9.93 14.19
N SER A 48 0.37 -8.82 14.37
CA SER A 48 -0.19 -8.08 13.25
C SER A 48 0.85 -7.14 12.65
N ARG A 49 0.54 -6.60 11.47
CA ARG A 49 1.45 -5.69 10.79
C ARG A 49 0.92 -4.26 10.83
N THR A 50 1.58 -3.40 11.59
CA THR A 50 1.17 -2.01 11.71
C THR A 50 2.21 -1.07 11.10
N LYS A 51 1.89 -0.52 9.94
CA LYS A 51 2.79 0.40 9.24
C LYS A 51 2.02 1.58 8.67
N PRO A 52 2.73 2.69 8.43
CA PRO A 52 2.14 3.92 7.87
C PRO A 52 1.73 3.74 6.41
N SER A 53 2.26 2.70 5.77
CA SER A 53 1.95 2.43 4.37
C SER A 53 0.45 2.39 4.14
N VAL A 54 0.02 2.78 2.95
CA VAL A 54 -1.40 2.79 2.59
C VAL A 54 -1.74 1.63 1.66
N PHE A 55 -2.97 1.14 1.76
CA PHE A 55 -3.43 0.04 0.93
C PHE A 55 -4.45 0.52 -0.11
N VAL A 56 -4.19 0.19 -1.37
CA VAL A 56 -5.08 0.59 -2.46
C VAL A 56 -5.50 -0.62 -3.29
N VAL A 57 -6.76 -0.61 -3.74
CA VAL A 57 -7.29 -1.70 -4.54
C VAL A 57 -7.79 -1.20 -5.89
N PHE A 58 -7.14 -1.64 -6.96
CA PHE A 58 -7.53 -1.22 -8.31
C PHE A 58 -8.68 -2.08 -8.83
N ASN A 59 -9.58 -1.46 -9.57
CA ASN A 59 -10.74 -2.16 -10.13
C ASN A 59 -10.38 -2.84 -11.45
N SER A 60 -9.59 -2.14 -12.26
CA SER A 60 -9.16 -2.68 -13.55
C SER A 60 -8.00 -3.65 -13.38
N SER A 61 -8.17 -4.87 -13.90
CA SER A 61 -7.14 -5.89 -13.80
C SER A 61 -5.85 -5.43 -14.46
N GLU A 62 -5.96 -4.92 -15.69
CA GLU A 62 -4.80 -4.44 -16.43
C GLU A 62 -4.04 -3.40 -15.62
N GLU A 63 -4.73 -2.33 -15.23
CA GLU A 63 -4.11 -1.26 -14.45
C GLU A 63 -3.60 -1.79 -13.11
N ALA A 64 -4.23 -2.86 -12.63
CA ALA A 64 -3.84 -3.46 -11.36
C ALA A 64 -2.44 -4.08 -11.46
N GLU A 65 -2.21 -4.85 -12.50
CA GLU A 65 -0.92 -5.51 -12.70
C GLU A 65 0.15 -4.47 -13.07
N ALA A 66 -0.23 -3.50 -13.89
CA ALA A 66 0.69 -2.46 -14.32
C ALA A 66 1.21 -1.66 -13.12
N PHE A 67 0.29 -1.27 -12.23
CA PHE A 67 0.66 -0.50 -11.05
C PHE A 67 1.43 -1.36 -10.06
N GLN A 68 1.00 -2.61 -9.91
CA GLN A 68 1.64 -3.53 -8.98
C GLN A 68 3.11 -3.72 -9.34
N LYS A 69 3.39 -3.95 -10.62
CA LYS A 69 4.74 -4.14 -11.10
C LYS A 69 5.61 -2.93 -10.76
N ALA A 70 5.33 -1.80 -11.39
CA ALA A 70 6.08 -0.58 -11.15
C ALA A 70 5.16 0.57 -10.74
N PRO A 71 5.74 1.60 -10.12
CA PRO A 71 4.99 2.77 -9.67
C PRO A 71 4.49 3.63 -10.83
N PRO A 72 3.58 4.58 -10.52
CA PRO A 72 3.02 5.47 -11.54
C PRO A 72 4.04 6.48 -12.05
N MET A 73 4.95 6.90 -11.18
CA MET A 73 5.98 7.86 -11.55
C MET A 73 5.36 9.19 -11.95
N TYR A 74 5.27 10.11 -11.00
CA TYR A 74 4.69 11.43 -11.25
C TYR A 74 5.72 12.53 -11.00
N ASP A 75 5.93 13.37 -12.00
CA ASP A 75 6.88 14.48 -11.89
C ASP A 75 6.61 15.30 -10.65
N ASP A 76 5.34 15.62 -10.41
CA ASP A 76 4.95 16.40 -9.25
C ASP A 76 5.52 15.80 -7.96
N VAL A 77 5.05 14.61 -7.62
CA VAL A 77 5.52 13.93 -6.42
C VAL A 77 5.96 12.50 -6.72
N GLN A 78 7.15 12.14 -6.25
CA GLN A 78 7.68 10.81 -6.47
C GLN A 78 6.84 9.75 -5.77
N LEU A 79 6.30 8.81 -6.56
CA LEU A 79 5.47 7.75 -6.01
C LEU A 79 6.27 6.46 -5.86
N THR A 80 6.07 5.77 -4.75
CA THR A 80 6.77 4.51 -4.49
C THR A 80 5.79 3.40 -4.15
N ALA A 81 5.57 2.50 -5.10
CA ALA A 81 4.66 1.37 -4.90
C ALA A 81 5.42 0.05 -4.88
N GLU A 82 4.98 -0.87 -4.02
CA GLU A 82 5.61 -2.17 -3.90
C GLU A 82 4.67 -3.28 -4.38
N MET A 83 5.22 -4.47 -4.55
CA MET A 83 4.44 -5.61 -5.01
C MET A 83 4.12 -6.55 -3.85
N LYS A 84 3.03 -7.30 -3.99
CA LYS A 84 2.61 -8.24 -2.95
C LYS A 84 3.71 -9.27 -2.68
N THR A 85 4.37 -9.71 -3.73
CA THR A 85 5.44 -10.70 -3.61
C THR A 85 6.59 -10.16 -2.77
N THR A 86 7.00 -8.93 -3.06
CA THR A 86 8.09 -8.30 -2.34
C THR A 86 7.81 -8.25 -0.84
N TYR A 87 6.71 -7.61 -0.47
CA TYR A 87 6.32 -7.50 0.93
C TYR A 87 6.27 -8.87 1.59
N LEU A 88 5.61 -9.81 0.93
CA LEU A 88 5.47 -11.17 1.45
C LEU A 88 6.84 -11.74 1.82
N GLU A 89 7.81 -11.59 0.91
CA GLU A 89 9.16 -12.09 1.14
C GLU A 89 9.80 -11.37 2.32
N ARG A 90 9.56 -10.07 2.43
CA ARG A 90 10.13 -9.27 3.51
C ARG A 90 9.68 -9.81 4.87
N LYS A 91 8.37 -9.88 5.07
CA LYS A 91 7.81 -10.37 6.33
C LYS A 91 8.25 -11.80 6.60
N ALA A 92 8.29 -12.61 5.54
CA ALA A 92 8.70 -14.01 5.66
C ALA A 92 10.11 -14.12 6.22
N GLU A 93 11.01 -13.27 5.72
CA GLU A 93 12.40 -13.28 6.18
C GLU A 93 12.51 -12.74 7.61
N GLU A 94 11.69 -11.73 7.91
CA GLU A 94 11.69 -11.12 9.24
C GLU A 94 11.34 -12.15 10.31
N ILE A 95 10.13 -12.71 10.21
CA ILE A 95 9.68 -13.70 11.17
C ILE A 95 10.63 -14.89 11.23
N ALA A 96 11.21 -15.24 10.09
CA ALA A 96 12.13 -16.35 10.01
C ALA A 96 13.37 -16.09 10.87
N ALA A 97 13.85 -14.85 10.86
CA ALA A 97 15.02 -14.47 11.63
C ALA A 97 14.76 -14.62 13.13
N LYS A 98 13.58 -14.22 13.56
CA LYS A 98 13.20 -14.31 14.97
C LYS A 98 13.06 -15.77 15.40
N LYS A 99 12.22 -16.51 14.69
CA LYS A 99 12.00 -17.92 14.99
C LYS A 99 13.10 -18.80 14.39
N THR A 1 -12.52 -17.24 -5.86
CA THR A 1 -12.34 -15.96 -5.20
C THR A 1 -10.95 -15.40 -5.46
N ASP A 2 -10.88 -14.11 -5.78
CA ASP A 2 -9.61 -13.45 -6.05
C ASP A 2 -9.46 -12.20 -5.19
N HIS A 3 -8.26 -12.02 -4.63
CA HIS A 3 -7.99 -10.87 -3.78
C HIS A 3 -6.78 -10.08 -4.30
N GLN A 4 -6.92 -8.77 -4.39
CA GLN A 4 -5.84 -7.92 -4.86
C GLN A 4 -5.63 -6.73 -3.93
N THR A 5 -4.38 -6.53 -3.51
CA THR A 5 -4.04 -5.43 -2.61
C THR A 5 -2.64 -4.91 -2.89
N VAL A 6 -2.52 -3.61 -3.12
CA VAL A 6 -1.23 -2.98 -3.40
C VAL A 6 -0.80 -2.09 -2.23
N TYR A 7 0.50 -1.99 -2.04
CA TYR A 7 1.05 -1.17 -0.96
C TYR A 7 1.81 0.03 -1.53
N VAL A 8 1.47 1.22 -1.03
CA VAL A 8 2.12 2.45 -1.48
C VAL A 8 2.60 3.28 -0.30
N LYS A 9 3.72 3.97 -0.49
CA LYS A 9 4.29 4.81 0.56
C LYS A 9 3.24 5.75 1.13
N PRO A 10 3.47 6.22 2.37
CA PRO A 10 2.56 7.13 3.05
C PRO A 10 2.56 8.53 2.43
N VAL A 11 1.59 9.35 2.83
CA VAL A 11 1.48 10.71 2.31
C VAL A 11 1.87 11.74 3.37
N PRO A 12 2.29 12.92 2.92
CA PRO A 12 2.70 14.01 3.81
C PRO A 12 1.52 14.62 4.55
N PRO A 13 1.82 15.44 5.58
CA PRO A 13 0.80 16.10 6.39
C PRO A 13 0.04 17.17 5.62
N THR A 14 0.65 17.66 4.55
CA THR A 14 0.03 18.69 3.73
C THR A 14 -0.95 18.08 2.73
N ALA A 15 -0.61 16.91 2.19
CA ALA A 15 -1.46 16.24 1.23
C ALA A 15 -2.83 15.92 1.85
N THR A 16 -3.87 16.58 1.34
CA THR A 16 -5.22 16.37 1.84
C THR A 16 -5.88 15.20 1.13
N LEU A 17 -7.05 14.79 1.63
CA LEU A 17 -7.79 13.67 1.05
C LEU A 17 -8.40 14.08 -0.29
N GLU A 18 -8.95 15.28 -0.35
CA GLU A 18 -9.56 15.77 -1.58
C GLU A 18 -8.52 15.94 -2.69
N GLN A 19 -7.35 16.43 -2.31
CA GLN A 19 -6.27 16.64 -3.27
C GLN A 19 -5.75 15.31 -3.82
N LEU A 20 -5.49 14.37 -2.91
CA LEU A 20 -5.00 13.06 -3.29
C LEU A 20 -5.97 12.36 -4.24
N THR A 21 -7.24 12.30 -3.84
CA THR A 21 -8.27 11.67 -4.65
C THR A 21 -8.37 12.33 -6.02
N GLU A 22 -8.40 13.65 -6.04
CA GLU A 22 -8.48 14.41 -7.29
C GLU A 22 -7.36 14.01 -8.24
N PHE A 23 -6.12 14.12 -7.76
CA PHE A 23 -4.96 13.78 -8.58
C PHE A 23 -5.07 12.35 -9.10
N PHE A 24 -5.51 11.44 -8.24
CA PHE A 24 -5.65 10.04 -8.61
C PHE A 24 -6.58 9.89 -9.81
N SER A 25 -7.78 10.46 -9.69
CA SER A 25 -8.77 10.38 -10.76
C SER A 25 -8.20 10.92 -12.07
N LYS A 26 -7.32 11.91 -11.97
CA LYS A 26 -6.69 12.51 -13.14
C LYS A 26 -5.82 11.49 -13.86
N HIS A 27 -5.15 10.64 -13.10
CA HIS A 27 -4.28 9.62 -13.66
C HIS A 27 -4.39 8.31 -12.88
N GLY A 28 -4.92 7.27 -13.52
CA GLY A 28 -5.06 5.99 -12.86
C GLY A 28 -6.43 5.80 -12.26
N THR A 29 -6.97 4.58 -12.37
CA THR A 29 -8.28 4.28 -11.83
C THR A 29 -8.19 3.26 -10.69
N VAL A 30 -8.52 3.69 -9.48
CA VAL A 30 -8.47 2.80 -8.32
C VAL A 30 -9.86 2.59 -7.74
N GLN A 31 -10.10 1.39 -7.21
CA GLN A 31 -11.39 1.06 -6.64
C GLN A 31 -11.60 1.79 -5.32
N ALA A 32 -10.70 1.55 -4.37
CA ALA A 32 -10.79 2.19 -3.06
C ALA A 32 -9.41 2.27 -2.39
N VAL A 33 -9.32 3.08 -1.35
CA VAL A 33 -8.07 3.24 -0.63
C VAL A 33 -8.31 3.45 0.86
N TRP A 34 -7.43 2.91 1.69
CA TRP A 34 -7.55 3.03 3.13
C TRP A 34 -6.22 2.72 3.83
N ARG A 35 -6.13 3.03 5.11
CA ARG A 35 -4.92 2.79 5.88
C ARG A 35 -5.24 2.69 7.37
N ARG A 36 -4.55 1.79 8.06
CA ARG A 36 -4.74 1.60 9.50
C ARG A 36 -3.43 1.27 10.19
N TYR A 37 -3.41 1.42 11.51
CA TYR A 37 -2.22 1.15 12.30
C TYR A 37 -2.58 0.61 13.68
N PHE A 38 -2.12 -0.60 13.98
CA PHE A 38 -2.39 -1.23 15.27
C PHE A 38 -1.41 -0.74 16.33
N ALA A 39 -1.94 -0.07 17.35
CA ALA A 39 -1.11 0.45 18.43
C ALA A 39 -0.75 -0.65 19.42
N GLY A 40 -1.66 -1.61 19.58
CA GLY A 40 -1.42 -2.71 20.50
C GLY A 40 -1.92 -2.41 21.91
N LYS A 41 -2.92 -3.17 22.35
CA LYS A 41 -3.49 -2.98 23.68
C LYS A 41 -3.83 -4.32 24.32
N LYS A 42 -2.84 -5.21 24.38
CA LYS A 42 -3.02 -6.53 24.97
C LYS A 42 -1.70 -7.06 25.53
N ASP A 43 -1.75 -8.26 26.11
CA ASP A 43 -0.57 -8.89 26.68
C ASP A 43 -0.02 -9.96 25.74
N ALA A 44 -0.25 -9.78 24.45
CA ALA A 44 0.22 -10.74 23.45
C ALA A 44 1.23 -10.10 22.52
N PRO A 45 2.03 -10.94 21.83
CA PRO A 45 3.06 -10.47 20.90
C PRO A 45 2.46 -9.87 19.63
N PRO A 46 3.31 -9.19 18.84
CA PRO A 46 2.88 -8.55 17.59
C PRO A 46 2.52 -9.56 16.51
N GLU A 47 1.23 -9.80 16.33
CA GLU A 47 0.76 -10.76 15.33
C GLU A 47 0.39 -10.04 14.03
N SER A 48 -0.24 -8.89 14.16
CA SER A 48 -0.66 -8.11 12.99
C SER A 48 0.46 -7.17 12.56
N ARG A 49 0.33 -6.63 11.35
CA ARG A 49 1.33 -5.71 10.81
C ARG A 49 0.84 -4.28 10.87
N THR A 50 1.52 -3.45 11.66
CA THR A 50 1.14 -2.05 11.81
C THR A 50 2.21 -1.13 11.22
N LYS A 51 1.90 -0.53 10.09
CA LYS A 51 2.83 0.38 9.41
C LYS A 51 2.10 1.58 8.84
N PRO A 52 2.84 2.68 8.63
CA PRO A 52 2.28 3.92 8.09
C PRO A 52 1.89 3.78 6.62
N SER A 53 2.41 2.76 5.97
CA SER A 53 2.12 2.51 4.56
C SER A 53 0.61 2.49 4.32
N VAL A 54 0.20 2.89 3.11
CA VAL A 54 -1.20 2.91 2.75
C VAL A 54 -1.55 1.76 1.83
N PHE A 55 -2.79 1.28 1.92
CA PHE A 55 -3.26 0.18 1.10
C PHE A 55 -4.24 0.66 0.03
N VAL A 56 -4.01 0.26 -1.21
CA VAL A 56 -4.88 0.65 -2.32
C VAL A 56 -5.31 -0.56 -3.12
N VAL A 57 -6.60 -0.62 -3.45
CA VAL A 57 -7.14 -1.72 -4.23
C VAL A 57 -7.70 -1.24 -5.57
N PHE A 58 -7.09 -1.71 -6.65
CA PHE A 58 -7.52 -1.32 -7.99
C PHE A 58 -8.71 -2.15 -8.44
N ASN A 59 -9.58 -1.54 -9.24
CA ASN A 59 -10.77 -2.22 -9.74
C ASN A 59 -10.47 -2.98 -11.03
N SER A 60 -9.71 -2.34 -11.93
CA SER A 60 -9.35 -2.96 -13.20
C SER A 60 -8.19 -3.92 -13.02
N SER A 61 -8.36 -5.14 -13.51
CA SER A 61 -7.32 -6.17 -13.40
C SER A 61 -6.03 -5.71 -14.09
N GLU A 62 -6.16 -5.24 -15.31
CA GLU A 62 -5.01 -4.77 -16.08
C GLU A 62 -4.27 -3.67 -15.32
N GLU A 63 -4.97 -2.56 -15.06
CA GLU A 63 -4.38 -1.44 -14.34
C GLU A 63 -3.80 -1.89 -13.00
N ALA A 64 -4.45 -2.86 -12.38
CA ALA A 64 -4.00 -3.38 -11.09
C ALA A 64 -2.62 -4.01 -11.20
N GLU A 65 -2.45 -4.87 -12.21
CA GLU A 65 -1.18 -5.55 -12.43
C GLU A 65 -0.09 -4.55 -12.82
N ALA A 66 -0.44 -3.60 -13.68
CA ALA A 66 0.49 -2.59 -14.13
C ALA A 66 1.06 -1.80 -12.95
N PHE A 67 0.17 -1.29 -12.10
CA PHE A 67 0.58 -0.52 -10.93
C PHE A 67 1.39 -1.38 -9.96
N GLN A 68 0.94 -2.62 -9.77
CA GLN A 68 1.63 -3.54 -8.88
C GLN A 68 3.08 -3.71 -9.28
N LYS A 69 3.32 -3.88 -10.58
CA LYS A 69 4.67 -4.05 -11.10
C LYS A 69 5.54 -2.85 -10.77
N ALA A 70 5.24 -1.71 -11.38
CA ALA A 70 5.99 -0.49 -11.14
C ALA A 70 5.08 0.64 -10.70
N PRO A 71 5.67 1.67 -10.07
CA PRO A 71 4.92 2.84 -9.59
C PRO A 71 4.39 3.70 -10.72
N PRO A 72 3.49 4.64 -10.38
CA PRO A 72 2.90 5.55 -11.36
C PRO A 72 3.89 6.57 -11.90
N MET A 73 4.82 6.99 -11.04
CA MET A 73 5.84 7.96 -11.42
C MET A 73 5.20 9.30 -11.80
N TYR A 74 5.12 10.20 -10.84
CA TYR A 74 4.53 11.52 -11.07
C TYR A 74 5.55 12.62 -10.83
N ASP A 75 5.73 13.49 -11.82
CA ASP A 75 6.67 14.59 -11.73
C ASP A 75 6.39 15.43 -10.48
N ASP A 76 5.12 15.73 -10.25
CA ASP A 76 4.72 16.52 -9.09
C ASP A 76 5.30 15.94 -7.80
N VAL A 77 4.89 14.72 -7.47
CA VAL A 77 5.35 14.05 -6.27
C VAL A 77 5.83 12.63 -6.59
N GLN A 78 7.05 12.32 -6.14
CA GLN A 78 7.62 11.00 -6.37
C GLN A 78 6.80 9.91 -5.67
N LEU A 79 6.30 8.96 -6.44
CA LEU A 79 5.48 7.88 -5.89
C LEU A 79 6.32 6.61 -5.74
N THR A 80 6.14 5.90 -4.63
CA THR A 80 6.86 4.67 -4.37
C THR A 80 5.91 3.53 -4.03
N ALA A 81 5.69 2.64 -4.98
CA ALA A 81 4.80 1.50 -4.77
C ALA A 81 5.59 0.20 -4.69
N GLU A 82 5.15 -0.69 -3.82
CA GLU A 82 5.81 -1.98 -3.64
C GLU A 82 4.93 -3.13 -4.12
N MET A 83 5.52 -4.30 -4.26
CA MET A 83 4.78 -5.48 -4.71
C MET A 83 4.48 -6.41 -3.54
N LYS A 84 3.38 -7.16 -3.66
CA LYS A 84 2.99 -8.09 -2.61
C LYS A 84 4.04 -9.17 -2.41
N THR A 85 4.67 -9.59 -3.50
CA THR A 85 5.70 -10.63 -3.44
C THR A 85 6.90 -10.15 -2.64
N THR A 86 7.35 -8.92 -2.90
CA THR A 86 8.48 -8.36 -2.20
C THR A 86 8.26 -8.35 -0.69
N TYR A 87 7.21 -7.68 -0.26
CA TYR A 87 6.88 -7.60 1.17
C TYR A 87 6.77 -9.00 1.77
N LEU A 88 6.05 -9.88 1.09
CA LEU A 88 5.87 -11.25 1.56
C LEU A 88 7.21 -11.90 1.87
N GLU A 89 8.15 -11.75 0.95
CA GLU A 89 9.49 -12.33 1.12
C GLU A 89 10.22 -11.68 2.30
N ARG A 90 10.03 -10.37 2.46
CA ARG A 90 10.66 -9.64 3.55
C ARG A 90 10.25 -10.21 4.91
N LYS A 91 8.94 -10.21 5.16
CA LYS A 91 8.42 -10.73 6.42
C LYS A 91 8.79 -12.20 6.61
N ALA A 92 8.66 -12.97 5.54
CA ALA A 92 8.98 -14.39 5.58
C ALA A 92 10.40 -14.62 6.10
N GLU A 93 11.34 -13.83 5.58
CA GLU A 93 12.73 -13.95 5.99
C GLU A 93 12.93 -13.45 7.42
N GLU A 94 12.19 -12.41 7.78
CA GLU A 94 12.28 -11.83 9.12
C GLU A 94 11.96 -12.88 10.18
N ILE A 95 10.75 -13.41 10.14
CA ILE A 95 10.31 -14.42 11.10
C ILE A 95 11.21 -15.66 11.03
N ALA A 96 11.68 -15.97 9.82
CA ALA A 96 12.55 -17.12 9.62
C ALA A 96 13.84 -16.98 10.43
N ALA A 97 14.45 -15.81 10.36
CA ALA A 97 15.70 -15.55 11.08
C ALA A 97 15.48 -15.61 12.59
N LYS A 98 14.34 -15.10 13.04
CA LYS A 98 14.00 -15.10 14.46
C LYS A 98 13.94 -16.52 15.00
N LYS A 99 13.10 -17.35 14.38
CA LYS A 99 12.94 -18.73 14.80
C LYS A 99 14.01 -19.62 14.17
N THR A 1 -11.44 -17.95 -3.58
CA THR A 1 -11.50 -16.50 -3.54
C THR A 1 -10.13 -15.88 -3.76
N ASP A 2 -10.09 -14.77 -4.48
CA ASP A 2 -8.84 -14.08 -4.76
C ASP A 2 -8.90 -12.63 -4.30
N HIS A 3 -7.88 -12.20 -3.55
CA HIS A 3 -7.81 -10.84 -3.04
C HIS A 3 -6.54 -10.15 -3.52
N GLN A 4 -6.68 -8.89 -3.95
CA GLN A 4 -5.54 -8.12 -4.43
C GLN A 4 -5.37 -6.84 -3.62
N THR A 5 -4.15 -6.56 -3.21
CA THR A 5 -3.86 -5.36 -2.43
C THR A 5 -2.46 -4.83 -2.73
N VAL A 6 -2.36 -3.52 -2.93
CA VAL A 6 -1.08 -2.88 -3.23
C VAL A 6 -0.65 -1.95 -2.09
N TYR A 7 0.66 -1.87 -1.88
CA TYR A 7 1.20 -1.01 -0.83
C TYR A 7 1.95 0.17 -1.42
N VAL A 8 1.58 1.37 -1.00
CA VAL A 8 2.24 2.59 -1.48
C VAL A 8 2.77 3.42 -0.33
N LYS A 9 3.87 4.13 -0.58
CA LYS A 9 4.49 4.98 0.44
C LYS A 9 3.46 5.91 1.06
N PRO A 10 3.75 6.37 2.28
CA PRO A 10 2.87 7.29 3.02
C PRO A 10 2.81 8.67 2.40
N VAL A 11 1.83 9.48 2.81
CA VAL A 11 1.68 10.83 2.29
C VAL A 11 2.05 11.86 3.36
N PRO A 12 2.44 13.06 2.89
CA PRO A 12 2.83 14.17 3.78
C PRO A 12 1.63 14.73 4.55
N PRO A 13 1.93 15.56 5.56
CA PRO A 13 0.89 16.18 6.39
C PRO A 13 0.10 17.24 5.63
N THR A 14 0.65 17.70 4.51
CA THR A 14 0.00 18.72 3.69
C THR A 14 -1.02 18.08 2.74
N ALA A 15 -0.66 16.92 2.20
CA ALA A 15 -1.55 16.21 1.28
C ALA A 15 -2.88 15.89 1.94
N THR A 16 -3.94 16.56 1.49
CA THR A 16 -5.27 16.34 2.04
C THR A 16 -5.98 15.19 1.33
N LEU A 17 -7.19 14.87 1.79
CA LEU A 17 -7.97 13.79 1.20
C LEU A 17 -8.48 14.19 -0.20
N GLU A 18 -9.00 15.41 -0.30
CA GLU A 18 -9.53 15.90 -1.58
C GLU A 18 -8.43 15.96 -2.62
N GLN A 19 -7.23 16.37 -2.21
CA GLN A 19 -6.10 16.47 -3.12
C GLN A 19 -5.66 15.09 -3.59
N LEU A 20 -5.52 14.16 -2.65
CA LEU A 20 -5.10 12.81 -2.97
C LEU A 20 -6.06 12.16 -3.97
N THR A 21 -7.35 12.26 -3.69
CA THR A 21 -8.36 11.69 -4.57
C THR A 21 -8.34 12.35 -5.94
N GLU A 22 -8.19 13.68 -5.96
CA GLU A 22 -8.15 14.44 -7.20
C GLU A 22 -7.05 13.90 -8.12
N PHE A 23 -5.82 13.90 -7.62
CA PHE A 23 -4.68 13.41 -8.40
C PHE A 23 -4.89 11.97 -8.82
N PHE A 24 -5.40 11.15 -7.91
CA PHE A 24 -5.65 9.74 -8.19
C PHE A 24 -6.48 9.58 -9.46
N SER A 25 -7.65 10.21 -9.47
CA SER A 25 -8.55 10.12 -10.63
C SER A 25 -7.90 10.72 -11.87
N LYS A 26 -7.12 11.78 -11.66
CA LYS A 26 -6.43 12.46 -12.77
C LYS A 26 -5.53 11.48 -13.52
N HIS A 27 -4.91 10.56 -12.78
CA HIS A 27 -4.03 9.58 -13.38
C HIS A 27 -4.12 8.24 -12.65
N GLY A 28 -4.70 7.24 -13.32
CA GLY A 28 -4.85 5.94 -12.70
C GLY A 28 -6.23 5.72 -12.13
N THR A 29 -6.76 4.52 -12.31
CA THR A 29 -8.08 4.18 -11.80
C THR A 29 -7.99 3.20 -10.62
N VAL A 30 -8.37 3.66 -9.44
CA VAL A 30 -8.33 2.84 -8.24
C VAL A 30 -9.74 2.60 -7.70
N GLN A 31 -9.99 1.37 -7.24
CA GLN A 31 -11.29 1.01 -6.69
C GLN A 31 -11.53 1.70 -5.36
N ALA A 32 -10.65 1.45 -4.40
CA ALA A 32 -10.77 2.06 -3.08
C ALA A 32 -9.41 2.18 -2.41
N VAL A 33 -9.34 2.97 -1.35
CA VAL A 33 -8.10 3.17 -0.61
C VAL A 33 -8.36 3.35 0.88
N TRP A 34 -7.44 2.84 1.70
CA TRP A 34 -7.58 2.95 3.14
C TRP A 34 -6.24 2.69 3.83
N ARG A 35 -6.19 2.96 5.14
CA ARG A 35 -4.97 2.76 5.90
C ARG A 35 -5.28 2.66 7.40
N ARG A 36 -4.57 1.76 8.09
CA ARG A 36 -4.78 1.58 9.52
C ARG A 36 -3.47 1.19 10.20
N TYR A 37 -3.40 1.46 11.50
CA TYR A 37 -2.19 1.15 12.27
C TYR A 37 -2.56 0.57 13.63
N PHE A 38 -2.01 -0.60 13.95
CA PHE A 38 -2.28 -1.26 15.22
C PHE A 38 -1.36 -0.74 16.31
N ALA A 39 -1.96 -0.19 17.37
CA ALA A 39 -1.19 0.36 18.48
C ALA A 39 -0.75 -0.74 19.43
N GLY A 40 -1.55 -1.81 19.51
CA GLY A 40 -1.22 -2.92 20.38
C GLY A 40 -1.66 -2.69 21.81
N LYS A 41 -2.68 -3.43 22.24
CA LYS A 41 -3.21 -3.30 23.59
C LYS A 41 -3.46 -4.67 24.20
N LYS A 42 -2.47 -5.55 24.11
CA LYS A 42 -2.59 -6.89 24.66
C LYS A 42 -1.23 -7.41 25.12
N ASP A 43 -1.22 -8.59 25.72
CA ASP A 43 0.01 -9.21 26.20
C ASP A 43 0.53 -10.24 25.21
N ALA A 44 0.24 -10.02 23.93
CA ALA A 44 0.67 -10.94 22.88
C ALA A 44 1.68 -10.26 21.95
N PRO A 45 2.45 -11.07 21.22
CA PRO A 45 3.46 -10.58 20.28
C PRO A 45 2.83 -9.91 19.06
N PRO A 46 3.66 -9.20 18.28
CA PRO A 46 3.22 -8.51 17.07
C PRO A 46 2.83 -9.47 15.95
N GLU A 47 1.54 -9.76 15.85
CA GLU A 47 1.04 -10.67 14.83
C GLU A 47 0.69 -9.91 13.55
N SER A 48 -0.04 -8.81 13.71
CA SER A 48 -0.45 -7.99 12.57
C SER A 48 0.67 -7.04 12.16
N ARG A 49 0.51 -6.42 10.98
CA ARG A 49 1.51 -5.50 10.46
C ARG A 49 1.01 -4.06 10.57
N THR A 50 1.73 -3.24 11.36
CA THR A 50 1.36 -1.85 11.55
C THR A 50 2.41 -0.93 10.94
N LYS A 51 2.07 -0.33 9.79
CA LYS A 51 2.98 0.59 9.11
C LYS A 51 2.23 1.80 8.57
N PRO A 52 2.97 2.90 8.35
CA PRO A 52 2.39 4.14 7.82
C PRO A 52 1.96 4.01 6.35
N SER A 53 2.47 2.98 5.68
CA SER A 53 2.14 2.74 4.29
C SER A 53 0.63 2.67 4.09
N VAL A 54 0.18 3.05 2.90
CA VAL A 54 -1.24 3.04 2.58
C VAL A 54 -1.59 1.84 1.70
N PHE A 55 -2.82 1.34 1.83
CA PHE A 55 -3.27 0.20 1.04
C PHE A 55 -4.28 0.64 -0.01
N VAL A 56 -4.03 0.26 -1.26
CA VAL A 56 -4.93 0.61 -2.36
C VAL A 56 -5.34 -0.63 -3.15
N VAL A 57 -6.59 -0.67 -3.57
CA VAL A 57 -7.11 -1.79 -4.34
C VAL A 57 -7.64 -1.34 -5.69
N PHE A 58 -7.06 -1.87 -6.77
CA PHE A 58 -7.48 -1.52 -8.11
C PHE A 58 -8.67 -2.35 -8.55
N ASN A 59 -9.52 -1.77 -9.40
CA ASN A 59 -10.70 -2.46 -9.89
C ASN A 59 -10.39 -3.27 -11.15
N SER A 60 -9.68 -2.65 -12.08
CA SER A 60 -9.30 -3.30 -13.33
C SER A 60 -8.11 -4.23 -13.11
N SER A 61 -8.24 -5.47 -13.56
CA SER A 61 -7.17 -6.45 -13.43
C SER A 61 -5.90 -5.98 -14.13
N GLU A 62 -6.05 -5.57 -15.39
CA GLU A 62 -4.91 -5.09 -16.17
C GLU A 62 -4.21 -3.95 -15.45
N GLU A 63 -4.93 -2.86 -15.21
CA GLU A 63 -4.37 -1.70 -14.53
C GLU A 63 -3.79 -2.08 -13.18
N ALA A 64 -4.43 -3.02 -12.51
CA ALA A 64 -3.97 -3.48 -11.20
C ALA A 64 -2.56 -4.05 -11.28
N GLU A 65 -2.36 -4.96 -12.23
CA GLU A 65 -1.05 -5.59 -12.41
C GLU A 65 -0.01 -4.56 -12.85
N ALA A 66 -0.43 -3.66 -13.74
CA ALA A 66 0.45 -2.62 -14.25
C ALA A 66 1.03 -1.78 -13.11
N PHE A 67 0.14 -1.25 -12.27
CA PHE A 67 0.57 -0.43 -11.14
C PHE A 67 1.38 -1.25 -10.14
N GLN A 68 0.96 -2.50 -9.93
CA GLN A 68 1.65 -3.38 -9.00
C GLN A 68 3.12 -3.54 -9.38
N LYS A 69 3.37 -3.73 -10.67
CA LYS A 69 4.73 -3.90 -11.17
C LYS A 69 5.59 -2.67 -10.83
N ALA A 70 5.28 -1.55 -11.47
CA ALA A 70 6.01 -0.32 -11.23
C ALA A 70 5.07 0.82 -10.83
N PRO A 71 5.64 1.86 -10.21
CA PRO A 71 4.87 3.02 -9.76
C PRO A 71 4.35 3.87 -10.92
N PRO A 72 3.44 4.80 -10.62
CA PRO A 72 2.85 5.69 -11.63
C PRO A 72 3.85 6.71 -12.16
N MET A 73 4.76 7.15 -11.28
CA MET A 73 5.77 8.12 -11.65
C MET A 73 5.13 9.44 -12.08
N TYR A 74 5.00 10.37 -11.14
CA TYR A 74 4.41 11.66 -11.42
C TYR A 74 5.40 12.79 -11.17
N ASP A 75 5.59 13.64 -12.17
CA ASP A 75 6.51 14.76 -12.06
C ASP A 75 6.22 15.59 -10.82
N ASP A 76 4.94 15.86 -10.59
CA ASP A 76 4.53 16.65 -9.43
C ASP A 76 5.11 16.07 -8.15
N VAL A 77 4.69 14.85 -7.80
CA VAL A 77 5.17 14.19 -6.59
C VAL A 77 5.70 12.79 -6.91
N GLN A 78 6.85 12.46 -6.34
CA GLN A 78 7.45 11.15 -6.56
C GLN A 78 6.65 10.05 -5.87
N LEU A 79 6.13 9.12 -6.67
CA LEU A 79 5.33 8.01 -6.13
C LEU A 79 6.18 6.75 -6.01
N THR A 80 6.07 6.07 -4.87
CA THR A 80 6.82 4.85 -4.64
C THR A 80 5.89 3.71 -4.20
N ALA A 81 5.63 2.79 -5.12
CA ALA A 81 4.76 1.65 -4.82
C ALA A 81 5.57 0.35 -4.75
N GLU A 82 5.16 -0.53 -3.84
CA GLU A 82 5.85 -1.81 -3.66
C GLU A 82 4.96 -2.96 -4.12
N MET A 83 5.56 -4.14 -4.26
CA MET A 83 4.83 -5.33 -4.69
C MET A 83 4.52 -6.23 -3.50
N LYS A 84 3.44 -7.00 -3.61
CA LYS A 84 3.04 -7.91 -2.55
C LYS A 84 4.10 -8.99 -2.33
N THR A 85 4.74 -9.41 -3.42
CA THR A 85 5.78 -10.43 -3.35
C THR A 85 6.93 -10.00 -2.46
N THR A 86 7.38 -8.76 -2.65
CA THR A 86 8.49 -8.22 -1.87
C THR A 86 8.18 -8.28 -0.38
N TYR A 87 7.05 -7.69 0.03
CA TYR A 87 6.66 -7.67 1.43
C TYR A 87 6.58 -9.09 1.98
N LEU A 88 5.90 -9.98 1.25
CA LEU A 88 5.76 -11.36 1.67
C LEU A 88 7.12 -11.98 1.97
N GLU A 89 8.09 -11.72 1.12
CA GLU A 89 9.44 -12.25 1.28
C GLU A 89 10.10 -11.66 2.54
N ARG A 90 9.86 -10.37 2.77
CA ARG A 90 10.43 -9.69 3.92
C ARG A 90 9.95 -10.33 5.22
N LYS A 91 8.64 -10.38 5.40
CA LYS A 91 8.04 -10.96 6.59
C LYS A 91 8.45 -12.41 6.74
N ALA A 92 8.48 -13.14 5.64
CA ALA A 92 8.86 -14.55 5.65
C ALA A 92 10.26 -14.73 6.22
N GLU A 93 11.19 -13.90 5.78
CA GLU A 93 12.57 -13.97 6.24
C GLU A 93 12.67 -13.57 7.71
N GLU A 94 11.89 -12.56 8.10
CA GLU A 94 11.89 -12.08 9.48
C GLU A 94 11.46 -13.19 10.44
N ILE A 95 10.24 -13.66 10.28
CA ILE A 95 9.70 -14.72 11.13
C ILE A 95 10.60 -15.95 11.10
N ALA A 96 11.20 -16.21 9.95
CA ALA A 96 12.09 -17.35 9.78
C ALA A 96 13.29 -17.25 10.71
N ALA A 97 13.82 -16.04 10.86
CA ALA A 97 14.97 -15.81 11.72
C ALA A 97 14.63 -16.10 13.18
N LYS A 98 13.49 -15.58 13.63
CA LYS A 98 13.05 -15.78 15.00
C LYS A 98 12.70 -17.24 15.26
N LYS A 99 11.83 -17.78 14.41
CA LYS A 99 11.42 -19.19 14.54
C LYS A 99 12.49 -20.12 13.99
N THR A 1 -12.68 -17.04 -5.86
CA THR A 1 -12.49 -15.77 -5.15
C THR A 1 -11.14 -15.15 -5.50
N ASP A 2 -11.15 -13.86 -5.81
CA ASP A 2 -9.91 -13.16 -6.15
C ASP A 2 -9.73 -11.93 -5.26
N HIS A 3 -8.52 -11.75 -4.75
CA HIS A 3 -8.21 -10.62 -3.88
C HIS A 3 -6.92 -9.94 -4.31
N GLN A 4 -6.96 -8.62 -4.44
CA GLN A 4 -5.79 -7.85 -4.85
C GLN A 4 -5.56 -6.67 -3.92
N THR A 5 -4.32 -6.49 -3.49
CA THR A 5 -3.97 -5.39 -2.59
C THR A 5 -2.55 -4.89 -2.87
N VAL A 6 -2.43 -3.58 -3.13
CA VAL A 6 -1.15 -2.97 -3.41
C VAL A 6 -0.70 -2.09 -2.26
N TYR A 7 0.62 -2.01 -2.04
CA TYR A 7 1.17 -1.19 -0.97
C TYR A 7 1.93 0.01 -1.54
N VAL A 8 1.59 1.20 -1.04
CA VAL A 8 2.23 2.42 -1.49
C VAL A 8 2.73 3.24 -0.31
N LYS A 9 3.83 3.96 -0.53
CA LYS A 9 4.42 4.80 0.52
C LYS A 9 3.37 5.71 1.14
N PRO A 10 3.63 6.16 2.38
CA PRO A 10 2.72 7.05 3.11
C PRO A 10 2.68 8.45 2.50
N VAL A 11 1.66 9.22 2.88
CA VAL A 11 1.50 10.58 2.38
C VAL A 11 1.81 11.61 3.47
N PRO A 12 2.19 12.82 3.05
CA PRO A 12 2.51 13.91 3.97
C PRO A 12 1.28 14.44 4.69
N PRO A 13 1.51 15.26 5.74
CA PRO A 13 0.43 15.86 6.53
C PRO A 13 -0.35 16.90 5.74
N THR A 14 0.25 17.40 4.66
CA THR A 14 -0.39 18.41 3.83
C THR A 14 -1.37 17.78 2.84
N ALA A 15 -0.99 16.63 2.29
CA ALA A 15 -1.82 15.92 1.34
C ALA A 15 -3.14 15.50 1.97
N THR A 16 -4.22 16.14 1.55
CA THR A 16 -5.54 15.83 2.09
C THR A 16 -6.20 14.70 1.32
N LEU A 17 -7.34 14.22 1.82
CA LEU A 17 -8.06 13.13 1.16
C LEU A 17 -8.60 13.57 -0.20
N GLU A 18 -9.22 14.75 -0.22
CA GLU A 18 -9.78 15.29 -1.46
C GLU A 18 -8.69 15.50 -2.50
N GLN A 19 -7.54 15.98 -2.06
CA GLN A 19 -6.42 16.24 -2.95
C GLN A 19 -5.86 14.93 -3.52
N LEU A 20 -5.62 13.96 -2.64
CA LEU A 20 -5.09 12.68 -3.06
C LEU A 20 -5.99 12.02 -4.10
N THR A 21 -7.29 11.97 -3.81
CA THR A 21 -8.26 11.38 -4.72
C THR A 21 -8.30 12.14 -6.04
N GLU A 22 -8.28 13.47 -5.96
CA GLU A 22 -8.32 14.30 -7.16
C GLU A 22 -7.20 13.93 -8.11
N PHE A 23 -5.96 13.95 -7.61
CA PHE A 23 -4.80 13.62 -8.42
C PHE A 23 -4.89 12.19 -8.95
N PHE A 24 -5.34 11.28 -8.10
CA PHE A 24 -5.49 9.88 -8.48
C PHE A 24 -6.34 9.74 -9.74
N SER A 25 -7.53 10.33 -9.71
CA SER A 25 -8.44 10.27 -10.86
C SER A 25 -7.79 10.85 -12.10
N LYS A 26 -7.00 11.91 -11.91
CA LYS A 26 -6.33 12.56 -13.02
C LYS A 26 -5.44 11.57 -13.77
N HIS A 27 -4.82 10.65 -13.03
CA HIS A 27 -3.95 9.65 -13.62
C HIS A 27 -4.03 8.33 -12.86
N GLY A 28 -4.57 7.30 -13.52
CA GLY A 28 -4.71 6.01 -12.89
C GLY A 28 -6.11 5.77 -12.34
N THR A 29 -6.62 4.57 -12.56
CA THR A 29 -7.96 4.21 -12.08
C THR A 29 -7.89 3.20 -10.95
N VAL A 30 -8.31 3.62 -9.76
CA VAL A 30 -8.30 2.76 -8.58
C VAL A 30 -9.71 2.55 -8.04
N GLN A 31 -9.94 1.38 -7.46
CA GLN A 31 -11.25 1.05 -6.90
C GLN A 31 -11.47 1.77 -5.58
N ALA A 32 -10.57 1.54 -4.63
CA ALA A 32 -10.67 2.19 -3.32
C ALA A 32 -9.31 2.25 -2.64
N VAL A 33 -9.23 3.02 -1.56
CA VAL A 33 -7.99 3.17 -0.81
C VAL A 33 -8.25 3.38 0.67
N TRP A 34 -7.36 2.87 1.51
CA TRP A 34 -7.51 3.01 2.96
C TRP A 34 -6.21 2.64 3.66
N ARG A 35 -6.13 2.94 4.96
CA ARG A 35 -4.95 2.65 5.74
C ARG A 35 -5.29 2.57 7.23
N ARG A 36 -4.62 1.68 7.94
CA ARG A 36 -4.86 1.50 9.38
C ARG A 36 -3.57 1.09 10.09
N TYR A 37 -3.54 1.31 11.40
CA TYR A 37 -2.36 0.98 12.20
C TYR A 37 -2.77 0.57 13.61
N PHE A 38 -2.36 -0.62 14.02
CA PHE A 38 -2.67 -1.12 15.36
C PHE A 38 -1.73 -0.53 16.40
N ALA A 39 -2.31 0.10 17.42
CA ALA A 39 -1.52 0.72 18.48
C ALA A 39 -1.04 -0.34 19.48
N GLY A 40 -1.87 -1.34 19.71
CA GLY A 40 -1.51 -2.39 20.64
C GLY A 40 -1.85 -2.05 22.07
N LYS A 41 -2.80 -2.78 22.65
CA LYS A 41 -3.22 -2.54 24.03
C LYS A 41 -3.42 -3.85 24.77
N LYS A 42 -2.41 -4.72 24.73
CA LYS A 42 -2.47 -6.01 25.40
C LYS A 42 -1.09 -6.44 25.87
N ASP A 43 -1.03 -7.60 26.53
CA ASP A 43 0.24 -8.13 27.02
C ASP A 43 0.76 -9.24 26.11
N ALA A 44 0.39 -9.17 24.83
CA ALA A 44 0.81 -10.16 23.86
C ALA A 44 1.75 -9.54 22.82
N PRO A 45 2.53 -10.39 22.13
CA PRO A 45 3.48 -9.95 21.11
C PRO A 45 2.78 -9.42 19.86
N PRO A 46 3.56 -8.77 18.98
CA PRO A 46 3.03 -8.21 17.73
C PRO A 46 2.63 -9.28 16.73
N GLU A 47 1.32 -9.48 16.57
CA GLU A 47 0.82 -10.48 15.63
C GLU A 47 0.44 -9.84 14.30
N SER A 48 -0.22 -8.70 14.37
CA SER A 48 -0.65 -7.99 13.17
C SER A 48 0.46 -7.06 12.67
N ARG A 49 0.29 -6.55 11.45
CA ARG A 49 1.26 -5.65 10.86
C ARG A 49 0.76 -4.20 10.89
N THR A 50 1.45 -3.36 11.65
CA THR A 50 1.09 -1.95 11.76
C THR A 50 2.16 -1.05 11.16
N LYS A 51 1.86 -0.49 9.99
CA LYS A 51 2.81 0.39 9.31
C LYS A 51 2.08 1.60 8.73
N PRO A 52 2.84 2.68 8.50
CA PRO A 52 2.28 3.93 7.94
C PRO A 52 1.89 3.78 6.49
N SER A 53 2.41 2.75 5.83
CA SER A 53 2.11 2.50 4.43
C SER A 53 0.60 2.44 4.20
N VAL A 54 0.18 2.82 3.00
CA VAL A 54 -1.24 2.81 2.65
C VAL A 54 -1.57 1.67 1.70
N PHE A 55 -2.80 1.17 1.77
CA PHE A 55 -3.23 0.07 0.92
C PHE A 55 -4.23 0.56 -0.12
N VAL A 56 -4.00 0.19 -1.37
CA VAL A 56 -4.88 0.59 -2.47
C VAL A 56 -5.30 -0.62 -3.30
N VAL A 57 -6.56 -0.64 -3.70
CA VAL A 57 -7.10 -1.74 -4.51
C VAL A 57 -7.62 -1.22 -5.85
N PHE A 58 -7.02 -1.71 -6.94
CA PHE A 58 -7.42 -1.30 -8.28
C PHE A 58 -8.61 -2.13 -8.76
N ASN A 59 -9.46 -1.51 -9.57
CA ASN A 59 -10.63 -2.19 -10.10
C ASN A 59 -10.30 -2.92 -11.39
N SER A 60 -9.56 -2.25 -12.28
CA SER A 60 -9.17 -2.83 -13.56
C SER A 60 -8.01 -3.80 -13.38
N SER A 61 -8.16 -4.99 -13.93
CA SER A 61 -7.12 -6.02 -13.84
C SER A 61 -5.82 -5.54 -14.48
N GLU A 62 -5.93 -5.07 -15.73
CA GLU A 62 -4.77 -4.57 -16.46
C GLU A 62 -4.05 -3.49 -15.67
N GLU A 63 -4.77 -2.42 -15.36
CA GLU A 63 -4.20 -1.30 -14.62
C GLU A 63 -3.65 -1.78 -13.27
N ALA A 64 -4.35 -2.73 -12.65
CA ALA A 64 -3.92 -3.27 -11.37
C ALA A 64 -2.52 -3.85 -11.44
N GLU A 65 -2.30 -4.73 -12.42
CA GLU A 65 -1.01 -5.36 -12.61
C GLU A 65 0.06 -4.33 -12.97
N ALA A 66 -0.33 -3.36 -13.81
CA ALA A 66 0.60 -2.32 -14.24
C ALA A 66 1.18 -1.58 -13.05
N PHE A 67 0.30 -1.10 -12.16
CA PHE A 67 0.74 -0.37 -10.97
C PHE A 67 1.49 -1.28 -10.03
N GLN A 68 1.04 -2.53 -9.91
CA GLN A 68 1.67 -3.51 -9.04
C GLN A 68 3.14 -3.66 -9.38
N LYS A 69 3.44 -3.86 -10.66
CA LYS A 69 4.81 -4.02 -11.12
C LYS A 69 5.66 -2.81 -10.75
N ALA A 70 5.37 -1.67 -11.39
CA ALA A 70 6.11 -0.45 -11.13
C ALA A 70 5.16 0.69 -10.74
N PRO A 71 5.72 1.72 -10.09
CA PRO A 71 4.93 2.89 -9.66
C PRO A 71 4.46 3.74 -10.83
N PRO A 72 3.55 4.68 -10.55
CA PRO A 72 2.99 5.58 -11.57
C PRO A 72 4.02 6.59 -12.06
N MET A 73 4.91 7.00 -11.17
CA MET A 73 5.95 7.97 -11.51
C MET A 73 5.32 9.30 -11.93
N TYR A 74 5.18 10.21 -10.98
CA TYR A 74 4.60 11.52 -11.26
C TYR A 74 5.59 12.63 -10.94
N ASP A 75 5.84 13.48 -11.93
CA ASP A 75 6.77 14.60 -11.76
C ASP A 75 6.40 15.43 -10.53
N ASP A 76 5.12 15.73 -10.39
CA ASP A 76 4.64 16.52 -9.26
C ASP A 76 5.13 15.93 -7.94
N VAL A 77 4.73 14.69 -7.65
CA VAL A 77 5.12 14.03 -6.43
C VAL A 77 5.66 12.63 -6.72
N GLN A 78 6.84 12.33 -6.17
CA GLN A 78 7.46 11.03 -6.38
C GLN A 78 6.66 9.92 -5.71
N LEU A 79 6.16 8.99 -6.51
CA LEU A 79 5.36 7.88 -5.99
C LEU A 79 6.21 6.61 -5.88
N THR A 80 6.10 5.93 -4.75
CA THR A 80 6.84 4.70 -4.51
C THR A 80 5.92 3.56 -4.10
N ALA A 81 5.68 2.64 -5.03
CA ALA A 81 4.81 1.49 -4.77
C ALA A 81 5.61 0.20 -4.73
N GLU A 82 5.20 -0.72 -3.86
CA GLU A 82 5.88 -2.00 -3.72
C GLU A 82 4.99 -3.14 -4.21
N MET A 83 5.59 -4.32 -4.37
CA MET A 83 4.85 -5.49 -4.84
C MET A 83 4.54 -6.42 -3.67
N LYS A 84 3.46 -7.17 -3.79
CA LYS A 84 3.05 -8.11 -2.75
C LYS A 84 4.12 -9.17 -2.53
N THR A 85 4.78 -9.58 -3.61
CA THR A 85 5.83 -10.58 -3.54
C THR A 85 6.96 -10.13 -2.63
N THR A 86 7.41 -8.89 -2.82
CA THR A 86 8.50 -8.33 -2.03
C THR A 86 8.17 -8.41 -0.53
N TYR A 87 7.01 -7.90 -0.15
CA TYR A 87 6.59 -7.90 1.24
C TYR A 87 6.55 -9.32 1.79
N LEU A 88 5.92 -10.22 1.04
CA LEU A 88 5.81 -11.61 1.45
C LEU A 88 7.18 -12.19 1.79
N GLU A 89 8.16 -11.90 0.94
CA GLU A 89 9.52 -12.39 1.15
C GLU A 89 10.15 -11.76 2.39
N ARG A 90 9.87 -10.48 2.60
CA ARG A 90 10.39 -9.76 3.75
C ARG A 90 9.96 -10.43 5.05
N LYS A 91 8.66 -10.55 5.25
CA LYS A 91 8.11 -11.17 6.45
C LYS A 91 8.56 -12.62 6.57
N ALA A 92 8.58 -13.32 5.44
CA ALA A 92 8.99 -14.72 5.41
C ALA A 92 10.39 -14.89 6.01
N GLU A 93 11.30 -14.01 5.62
CA GLU A 93 12.67 -14.06 6.10
C GLU A 93 12.74 -13.61 7.56
N GLU A 94 11.93 -12.62 7.92
CA GLU A 94 11.90 -12.10 9.28
C GLU A 94 11.60 -13.21 10.28
N ILE A 95 10.48 -13.88 10.09
CA ILE A 95 10.07 -14.96 10.98
C ILE A 95 11.05 -16.13 10.90
N ALA A 96 11.60 -16.35 9.71
CA ALA A 96 12.55 -17.43 9.49
C ALA A 96 13.81 -17.24 10.35
N ALA A 97 14.32 -16.02 10.36
CA ALA A 97 15.52 -15.70 11.14
C ALA A 97 15.23 -15.78 12.63
N LYS A 98 14.09 -15.25 13.04
CA LYS A 98 13.70 -15.26 14.45
C LYS A 98 13.51 -16.70 14.95
N LYS A 99 12.73 -17.48 14.21
CA LYS A 99 12.46 -18.86 14.58
C LYS A 99 13.61 -19.76 14.12
N THR A 1 -10.69 -18.41 -4.70
CA THR A 1 -10.63 -17.11 -4.06
C THR A 1 -9.50 -16.26 -4.62
N ASP A 2 -9.81 -15.01 -4.96
CA ASP A 2 -8.82 -14.10 -5.51
C ASP A 2 -8.84 -12.77 -4.77
N HIS A 3 -7.65 -12.29 -4.39
CA HIS A 3 -7.54 -11.02 -3.67
C HIS A 3 -6.44 -10.15 -4.28
N GLN A 4 -6.75 -8.89 -4.52
CA GLN A 4 -5.79 -7.96 -5.10
C GLN A 4 -5.60 -6.74 -4.20
N THR A 5 -4.35 -6.50 -3.80
CA THR A 5 -4.03 -5.37 -2.94
C THR A 5 -2.61 -4.87 -3.19
N VAL A 6 -2.46 -3.56 -3.29
CA VAL A 6 -1.15 -2.94 -3.53
C VAL A 6 -0.75 -2.05 -2.37
N TYR A 7 0.56 -1.99 -2.10
CA TYR A 7 1.08 -1.17 -1.01
C TYR A 7 1.87 0.02 -1.56
N VAL A 8 1.50 1.22 -1.12
CA VAL A 8 2.17 2.43 -1.55
C VAL A 8 2.68 3.23 -0.36
N LYS A 9 3.77 3.96 -0.57
CA LYS A 9 4.36 4.78 0.48
C LYS A 9 3.30 5.69 1.11
N PRO A 10 3.57 6.13 2.35
CA PRO A 10 2.65 7.01 3.08
C PRO A 10 2.62 8.42 2.49
N VAL A 11 1.61 9.21 2.89
CA VAL A 11 1.47 10.56 2.41
C VAL A 11 1.80 11.58 3.49
N PRO A 12 2.18 12.79 3.08
CA PRO A 12 2.54 13.87 4.01
C PRO A 12 1.32 14.42 4.75
N PRO A 13 1.57 15.22 5.79
CA PRO A 13 0.50 15.82 6.60
C PRO A 13 -0.27 16.89 5.83
N THR A 14 0.32 17.37 4.74
CA THR A 14 -0.33 18.39 3.93
C THR A 14 -1.31 17.77 2.94
N ALA A 15 -0.95 16.61 2.39
CA ALA A 15 -1.80 15.93 1.43
C ALA A 15 -3.14 15.56 2.06
N THR A 16 -4.19 16.27 1.65
CA THR A 16 -5.53 16.02 2.17
C THR A 16 -6.21 14.90 1.41
N LEU A 17 -7.39 14.50 1.90
CA LEU A 17 -8.15 13.43 1.25
C LEU A 17 -8.68 13.87 -0.11
N GLU A 18 -9.20 15.08 -0.17
CA GLU A 18 -9.74 15.62 -1.41
C GLU A 18 -8.64 15.75 -2.46
N GLN A 19 -7.47 16.21 -2.04
CA GLN A 19 -6.35 16.38 -2.94
C GLN A 19 -5.86 15.04 -3.48
N LEU A 20 -5.77 14.06 -2.60
CA LEU A 20 -5.33 12.71 -2.98
C LEU A 20 -6.27 12.10 -4.02
N THR A 21 -7.56 12.15 -3.72
CA THR A 21 -8.57 11.60 -4.63
C THR A 21 -8.54 12.30 -5.98
N GLU A 22 -8.44 13.62 -5.97
CA GLU A 22 -8.38 14.41 -7.20
C GLU A 22 -7.21 13.97 -8.06
N PHE A 23 -6.01 14.04 -7.50
CA PHE A 23 -4.80 13.66 -8.22
C PHE A 23 -4.93 12.25 -8.79
N PHE A 24 -5.43 11.33 -7.96
CA PHE A 24 -5.60 9.94 -8.38
C PHE A 24 -6.43 9.86 -9.66
N SER A 25 -7.62 10.46 -9.63
CA SER A 25 -8.52 10.45 -10.77
C SER A 25 -7.83 11.04 -12.00
N LYS A 26 -6.95 12.00 -11.76
CA LYS A 26 -6.22 12.66 -12.84
C LYS A 26 -5.35 11.66 -13.61
N HIS A 27 -4.78 10.71 -12.87
CA HIS A 27 -3.93 9.68 -13.47
C HIS A 27 -4.06 8.36 -12.73
N GLY A 28 -4.66 7.37 -13.40
CA GLY A 28 -4.84 6.07 -12.78
C GLY A 28 -6.23 5.88 -12.23
N THR A 29 -6.78 4.68 -12.41
CA THR A 29 -8.12 4.37 -11.93
C THR A 29 -8.07 3.38 -10.77
N VAL A 30 -8.45 3.84 -9.59
CA VAL A 30 -8.46 2.98 -8.40
C VAL A 30 -9.87 2.76 -7.88
N GLN A 31 -10.12 1.59 -7.31
CA GLN A 31 -11.43 1.26 -6.77
C GLN A 31 -11.64 1.92 -5.41
N ALA A 32 -10.71 1.68 -4.49
CA ALA A 32 -10.80 2.25 -3.15
C ALA A 32 -9.43 2.30 -2.49
N VAL A 33 -9.31 3.10 -1.44
CA VAL A 33 -8.05 3.24 -0.71
C VAL A 33 -8.29 3.47 0.78
N TRP A 34 -7.43 2.91 1.61
CA TRP A 34 -7.55 3.06 3.05
C TRP A 34 -6.23 2.75 3.75
N ARG A 35 -6.17 3.01 5.04
CA ARG A 35 -4.97 2.75 5.83
C ARG A 35 -5.29 2.69 7.32
N ARG A 36 -4.58 1.81 8.03
CA ARG A 36 -4.80 1.65 9.46
C ARG A 36 -3.47 1.37 10.18
N TYR A 37 -3.45 1.62 11.48
CA TYR A 37 -2.25 1.41 12.28
C TYR A 37 -2.61 0.89 13.67
N PHE A 38 -2.09 -0.29 14.01
CA PHE A 38 -2.36 -0.90 15.31
C PHE A 38 -1.38 -0.38 16.36
N ALA A 39 -1.92 0.18 17.44
CA ALA A 39 -1.09 0.71 18.51
C ALA A 39 -0.71 -0.38 19.50
N GLY A 40 -1.57 -1.38 19.63
CA GLY A 40 -1.30 -2.48 20.54
C GLY A 40 -1.78 -2.18 21.96
N LYS A 41 -2.79 -2.92 22.40
CA LYS A 41 -3.35 -2.74 23.74
C LYS A 41 -3.60 -4.09 24.41
N LYS A 42 -2.58 -4.92 24.47
CA LYS A 42 -2.69 -6.24 25.08
C LYS A 42 -1.34 -6.69 25.65
N ASP A 43 -1.34 -7.85 26.31
CA ASP A 43 -0.12 -8.39 26.89
C ASP A 43 0.50 -9.43 25.96
N ALA A 44 0.24 -9.30 24.66
CA ALA A 44 0.78 -10.23 23.68
C ALA A 44 1.73 -9.52 22.72
N PRO A 45 2.58 -10.32 22.05
CA PRO A 45 3.56 -9.79 21.09
C PRO A 45 2.90 -9.25 19.82
N PRO A 46 3.68 -8.52 19.01
CA PRO A 46 3.19 -7.94 17.75
C PRO A 46 2.90 -9.00 16.69
N GLU A 47 1.62 -9.28 16.47
CA GLU A 47 1.22 -10.28 15.47
C GLU A 47 0.79 -9.61 14.17
N SER A 48 0.03 -8.53 14.29
CA SER A 48 -0.45 -7.79 13.13
C SER A 48 0.63 -6.86 12.59
N ARG A 49 0.42 -6.35 11.39
CA ARG A 49 1.37 -5.44 10.75
C ARG A 49 0.87 -4.00 10.81
N THR A 50 1.55 -3.17 11.60
CA THR A 50 1.18 -1.78 11.75
C THR A 50 2.23 -0.85 11.15
N LYS A 51 1.91 -0.28 9.99
CA LYS A 51 2.84 0.63 9.31
C LYS A 51 2.09 1.81 8.72
N PRO A 52 2.82 2.92 8.49
CA PRO A 52 2.25 4.15 7.92
C PRO A 52 1.85 3.98 6.46
N SER A 53 2.38 2.94 5.83
CA SER A 53 2.09 2.67 4.42
C SER A 53 0.58 2.64 4.18
N VAL A 54 0.17 3.00 2.97
CA VAL A 54 -1.24 3.01 2.61
C VAL A 54 -1.58 1.84 1.69
N PHE A 55 -2.81 1.35 1.80
CA PHE A 55 -3.26 0.24 0.98
C PHE A 55 -4.26 0.71 -0.08
N VAL A 56 -4.03 0.28 -1.32
CA VAL A 56 -4.90 0.66 -2.42
C VAL A 56 -5.36 -0.57 -3.21
N VAL A 57 -6.61 -0.54 -3.67
CA VAL A 57 -7.18 -1.65 -4.43
C VAL A 57 -7.65 -1.19 -5.80
N PHE A 58 -6.98 -1.66 -6.85
CA PHE A 58 -7.34 -1.30 -8.21
C PHE A 58 -8.55 -2.10 -8.69
N ASN A 59 -9.40 -1.46 -9.49
CA ASN A 59 -10.59 -2.10 -10.01
C ASN A 59 -10.27 -2.89 -11.28
N SER A 60 -9.54 -2.26 -12.19
CA SER A 60 -9.18 -2.89 -13.45
C SER A 60 -8.00 -3.84 -13.25
N SER A 61 -8.15 -5.08 -13.72
CA SER A 61 -7.11 -6.09 -13.59
C SER A 61 -5.83 -5.63 -14.29
N GLU A 62 -5.97 -5.19 -15.53
CA GLU A 62 -4.82 -4.73 -16.32
C GLU A 62 -4.08 -3.62 -15.58
N GLU A 63 -4.78 -2.54 -15.27
CA GLU A 63 -4.19 -1.40 -14.58
C GLU A 63 -3.63 -1.83 -13.23
N ALA A 64 -4.30 -2.79 -12.60
CA ALA A 64 -3.86 -3.31 -11.30
C ALA A 64 -2.47 -3.91 -11.38
N GLU A 65 -2.28 -4.83 -12.32
CA GLU A 65 -0.99 -5.48 -12.50
C GLU A 65 0.08 -4.47 -12.91
N ALA A 66 -0.27 -3.55 -13.81
CA ALA A 66 0.65 -2.54 -14.28
C ALA A 66 1.20 -1.72 -13.12
N PHE A 67 0.31 -1.20 -12.28
CA PHE A 67 0.71 -0.40 -11.13
C PHE A 67 1.51 -1.24 -10.14
N GLN A 68 1.09 -2.48 -9.95
CA GLN A 68 1.78 -3.39 -9.04
C GLN A 68 3.24 -3.56 -9.42
N LYS A 69 3.49 -3.74 -10.71
CA LYS A 69 4.86 -3.90 -11.21
C LYS A 69 5.72 -2.69 -10.86
N ALA A 70 5.42 -1.56 -11.48
CA ALA A 70 6.17 -0.34 -11.23
C ALA A 70 5.24 0.80 -10.81
N PRO A 71 5.82 1.83 -10.17
CA PRO A 71 5.06 2.99 -9.71
C PRO A 71 4.55 3.86 -10.86
N PRO A 72 3.64 4.80 -10.54
CA PRO A 72 3.06 5.70 -11.53
C PRO A 72 4.07 6.72 -12.05
N MET A 73 5.01 7.10 -11.18
CA MET A 73 6.05 8.07 -11.55
C MET A 73 5.41 9.39 -11.95
N TYR A 74 5.32 10.31 -10.99
CA TYR A 74 4.74 11.63 -11.23
C TYR A 74 5.76 12.73 -10.98
N ASP A 75 5.96 13.58 -11.98
CA ASP A 75 6.91 14.68 -11.86
C ASP A 75 6.63 15.50 -10.60
N ASP A 76 5.36 15.80 -10.36
CA ASP A 76 4.97 16.59 -9.19
C ASP A 76 5.54 15.98 -7.92
N VAL A 77 5.14 14.76 -7.61
CA VAL A 77 5.62 14.07 -6.41
C VAL A 77 6.07 12.65 -6.74
N GLN A 78 7.25 12.29 -6.27
CA GLN A 78 7.80 10.96 -6.51
C GLN A 78 6.97 9.90 -5.80
N LEU A 79 6.40 8.99 -6.58
CA LEU A 79 5.58 7.90 -6.03
C LEU A 79 6.40 6.63 -5.86
N THR A 80 6.18 5.94 -4.75
CA THR A 80 6.89 4.69 -4.47
C THR A 80 5.92 3.56 -4.16
N ALA A 81 5.73 2.67 -5.12
CA ALA A 81 4.83 1.54 -4.95
C ALA A 81 5.61 0.23 -4.87
N GLU A 82 5.14 -0.68 -4.02
CA GLU A 82 5.79 -1.98 -3.85
C GLU A 82 4.88 -3.11 -4.33
N MET A 83 5.46 -4.30 -4.48
CA MET A 83 4.69 -5.47 -4.93
C MET A 83 4.35 -6.37 -3.75
N LYS A 84 3.29 -7.16 -3.91
CA LYS A 84 2.85 -8.07 -2.87
C LYS A 84 3.89 -9.17 -2.63
N THR A 85 4.52 -9.62 -3.70
CA THR A 85 5.54 -10.67 -3.61
C THR A 85 6.71 -10.21 -2.75
N THR A 86 7.19 -9.00 -3.00
CA THR A 86 8.31 -8.45 -2.25
C THR A 86 8.02 -8.44 -0.75
N TYR A 87 6.87 -7.89 -0.39
CA TYR A 87 6.47 -7.82 1.01
C TYR A 87 6.41 -9.21 1.64
N LEU A 88 5.75 -10.14 0.94
CA LEU A 88 5.62 -11.51 1.42
C LEU A 88 6.99 -12.12 1.72
N GLU A 89 7.94 -11.88 0.83
CA GLU A 89 9.29 -12.40 0.99
C GLU A 89 9.97 -11.77 2.21
N ARG A 90 9.75 -10.47 2.39
CA ARG A 90 10.34 -9.74 3.51
C ARG A 90 9.91 -10.35 4.85
N LYS A 91 8.59 -10.38 5.07
CA LYS A 91 8.05 -10.93 6.30
C LYS A 91 8.46 -12.39 6.48
N ALA A 92 8.42 -13.14 5.39
CA ALA A 92 8.80 -14.56 5.42
C ALA A 92 10.21 -14.73 5.97
N GLU A 93 11.13 -13.91 5.48
CA GLU A 93 12.52 -13.98 5.93
C GLU A 93 12.66 -13.53 7.38
N GLU A 94 11.89 -12.51 7.75
CA GLU A 94 11.92 -11.99 9.11
C GLU A 94 11.58 -13.07 10.12
N ILE A 95 10.39 -13.63 10.01
CA ILE A 95 9.94 -14.69 10.91
C ILE A 95 10.89 -15.88 10.88
N ALA A 96 11.44 -16.15 9.69
CA ALA A 96 12.37 -17.26 9.53
C ALA A 96 13.53 -17.16 10.50
N ALA A 97 14.07 -15.96 10.65
CA ALA A 97 15.19 -15.73 11.57
C ALA A 97 14.76 -15.88 13.01
N LYS A 98 13.55 -15.42 13.32
CA LYS A 98 13.02 -15.51 14.68
C LYS A 98 12.80 -16.96 15.08
N LYS A 99 12.01 -17.68 14.27
CA LYS A 99 11.72 -19.08 14.54
C LYS A 99 12.84 -19.98 14.02
N THR A 1 -11.78 -17.84 -4.88
CA THR A 1 -11.74 -16.46 -4.43
C THR A 1 -10.44 -15.79 -4.86
N ASP A 2 -10.54 -14.51 -5.22
CA ASP A 2 -9.37 -13.75 -5.65
C ASP A 2 -9.24 -12.45 -4.86
N HIS A 3 -8.02 -12.14 -4.44
CA HIS A 3 -7.76 -10.93 -3.67
C HIS A 3 -6.56 -10.17 -4.23
N GLN A 4 -6.73 -8.87 -4.44
CA GLN A 4 -5.67 -8.04 -4.98
C GLN A 4 -5.52 -6.76 -4.16
N THR A 5 -4.30 -6.46 -3.75
CA THR A 5 -4.03 -5.26 -2.96
C THR A 5 -2.60 -4.76 -3.19
N VAL A 6 -2.47 -3.45 -3.41
CA VAL A 6 -1.16 -2.85 -3.65
C VAL A 6 -0.75 -1.95 -2.48
N TYR A 7 0.56 -1.88 -2.23
CA TYR A 7 1.07 -1.05 -1.14
C TYR A 7 1.84 0.15 -1.68
N VAL A 8 1.45 1.34 -1.24
CA VAL A 8 2.10 2.57 -1.67
C VAL A 8 2.61 3.38 -0.49
N LYS A 9 3.71 4.09 -0.69
CA LYS A 9 4.30 4.91 0.37
C LYS A 9 3.26 5.83 0.98
N PRO A 10 3.52 6.27 2.22
CA PRO A 10 2.61 7.17 2.94
C PRO A 10 2.59 8.58 2.34
N VAL A 11 1.64 9.39 2.77
CA VAL A 11 1.52 10.76 2.29
C VAL A 11 1.92 11.76 3.36
N PRO A 12 2.33 12.96 2.91
CA PRO A 12 2.76 14.03 3.83
C PRO A 12 1.58 14.62 4.61
N PRO A 13 1.90 15.42 5.64
CA PRO A 13 0.89 16.06 6.49
C PRO A 13 0.12 17.15 5.75
N THR A 14 0.69 17.63 4.65
CA THR A 14 0.06 18.67 3.85
C THR A 14 -0.94 18.08 2.86
N ALA A 15 -0.56 16.96 2.25
CA ALA A 15 -1.43 16.29 1.28
C ALA A 15 -2.76 15.91 1.91
N THR A 16 -3.82 16.56 1.45
CA THR A 16 -5.17 16.29 1.97
C THR A 16 -5.81 15.12 1.24
N LEU A 17 -6.98 14.69 1.72
CA LEU A 17 -7.70 13.58 1.11
C LEU A 17 -8.27 13.98 -0.24
N GLU A 18 -8.84 15.19 -0.30
CA GLU A 18 -9.42 15.70 -1.54
C GLU A 18 -8.37 15.84 -2.62
N GLN A 19 -7.19 16.34 -2.23
CA GLN A 19 -6.10 16.53 -3.18
C GLN A 19 -5.60 15.18 -3.72
N LEU A 20 -5.40 14.23 -2.82
CA LEU A 20 -4.94 12.90 -3.21
C LEU A 20 -5.89 12.26 -4.21
N THR A 21 -7.17 12.23 -3.86
CA THR A 21 -8.19 11.64 -4.72
C THR A 21 -8.24 12.34 -6.06
N GLU A 22 -8.16 13.67 -6.04
CA GLU A 22 -8.19 14.47 -7.26
C GLU A 22 -7.08 14.05 -8.21
N PHE A 23 -5.84 14.04 -7.70
CA PHE A 23 -4.68 13.66 -8.50
C PHE A 23 -4.84 12.24 -9.05
N PHE A 24 -5.29 11.32 -8.20
CA PHE A 24 -5.49 9.94 -8.61
C PHE A 24 -6.39 9.85 -9.83
N SER A 25 -7.56 10.47 -9.75
CA SER A 25 -8.52 10.45 -10.85
C SER A 25 -7.88 10.98 -12.13
N LYS A 26 -7.03 12.00 -11.98
CA LYS A 26 -6.35 12.59 -13.13
C LYS A 26 -5.49 11.56 -13.84
N HIS A 27 -4.87 10.67 -13.08
CA HIS A 27 -4.03 9.62 -13.65
C HIS A 27 -4.15 8.33 -12.86
N GLY A 28 -4.75 7.32 -13.49
CA GLY A 28 -4.93 6.03 -12.83
C GLY A 28 -6.31 5.89 -12.21
N THR A 29 -6.93 4.74 -12.43
CA THR A 29 -8.26 4.47 -11.90
C THR A 29 -8.20 3.44 -10.77
N VAL A 30 -8.56 3.87 -9.56
CA VAL A 30 -8.55 2.98 -8.40
C VAL A 30 -9.95 2.78 -7.85
N GLN A 31 -10.21 1.59 -7.32
CA GLN A 31 -11.52 1.28 -6.76
C GLN A 31 -11.72 1.97 -5.42
N ALA A 32 -10.79 1.74 -4.49
CA ALA A 32 -10.87 2.36 -3.17
C ALA A 32 -9.49 2.38 -2.50
N VAL A 33 -9.38 3.15 -1.42
CA VAL A 33 -8.12 3.27 -0.69
C VAL A 33 -8.36 3.43 0.80
N TRP A 34 -7.45 2.88 1.60
CA TRP A 34 -7.57 2.96 3.05
C TRP A 34 -6.23 2.71 3.72
N ARG A 35 -6.16 2.99 5.02
CA ARG A 35 -4.92 2.80 5.78
C ARG A 35 -5.22 2.68 7.26
N ARG A 36 -4.47 1.82 7.94
CA ARG A 36 -4.64 1.60 9.37
C ARG A 36 -3.32 1.21 10.03
N TYR A 37 -3.26 1.33 11.35
CA TYR A 37 -2.06 0.98 12.11
C TYR A 37 -2.42 0.43 13.48
N PHE A 38 -2.02 -0.81 13.74
CA PHE A 38 -2.29 -1.46 15.02
C PHE A 38 -1.29 -1.01 16.08
N ALA A 39 -1.80 -0.42 17.16
CA ALA A 39 -0.95 0.06 18.25
C ALA A 39 -0.61 -1.08 19.21
N GLY A 40 -1.55 -2.00 19.38
CA GLY A 40 -1.33 -3.12 20.27
C GLY A 40 -1.70 -2.80 21.71
N LYS A 41 -2.70 -3.50 22.23
CA LYS A 41 -3.15 -3.28 23.60
C LYS A 41 -3.41 -4.61 24.30
N LYS A 42 -2.44 -5.52 24.23
CA LYS A 42 -2.56 -6.82 24.86
C LYS A 42 -1.19 -7.34 25.31
N ASP A 43 -1.19 -8.51 25.92
CA ASP A 43 0.05 -9.12 26.40
C ASP A 43 0.56 -10.17 25.41
N ALA A 44 0.22 -9.99 24.14
CA ALA A 44 0.65 -10.91 23.10
C ALA A 44 1.62 -10.24 22.14
N PRO A 45 2.39 -11.06 21.40
CA PRO A 45 3.37 -10.57 20.42
C PRO A 45 2.71 -9.94 19.21
N PRO A 46 3.50 -9.23 18.40
CA PRO A 46 3.03 -8.56 17.19
C PRO A 46 2.62 -9.56 16.10
N GLU A 47 1.33 -9.81 15.99
CA GLU A 47 0.81 -10.74 14.99
C GLU A 47 0.42 -10.00 13.70
N SER A 48 -0.19 -8.84 13.87
CA SER A 48 -0.61 -8.03 12.72
C SER A 48 0.51 -7.10 12.27
N ARG A 49 0.36 -6.55 11.07
CA ARG A 49 1.36 -5.63 10.53
C ARG A 49 0.89 -4.19 10.64
N THR A 50 1.64 -3.37 11.37
CA THR A 50 1.29 -1.97 11.55
C THR A 50 2.35 -1.06 10.93
N LYS A 51 2.00 -0.46 9.78
CA LYS A 51 2.92 0.43 9.09
C LYS A 51 2.17 1.63 8.52
N PRO A 52 2.91 2.73 8.28
CA PRO A 52 2.34 3.96 7.73
C PRO A 52 1.91 3.80 6.28
N SER A 53 2.41 2.77 5.62
CA SER A 53 2.08 2.51 4.23
C SER A 53 0.57 2.48 4.02
N VAL A 54 0.13 2.88 2.83
CA VAL A 54 -1.30 2.90 2.50
C VAL A 54 -1.65 1.76 1.56
N PHE A 55 -2.87 1.24 1.72
CA PHE A 55 -3.35 0.15 0.88
C PHE A 55 -4.33 0.65 -0.17
N VAL A 56 -4.11 0.26 -1.42
CA VAL A 56 -4.99 0.67 -2.51
C VAL A 56 -5.47 -0.52 -3.31
N VAL A 57 -6.74 -0.49 -3.71
CA VAL A 57 -7.33 -1.58 -4.48
C VAL A 57 -7.90 -1.07 -5.80
N PHE A 58 -7.33 -1.55 -6.91
CA PHE A 58 -7.78 -1.15 -8.23
C PHE A 58 -8.97 -1.98 -8.68
N ASN A 59 -9.85 -1.37 -9.47
CA ASN A 59 -11.04 -2.06 -9.96
C ASN A 59 -10.71 -2.86 -11.23
N SER A 60 -9.90 -2.27 -12.10
CA SER A 60 -9.51 -2.92 -13.34
C SER A 60 -8.36 -3.90 -13.11
N SER A 61 -8.53 -5.12 -13.59
CA SER A 61 -7.51 -6.16 -13.45
C SER A 61 -6.21 -5.74 -14.12
N GLU A 62 -6.32 -5.29 -15.37
CA GLU A 62 -5.15 -4.86 -16.13
C GLU A 62 -4.41 -3.74 -15.41
N GLU A 63 -5.12 -2.65 -15.13
CA GLU A 63 -4.54 -1.51 -14.45
C GLU A 63 -4.00 -1.91 -13.07
N ALA A 64 -4.69 -2.85 -12.43
CA ALA A 64 -4.27 -3.33 -11.11
C ALA A 64 -2.87 -3.92 -11.16
N GLU A 65 -2.68 -4.91 -12.03
CA GLU A 65 -1.38 -5.56 -12.16
C GLU A 65 -0.32 -4.57 -12.64
N ALA A 66 -0.71 -3.68 -13.55
CA ALA A 66 0.21 -2.69 -14.08
C ALA A 66 0.81 -1.84 -12.97
N PHE A 67 -0.05 -1.28 -12.12
CA PHE A 67 0.39 -0.45 -11.01
C PHE A 67 1.17 -1.27 -9.99
N GLN A 68 0.73 -2.51 -9.78
CA GLN A 68 1.40 -3.40 -8.83
C GLN A 68 2.86 -3.60 -9.20
N LYS A 69 3.12 -3.84 -10.48
CA LYS A 69 4.48 -4.04 -10.96
C LYS A 69 5.35 -2.83 -10.65
N ALA A 70 5.07 -1.71 -11.31
CA ALA A 70 5.83 -0.49 -11.10
C ALA A 70 4.91 0.67 -10.71
N PRO A 71 5.50 1.71 -10.11
CA PRO A 71 4.75 2.89 -9.67
C PRO A 71 4.25 3.73 -10.85
N PRO A 72 3.34 4.68 -10.56
CA PRO A 72 2.77 5.56 -11.57
C PRO A 72 3.78 6.55 -12.12
N MET A 73 4.69 7.00 -11.26
CA MET A 73 5.72 7.96 -11.66
C MET A 73 5.08 9.28 -12.10
N TYR A 74 4.99 10.22 -11.17
CA TYR A 74 4.41 11.52 -11.47
C TYR A 74 5.42 12.64 -11.24
N ASP A 75 5.65 13.45 -12.26
CA ASP A 75 6.60 14.56 -12.17
C ASP A 75 6.29 15.42 -10.95
N ASP A 76 5.02 15.74 -10.76
CA ASP A 76 4.59 16.56 -9.63
C ASP A 76 5.13 16.01 -8.31
N VAL A 77 4.70 14.80 -7.96
CA VAL A 77 5.14 14.16 -6.73
C VAL A 77 5.70 12.77 -7.00
N GLN A 78 6.83 12.46 -6.38
CA GLN A 78 7.46 11.15 -6.55
C GLN A 78 6.64 10.06 -5.88
N LEU A 79 6.18 9.10 -6.67
CA LEU A 79 5.38 7.99 -6.15
C LEU A 79 6.23 6.73 -6.01
N THR A 80 6.10 6.07 -4.86
CA THR A 80 6.85 4.85 -4.59
C THR A 80 5.92 3.71 -4.18
N ALA A 81 5.70 2.77 -5.10
CA ALA A 81 4.84 1.63 -4.84
C ALA A 81 5.65 0.34 -4.72
N GLU A 82 5.22 -0.55 -3.84
CA GLU A 82 5.91 -1.82 -3.63
C GLU A 82 5.06 -2.98 -4.12
N MET A 83 5.67 -4.16 -4.24
CA MET A 83 4.98 -5.36 -4.69
C MET A 83 4.62 -6.26 -3.51
N LYS A 84 3.56 -7.02 -3.67
CA LYS A 84 3.12 -7.94 -2.62
C LYS A 84 4.18 -8.99 -2.33
N THR A 85 4.80 -9.50 -3.39
CA THR A 85 5.85 -10.52 -3.24
C THR A 85 6.97 -10.02 -2.34
N THR A 86 7.39 -8.78 -2.55
CA THR A 86 8.46 -8.20 -1.76
C THR A 86 8.14 -8.27 -0.27
N TYR A 87 6.94 -7.81 0.09
CA TYR A 87 6.52 -7.81 1.49
C TYR A 87 6.51 -9.23 2.05
N LEU A 88 5.89 -10.15 1.31
CA LEU A 88 5.82 -11.54 1.73
C LEU A 88 7.20 -12.08 2.10
N GLU A 89 8.18 -11.81 1.24
CA GLU A 89 9.55 -12.26 1.47
C GLU A 89 10.14 -11.59 2.70
N ARG A 90 9.86 -10.30 2.86
CA ARG A 90 10.37 -9.54 3.99
C ARG A 90 9.97 -10.20 5.30
N LYS A 91 8.67 -10.35 5.51
CA LYS A 91 8.16 -10.97 6.73
C LYS A 91 8.65 -12.40 6.87
N ALA A 92 8.66 -13.13 5.76
CA ALA A 92 9.12 -14.52 5.76
C ALA A 92 10.52 -14.64 6.36
N GLU A 93 11.41 -13.73 5.95
CA GLU A 93 12.78 -13.74 6.45
C GLU A 93 12.83 -13.26 7.90
N GLU A 94 11.99 -12.27 8.22
CA GLU A 94 11.94 -11.71 9.57
C GLU A 94 11.66 -12.80 10.60
N ILE A 95 10.52 -13.46 10.45
CA ILE A 95 10.13 -14.51 11.38
C ILE A 95 11.14 -15.66 11.35
N ALA A 96 11.70 -15.91 10.17
CA ALA A 96 12.69 -16.98 10.02
C ALA A 96 13.86 -16.80 10.99
N ALA A 97 14.30 -15.56 11.14
CA ALA A 97 15.41 -15.26 12.05
C ALA A 97 15.03 -15.54 13.49
N LYS A 98 13.80 -15.19 13.85
CA LYS A 98 13.31 -15.41 15.21
C LYS A 98 13.31 -16.89 15.56
N LYS A 99 12.62 -17.69 14.76
CA LYS A 99 12.54 -19.13 14.99
C LYS A 99 13.81 -19.83 14.50
N THR A 1 -11.91 -17.67 -4.06
CA THR A 1 -11.76 -16.34 -3.47
C THR A 1 -10.51 -15.65 -4.01
N ASP A 2 -10.63 -14.35 -4.28
CA ASP A 2 -9.51 -13.58 -4.80
C ASP A 2 -9.41 -12.23 -4.07
N HIS A 3 -8.20 -11.91 -3.63
CA HIS A 3 -7.95 -10.66 -2.91
C HIS A 3 -6.71 -9.95 -3.46
N GLN A 4 -6.84 -8.66 -3.73
CA GLN A 4 -5.73 -7.88 -4.26
C GLN A 4 -5.50 -6.63 -3.42
N THR A 5 -4.25 -6.37 -3.06
CA THR A 5 -3.91 -5.20 -2.26
C THR A 5 -2.49 -4.74 -2.55
N VAL A 6 -2.34 -3.44 -2.83
CA VAL A 6 -1.03 -2.88 -3.12
C VAL A 6 -0.58 -1.93 -2.02
N TYR A 7 0.73 -1.85 -1.81
CA TYR A 7 1.29 -0.98 -0.78
C TYR A 7 2.04 0.20 -1.40
N VAL A 8 1.67 1.40 -0.99
CA VAL A 8 2.32 2.61 -1.51
C VAL A 8 2.86 3.48 -0.38
N LYS A 9 3.94 4.18 -0.64
CA LYS A 9 4.56 5.05 0.36
C LYS A 9 3.53 6.00 0.96
N PRO A 10 3.81 6.49 2.18
CA PRO A 10 2.93 7.41 2.89
C PRO A 10 2.88 8.79 2.24
N VAL A 11 1.89 9.59 2.65
CA VAL A 11 1.74 10.94 2.10
C VAL A 11 2.11 11.99 3.13
N PRO A 12 2.50 13.19 2.63
CA PRO A 12 2.90 14.31 3.49
C PRO A 12 1.72 14.89 4.26
N PRO A 13 2.02 15.74 5.25
CA PRO A 13 1.00 16.40 6.08
C PRO A 13 0.20 17.43 5.30
N THR A 14 0.75 17.88 4.19
CA THR A 14 0.08 18.88 3.35
C THR A 14 -0.92 18.22 2.40
N ALA A 15 -0.58 17.02 1.93
CA ALA A 15 -1.45 16.30 1.02
C ALA A 15 -2.82 16.06 1.64
N THR A 16 -3.84 16.73 1.09
CA THR A 16 -5.20 16.60 1.60
C THR A 16 -5.90 15.40 0.97
N LEU A 17 -7.09 15.09 1.48
CA LEU A 17 -7.87 13.96 0.97
C LEU A 17 -8.41 14.26 -0.41
N GLU A 18 -9.01 15.44 -0.58
CA GLU A 18 -9.57 15.84 -1.86
C GLU A 18 -8.48 15.96 -2.92
N GLN A 19 -7.32 16.46 -2.51
CA GLN A 19 -6.20 16.61 -3.43
C GLN A 19 -5.70 15.26 -3.93
N LEU A 20 -5.49 14.33 -3.00
CA LEU A 20 -5.02 13.00 -3.35
C LEU A 20 -6.00 12.30 -4.29
N THR A 21 -7.27 12.29 -3.91
CA THR A 21 -8.31 11.66 -4.71
C THR A 21 -8.36 12.26 -6.11
N GLU A 22 -8.27 13.58 -6.18
CA GLU A 22 -8.31 14.29 -7.46
C GLU A 22 -7.17 13.81 -8.37
N PHE A 23 -5.95 13.94 -7.88
CA PHE A 23 -4.77 13.53 -8.65
C PHE A 23 -4.92 12.10 -9.15
N PHE A 24 -5.36 11.22 -8.26
CA PHE A 24 -5.54 9.81 -8.60
C PHE A 24 -6.47 9.66 -9.79
N SER A 25 -7.66 10.24 -9.69
CA SER A 25 -8.65 10.17 -10.75
C SER A 25 -8.07 10.68 -12.07
N LYS A 26 -7.24 11.72 -11.98
CA LYS A 26 -6.62 12.31 -13.16
C LYS A 26 -5.75 11.28 -13.88
N HIS A 27 -5.11 10.41 -13.12
CA HIS A 27 -4.26 9.37 -13.68
C HIS A 27 -4.34 8.09 -12.86
N GLY A 28 -4.91 7.04 -13.44
CA GLY A 28 -5.03 5.78 -12.75
C GLY A 28 -6.41 5.58 -12.16
N THR A 29 -6.92 4.34 -12.24
CA THR A 29 -8.23 4.03 -11.71
C THR A 29 -8.13 3.05 -10.54
N VAL A 30 -8.57 3.50 -9.37
CA VAL A 30 -8.53 2.68 -8.16
C VAL A 30 -9.93 2.47 -7.60
N GLN A 31 -10.15 1.29 -7.00
CA GLN A 31 -11.44 0.96 -6.42
C GLN A 31 -11.63 1.67 -5.08
N ALA A 32 -10.67 1.49 -4.17
CA ALA A 32 -10.74 2.10 -2.86
C ALA A 32 -9.34 2.24 -2.25
N VAL A 33 -9.23 3.08 -1.23
CA VAL A 33 -7.96 3.30 -0.56
C VAL A 33 -8.15 3.60 0.92
N TRP A 34 -7.25 3.10 1.75
CA TRP A 34 -7.33 3.30 3.19
C TRP A 34 -6.00 2.94 3.87
N ARG A 35 -5.91 3.24 5.16
CA ARG A 35 -4.70 2.95 5.92
C ARG A 35 -5.00 2.85 7.41
N ARG A 36 -4.37 1.90 8.08
CA ARG A 36 -4.57 1.70 9.51
C ARG A 36 -3.28 1.21 10.18
N TYR A 37 -3.24 1.33 11.51
CA TYR A 37 -2.07 0.90 12.27
C TYR A 37 -2.48 0.32 13.61
N PHE A 38 -2.13 -0.95 13.84
CA PHE A 38 -2.45 -1.62 15.09
C PHE A 38 -1.45 -1.26 16.19
N ALA A 39 -1.96 -0.64 17.25
CA ALA A 39 -1.12 -0.24 18.37
C ALA A 39 -0.82 -1.42 19.28
N GLY A 40 -1.77 -2.33 19.40
CA GLY A 40 -1.60 -3.50 20.24
C GLY A 40 -1.98 -3.24 21.68
N LYS A 41 -3.01 -3.94 22.15
CA LYS A 41 -3.49 -3.78 23.52
C LYS A 41 -3.79 -5.14 24.15
N LYS A 42 -2.82 -6.03 24.12
CA LYS A 42 -2.98 -7.36 24.69
C LYS A 42 -1.64 -7.90 25.19
N ASP A 43 -1.67 -9.09 25.77
CA ASP A 43 -0.46 -9.72 26.29
C ASP A 43 0.09 -10.76 25.31
N ALA A 44 -0.20 -10.55 24.02
CA ALA A 44 0.27 -11.46 22.98
C ALA A 44 1.29 -10.79 22.08
N PRO A 45 2.07 -11.61 21.36
CA PRO A 45 3.11 -11.11 20.45
C PRO A 45 2.52 -10.44 19.21
N PRO A 46 3.37 -9.74 18.46
CA PRO A 46 2.96 -9.04 17.24
C PRO A 46 2.59 -10.00 16.12
N GLU A 47 1.29 -10.17 15.89
CA GLU A 47 0.81 -11.06 14.84
C GLU A 47 0.53 -10.29 13.55
N SER A 48 -0.08 -9.12 13.70
CA SER A 48 -0.42 -8.28 12.55
C SER A 48 0.73 -7.33 12.23
N ARG A 49 0.63 -6.67 11.07
CA ARG A 49 1.66 -5.73 10.64
C ARG A 49 1.14 -4.30 10.66
N THR A 50 1.79 -3.44 11.42
CA THR A 50 1.38 -2.05 11.53
C THR A 50 2.46 -1.12 10.96
N LYS A 51 2.19 -0.54 9.80
CA LYS A 51 3.12 0.36 9.14
C LYS A 51 2.41 1.62 8.66
N PRO A 52 3.18 2.71 8.49
CA PRO A 52 2.65 3.99 8.02
C PRO A 52 2.22 3.94 6.56
N SER A 53 2.72 2.95 5.83
CA SER A 53 2.37 2.79 4.42
C SER A 53 0.86 2.77 4.23
N VAL A 54 0.42 3.10 3.01
CA VAL A 54 -1.00 3.10 2.70
C VAL A 54 -1.37 1.92 1.81
N PHE A 55 -2.62 1.47 1.94
CA PHE A 55 -3.11 0.34 1.16
C PHE A 55 -4.09 0.80 0.09
N VAL A 56 -3.86 0.41 -1.16
CA VAL A 56 -4.73 0.78 -2.27
C VAL A 56 -5.16 -0.45 -3.06
N VAL A 57 -6.43 -0.50 -3.41
CA VAL A 57 -6.97 -1.62 -4.18
C VAL A 57 -7.46 -1.16 -5.54
N PHE A 58 -6.85 -1.71 -6.59
CA PHE A 58 -7.22 -1.35 -7.96
C PHE A 58 -8.41 -2.19 -8.43
N ASN A 59 -9.30 -1.56 -9.19
CA ASN A 59 -10.49 -2.23 -9.71
C ASN A 59 -10.18 -2.94 -11.03
N SER A 60 -9.48 -2.23 -11.91
CA SER A 60 -9.13 -2.78 -13.21
C SER A 60 -7.95 -3.73 -13.10
N SER A 61 -8.08 -4.92 -13.67
CA SER A 61 -7.03 -5.92 -13.64
C SER A 61 -5.77 -5.41 -14.33
N GLU A 62 -5.94 -4.88 -15.53
CA GLU A 62 -4.82 -4.36 -16.30
C GLU A 62 -4.06 -3.29 -15.52
N GLU A 63 -4.79 -2.25 -15.11
CA GLU A 63 -4.19 -1.15 -14.35
C GLU A 63 -3.61 -1.66 -13.03
N ALA A 64 -4.28 -2.65 -12.44
CA ALA A 64 -3.82 -3.22 -11.18
C ALA A 64 -2.42 -3.80 -11.32
N GLU A 65 -2.22 -4.61 -12.35
CA GLU A 65 -0.91 -5.23 -12.60
C GLU A 65 0.13 -4.18 -12.98
N ALA A 66 -0.29 -3.21 -13.77
CA ALA A 66 0.61 -2.14 -14.21
C ALA A 66 1.20 -1.40 -13.03
N PHE A 67 0.35 -0.99 -12.10
CA PHE A 67 0.80 -0.27 -10.91
C PHE A 67 1.58 -1.19 -9.98
N GLN A 68 1.13 -2.44 -9.87
CA GLN A 68 1.79 -3.41 -9.01
C GLN A 68 3.27 -3.56 -9.38
N LYS A 69 3.53 -3.79 -10.66
CA LYS A 69 4.90 -3.93 -11.15
C LYS A 69 5.73 -2.71 -10.82
N ALA A 70 5.40 -1.58 -11.46
CA ALA A 70 6.13 -0.34 -11.23
C ALA A 70 5.18 0.78 -10.84
N PRO A 71 5.72 1.84 -10.22
CA PRO A 71 4.93 3.00 -9.78
C PRO A 71 4.42 3.83 -10.95
N PRO A 72 3.49 4.74 -10.66
CA PRO A 72 2.89 5.62 -11.67
C PRO A 72 3.88 6.66 -12.20
N MET A 73 4.78 7.10 -11.33
CA MET A 73 5.79 8.08 -11.71
C MET A 73 5.14 9.40 -12.13
N TYR A 74 5.01 10.33 -11.19
CA TYR A 74 4.40 11.62 -11.45
C TYR A 74 5.38 12.76 -11.20
N ASP A 75 5.58 13.60 -12.21
CA ASP A 75 6.50 14.72 -12.10
C ASP A 75 6.18 15.55 -10.85
N ASP A 76 4.90 15.85 -10.65
CA ASP A 76 4.47 16.63 -9.50
C ASP A 76 5.03 16.05 -8.21
N VAL A 77 4.64 14.82 -7.91
CA VAL A 77 5.10 14.15 -6.70
C VAL A 77 5.60 12.73 -7.00
N GLN A 78 6.81 12.43 -6.53
CA GLN A 78 7.41 11.12 -6.76
C GLN A 78 6.63 10.03 -6.03
N LEU A 79 6.09 9.08 -6.79
CA LEU A 79 5.32 7.98 -6.21
C LEU A 79 6.16 6.72 -6.10
N THR A 80 6.08 6.05 -4.96
CA THR A 80 6.84 4.83 -4.73
C THR A 80 5.93 3.70 -4.25
N ALA A 81 5.63 2.76 -5.15
CA ALA A 81 4.78 1.63 -4.83
C ALA A 81 5.57 0.34 -4.79
N GLU A 82 5.19 -0.56 -3.88
CA GLU A 82 5.88 -1.84 -3.75
C GLU A 82 4.97 -2.99 -4.17
N MET A 83 5.55 -4.17 -4.33
CA MET A 83 4.79 -5.35 -4.74
C MET A 83 4.51 -6.25 -3.54
N LYS A 84 3.42 -7.01 -3.62
CA LYS A 84 3.04 -7.92 -2.55
C LYS A 84 4.11 -8.98 -2.32
N THR A 85 4.74 -9.41 -3.40
CA THR A 85 5.78 -10.43 -3.32
C THR A 85 6.92 -9.98 -2.41
N THR A 86 7.41 -8.77 -2.64
CA THR A 86 8.50 -8.22 -1.84
C THR A 86 8.17 -8.27 -0.35
N TYR A 87 7.07 -7.64 0.03
CA TYR A 87 6.64 -7.61 1.42
C TYR A 87 6.57 -9.02 2.00
N LEU A 88 5.97 -9.92 1.23
CA LEU A 88 5.83 -11.31 1.67
C LEU A 88 7.18 -11.91 2.03
N GLU A 89 8.18 -11.66 1.19
CA GLU A 89 9.52 -12.17 1.42
C GLU A 89 10.14 -11.55 2.67
N ARG A 90 9.88 -10.27 2.87
CA ARG A 90 10.40 -9.55 4.03
C ARG A 90 9.92 -10.19 5.32
N LYS A 91 8.60 -10.28 5.48
CA LYS A 91 8.01 -10.87 6.68
C LYS A 91 8.44 -12.32 6.84
N ALA A 92 8.50 -13.04 5.72
CA ALA A 92 8.91 -14.44 5.74
C ALA A 92 10.29 -14.60 6.36
N GLU A 93 11.21 -13.75 5.96
CA GLU A 93 12.58 -13.79 6.48
C GLU A 93 12.63 -13.37 7.94
N GLU A 94 11.83 -12.36 8.28
CA GLU A 94 11.78 -11.85 9.65
C GLU A 94 11.41 -12.96 10.62
N ILE A 95 10.22 -13.53 10.44
CA ILE A 95 9.74 -14.60 11.30
C ILE A 95 10.65 -15.82 11.21
N ALA A 96 11.21 -16.05 10.03
CA ALA A 96 12.12 -17.18 9.82
C ALA A 96 13.36 -17.06 10.69
N ALA A 97 13.89 -15.85 10.79
CA ALA A 97 15.08 -15.59 11.59
C ALA A 97 14.84 -15.94 13.06
N LYS A 98 13.72 -15.46 13.60
CA LYS A 98 13.38 -15.72 14.99
C LYS A 98 13.12 -17.20 15.23
N LYS A 99 12.21 -17.77 14.45
CA LYS A 99 11.88 -19.19 14.57
C LYS A 99 12.90 -20.06 13.83
N THR A 1 -11.95 -17.50 -4.87
CA THR A 1 -11.86 -16.19 -4.24
C THR A 1 -10.69 -15.39 -4.81
N ASP A 2 -10.92 -14.10 -5.02
CA ASP A 2 -9.88 -13.22 -5.56
C ASP A 2 -9.71 -11.99 -4.66
N HIS A 3 -8.47 -11.73 -4.26
CA HIS A 3 -8.16 -10.58 -3.41
C HIS A 3 -6.97 -9.80 -3.97
N GLN A 4 -7.10 -8.48 -3.98
CA GLN A 4 -6.04 -7.62 -4.49
C GLN A 4 -5.77 -6.47 -3.51
N THR A 5 -4.49 -6.29 -3.16
CA THR A 5 -4.10 -5.23 -2.24
C THR A 5 -2.69 -4.74 -2.54
N VAL A 6 -2.57 -3.43 -2.80
CA VAL A 6 -1.28 -2.84 -3.10
C VAL A 6 -0.82 -1.90 -1.99
N TYR A 7 0.49 -1.82 -1.78
CA TYR A 7 1.04 -0.96 -0.74
C TYR A 7 1.78 0.22 -1.35
N VAL A 8 1.49 1.41 -0.84
CA VAL A 8 2.13 2.63 -1.34
C VAL A 8 2.66 3.48 -0.19
N LYS A 9 3.76 4.18 -0.43
CA LYS A 9 4.36 5.04 0.58
C LYS A 9 3.32 5.99 1.19
N PRO A 10 3.60 6.46 2.41
CA PRO A 10 2.71 7.38 3.12
C PRO A 10 2.66 8.77 2.48
N VAL A 11 1.67 9.55 2.87
CA VAL A 11 1.52 10.91 2.34
C VAL A 11 1.87 11.96 3.39
N PRO A 12 2.26 13.15 2.92
CA PRO A 12 2.62 14.26 3.80
C PRO A 12 1.42 14.84 4.55
N PRO A 13 1.69 15.68 5.56
CA PRO A 13 0.64 16.31 6.37
C PRO A 13 -0.15 17.35 5.57
N THR A 14 0.44 17.82 4.48
CA THR A 14 -0.21 18.82 3.64
C THR A 14 -1.19 18.17 2.67
N ALA A 15 -0.77 17.06 2.07
CA ALA A 15 -1.62 16.34 1.12
C ALA A 15 -2.93 15.93 1.76
N THR A 16 -4.03 16.56 1.34
CA THR A 16 -5.34 16.25 1.87
C THR A 16 -5.99 15.11 1.11
N LEU A 17 -7.14 14.66 1.61
CA LEU A 17 -7.87 13.56 0.97
C LEU A 17 -8.41 13.98 -0.39
N GLU A 18 -8.94 15.20 -0.46
CA GLU A 18 -9.49 15.72 -1.70
C GLU A 18 -8.40 15.86 -2.77
N GLN A 19 -7.22 16.31 -2.34
CA GLN A 19 -6.11 16.49 -3.27
C GLN A 19 -5.61 15.15 -3.78
N LEU A 20 -5.42 14.19 -2.87
CA LEU A 20 -4.96 12.86 -3.23
C LEU A 20 -5.89 12.22 -4.24
N THR A 21 -7.19 12.17 -3.91
CA THR A 21 -8.18 11.58 -4.79
C THR A 21 -8.21 12.29 -6.14
N GLU A 22 -8.16 13.62 -6.11
CA GLU A 22 -8.18 14.41 -7.33
C GLU A 22 -7.08 13.97 -8.28
N PHE A 23 -5.84 14.01 -7.80
CA PHE A 23 -4.70 13.61 -8.61
C PHE A 23 -4.85 12.19 -9.12
N PHE A 24 -5.29 11.30 -8.23
CA PHE A 24 -5.47 9.90 -8.58
C PHE A 24 -6.37 9.75 -9.81
N SER A 25 -7.55 10.35 -9.74
CA SER A 25 -8.50 10.28 -10.84
C SER A 25 -7.89 10.81 -12.12
N LYS A 26 -7.08 11.86 -12.00
CA LYS A 26 -6.42 12.46 -13.16
C LYS A 26 -5.51 11.45 -13.84
N HIS A 27 -4.89 10.58 -13.06
CA HIS A 27 -4.00 9.56 -13.59
C HIS A 27 -4.11 8.26 -12.79
N GLY A 28 -4.66 7.23 -13.42
CA GLY A 28 -4.82 5.95 -12.76
C GLY A 28 -6.21 5.76 -12.20
N THR A 29 -6.73 4.54 -12.31
CA THR A 29 -8.06 4.22 -11.81
C THR A 29 -8.00 3.31 -10.59
N VAL A 30 -8.46 3.83 -9.45
CA VAL A 30 -8.45 3.07 -8.21
C VAL A 30 -9.87 2.85 -7.69
N GLN A 31 -10.09 1.69 -7.08
CA GLN A 31 -11.41 1.36 -6.54
C GLN A 31 -11.63 2.05 -5.19
N ALA A 32 -10.73 1.80 -4.25
CA ALA A 32 -10.83 2.40 -2.92
C ALA A 32 -9.46 2.45 -2.23
N VAL A 33 -9.36 3.28 -1.21
CA VAL A 33 -8.10 3.42 -0.46
C VAL A 33 -8.38 3.61 1.02
N TRP A 34 -7.50 3.04 1.85
CA TRP A 34 -7.63 3.15 3.30
C TRP A 34 -6.31 2.83 3.99
N ARG A 35 -6.26 3.07 5.30
CA ARG A 35 -5.06 2.82 6.08
C ARG A 35 -5.39 2.72 7.57
N ARG A 36 -4.74 1.79 8.25
CA ARG A 36 -4.97 1.58 9.68
C ARG A 36 -3.67 1.18 10.38
N TYR A 37 -3.66 1.29 11.70
CA TYR A 37 -2.48 0.94 12.49
C TYR A 37 -2.89 0.32 13.83
N PHE A 38 -2.41 -0.90 14.07
CA PHE A 38 -2.72 -1.60 15.31
C PHE A 38 -1.80 -1.14 16.44
N ALA A 39 -2.40 -0.56 17.48
CA ALA A 39 -1.64 -0.08 18.63
C ALA A 39 -1.23 -1.24 19.53
N GLY A 40 -2.05 -2.28 19.58
CA GLY A 40 -1.75 -3.43 20.41
C GLY A 40 -2.20 -3.25 21.84
N LYS A 41 -3.20 -4.02 22.25
CA LYS A 41 -3.73 -3.93 23.61
C LYS A 41 -3.98 -5.33 24.18
N LYS A 42 -2.97 -6.19 24.10
CA LYS A 42 -3.08 -7.55 24.61
C LYS A 42 -1.74 -8.05 25.12
N ASP A 43 -1.74 -9.25 25.69
CA ASP A 43 -0.51 -9.84 26.22
C ASP A 43 0.11 -10.80 25.21
N ALA A 44 -0.16 -10.58 23.94
CA ALA A 44 0.36 -11.42 22.87
C ALA A 44 1.31 -10.63 21.97
N PRO A 45 2.17 -11.37 21.23
CA PRO A 45 3.14 -10.76 20.31
C PRO A 45 2.47 -10.12 19.10
N PRO A 46 3.26 -9.34 18.35
CA PRO A 46 2.77 -8.65 17.15
C PRO A 46 2.48 -9.61 16.01
N GLU A 47 1.20 -9.87 15.76
CA GLU A 47 0.79 -10.77 14.70
C GLU A 47 0.43 -10.01 13.43
N SER A 48 -0.30 -8.91 13.59
CA SER A 48 -0.70 -8.08 12.46
C SER A 48 0.41 -7.12 12.07
N ARG A 49 0.27 -6.51 10.89
CA ARG A 49 1.26 -5.57 10.41
C ARG A 49 0.76 -4.12 10.55
N THR A 50 1.44 -3.35 11.37
CA THR A 50 1.07 -1.95 11.61
C THR A 50 2.12 -1.00 11.05
N LYS A 51 1.80 -0.36 9.93
CA LYS A 51 2.72 0.58 9.31
C LYS A 51 1.98 1.81 8.79
N PRO A 52 2.71 2.92 8.62
CA PRO A 52 2.13 4.18 8.12
C PRO A 52 1.75 4.09 6.65
N SER A 53 2.28 3.09 5.95
CA SER A 53 2.00 2.91 4.53
C SER A 53 0.49 2.85 4.29
N VAL A 54 0.08 3.24 3.09
CA VAL A 54 -1.34 3.24 2.73
C VAL A 54 -1.67 2.04 1.84
N PHE A 55 -2.89 1.52 1.98
CA PHE A 55 -3.33 0.39 1.19
C PHE A 55 -4.34 0.82 0.13
N VAL A 56 -4.05 0.50 -1.13
CA VAL A 56 -4.92 0.86 -2.23
C VAL A 56 -5.38 -0.39 -2.99
N VAL A 57 -6.65 -0.39 -3.40
CA VAL A 57 -7.21 -1.53 -4.13
C VAL A 57 -7.76 -1.07 -5.48
N PHE A 58 -7.15 -1.58 -6.56
CA PHE A 58 -7.57 -1.23 -7.91
C PHE A 58 -8.73 -2.12 -8.36
N ASN A 59 -9.61 -1.55 -9.18
CA ASN A 59 -10.77 -2.28 -9.67
C ASN A 59 -10.43 -3.03 -10.95
N SER A 60 -9.70 -2.37 -11.84
CA SER A 60 -9.30 -2.98 -13.11
C SER A 60 -8.13 -3.93 -12.92
N SER A 61 -8.27 -5.15 -13.42
CA SER A 61 -7.23 -6.16 -13.30
C SER A 61 -5.95 -5.70 -14.00
N GLU A 62 -6.09 -5.27 -15.25
CA GLU A 62 -4.96 -4.80 -16.04
C GLU A 62 -4.18 -3.72 -15.29
N GLU A 63 -4.87 -2.63 -14.98
CA GLU A 63 -4.25 -1.52 -14.27
C GLU A 63 -3.72 -1.96 -12.91
N ALA A 64 -4.42 -2.90 -12.29
CA ALA A 64 -4.02 -3.42 -10.98
C ALA A 64 -2.62 -4.00 -11.03
N GLU A 65 -2.41 -4.95 -11.95
CA GLU A 65 -1.11 -5.59 -12.10
C GLU A 65 -0.06 -4.59 -12.55
N ALA A 66 -0.44 -3.70 -13.46
CA ALA A 66 0.46 -2.68 -13.98
C ALA A 66 1.07 -1.87 -12.84
N PHE A 67 0.22 -1.36 -11.96
CA PHE A 67 0.67 -0.56 -10.83
C PHE A 67 1.44 -1.41 -9.83
N GLN A 68 0.97 -2.64 -9.62
CA GLN A 68 1.63 -3.56 -8.70
C GLN A 68 3.10 -3.75 -9.05
N LYS A 69 3.36 -3.95 -10.34
CA LYS A 69 4.72 -4.15 -10.81
C LYS A 69 5.60 -2.94 -10.50
N ALA A 70 5.31 -1.82 -11.16
CA ALA A 70 6.07 -0.59 -10.94
C ALA A 70 5.14 0.56 -10.56
N PRO A 71 5.72 1.61 -9.95
CA PRO A 71 4.96 2.79 -9.52
C PRO A 71 4.47 3.62 -10.71
N PRO A 72 3.57 4.57 -10.43
CA PRO A 72 3.01 5.45 -11.46
C PRO A 72 4.03 6.44 -11.99
N MET A 73 4.94 6.87 -11.12
CA MET A 73 5.96 7.83 -11.51
C MET A 73 5.36 9.15 -11.94
N TYR A 74 5.26 10.10 -11.02
CA TYR A 74 4.68 11.40 -11.31
C TYR A 74 5.70 12.51 -11.06
N ASP A 75 5.90 13.36 -12.06
CA ASP A 75 6.85 14.47 -11.94
C ASP A 75 6.53 15.33 -10.72
N ASP A 76 5.25 15.63 -10.53
CA ASP A 76 4.81 16.45 -9.41
C ASP A 76 5.35 15.89 -8.09
N VAL A 77 4.92 14.67 -7.76
CA VAL A 77 5.35 14.02 -6.53
C VAL A 77 5.83 12.60 -6.79
N GLN A 78 7.02 12.27 -6.30
CA GLN A 78 7.59 10.95 -6.50
C GLN A 78 6.76 9.89 -5.79
N LEU A 79 6.26 8.92 -6.54
CA LEU A 79 5.45 7.84 -5.98
C LEU A 79 6.27 6.57 -5.80
N THR A 80 6.07 5.90 -4.67
CA THR A 80 6.79 4.67 -4.37
C THR A 80 5.83 3.55 -3.99
N ALA A 81 5.61 2.62 -4.92
CA ALA A 81 4.71 1.50 -4.69
C ALA A 81 5.48 0.19 -4.62
N GLU A 82 5.04 -0.72 -3.77
CA GLU A 82 5.68 -2.02 -3.62
C GLU A 82 4.75 -3.15 -4.04
N MET A 83 5.31 -4.34 -4.19
CA MET A 83 4.53 -5.51 -4.59
C MET A 83 4.26 -6.42 -3.39
N LYS A 84 3.15 -7.15 -3.46
CA LYS A 84 2.78 -8.06 -2.38
C LYS A 84 3.85 -9.13 -2.18
N THR A 85 4.45 -9.57 -3.29
CA THR A 85 5.48 -10.60 -3.23
C THR A 85 6.69 -10.12 -2.44
N THR A 86 7.13 -8.90 -2.72
CA THR A 86 8.28 -8.32 -2.03
C THR A 86 8.05 -8.28 -0.53
N TYR A 87 6.93 -7.70 -0.12
CA TYR A 87 6.60 -7.58 1.30
C TYR A 87 6.55 -8.96 1.95
N LEU A 88 5.82 -9.88 1.33
CA LEU A 88 5.69 -11.24 1.86
C LEU A 88 7.07 -11.86 2.09
N GLU A 89 7.98 -11.63 1.16
CA GLU A 89 9.34 -12.17 1.27
C GLU A 89 10.07 -11.54 2.44
N ARG A 90 9.89 -10.23 2.61
CA ARG A 90 10.55 -9.50 3.68
C ARG A 90 10.16 -10.07 5.04
N LYS A 91 8.85 -10.10 5.31
CA LYS A 91 8.35 -10.62 6.58
C LYS A 91 8.75 -12.08 6.76
N ALA A 92 8.68 -12.86 5.69
CA ALA A 92 9.04 -14.27 5.74
C ALA A 92 10.47 -14.45 6.23
N GLU A 93 11.39 -13.66 5.68
CA GLU A 93 12.80 -13.74 6.06
C GLU A 93 12.99 -13.24 7.49
N GLU A 94 12.23 -12.24 7.87
CA GLU A 94 12.32 -11.67 9.21
C GLU A 94 12.02 -12.72 10.27
N ILE A 95 10.85 -13.34 10.16
CA ILE A 95 10.44 -14.37 11.12
C ILE A 95 11.36 -15.58 11.04
N ALA A 96 11.83 -15.89 9.83
CA ALA A 96 12.73 -17.02 9.63
C ALA A 96 14.03 -16.84 10.38
N ALA A 97 14.54 -15.61 10.39
CA ALA A 97 15.80 -15.31 11.09
C ALA A 97 15.63 -15.52 12.59
N LYS A 98 14.49 -15.10 13.13
CA LYS A 98 14.23 -15.24 14.55
C LYS A 98 14.06 -16.71 14.93
N LYS A 99 13.20 -17.41 14.20
CA LYS A 99 12.95 -18.82 14.46
C LYS A 99 14.03 -19.69 13.82
N THR A 1 -11.89 -17.88 -5.14
CA THR A 1 -11.83 -16.53 -4.56
C THR A 1 -10.50 -15.87 -4.88
N ASP A 2 -10.55 -14.59 -5.22
CA ASP A 2 -9.35 -13.83 -5.56
C ASP A 2 -9.36 -12.47 -4.87
N HIS A 3 -8.23 -12.11 -4.27
CA HIS A 3 -8.11 -10.83 -3.58
C HIS A 3 -6.89 -10.06 -4.07
N GLN A 4 -7.08 -8.77 -4.31
CA GLN A 4 -5.98 -7.91 -4.78
C GLN A 4 -5.75 -6.74 -3.84
N THR A 5 -4.50 -6.53 -3.46
CA THR A 5 -4.15 -5.44 -2.55
C THR A 5 -2.74 -4.93 -2.84
N VAL A 6 -2.62 -3.62 -3.02
CA VAL A 6 -1.33 -3.00 -3.30
C VAL A 6 -0.91 -2.08 -2.16
N TYR A 7 0.40 -1.98 -1.94
CA TYR A 7 0.93 -1.13 -0.88
C TYR A 7 1.69 0.05 -1.46
N VAL A 8 1.36 1.25 -1.00
CA VAL A 8 2.01 2.46 -1.47
C VAL A 8 2.55 3.29 -0.31
N LYS A 9 3.67 3.97 -0.54
CA LYS A 9 4.29 4.80 0.49
C LYS A 9 3.27 5.75 1.10
N PRO A 10 3.55 6.21 2.33
CA PRO A 10 2.68 7.14 3.05
C PRO A 10 2.68 8.54 2.43
N VAL A 11 1.70 9.35 2.83
CA VAL A 11 1.59 10.71 2.31
C VAL A 11 1.95 11.74 3.37
N PRO A 12 2.37 12.92 2.92
CA PRO A 12 2.77 14.02 3.83
C PRO A 12 1.57 14.60 4.56
N PRO A 13 1.86 15.43 5.59
CA PRO A 13 0.82 16.07 6.39
C PRO A 13 0.06 17.15 5.62
N THR A 14 0.67 17.63 4.54
CA THR A 14 0.06 18.66 3.71
C THR A 14 -0.92 18.05 2.72
N ALA A 15 -0.59 16.88 2.20
CA ALA A 15 -1.45 16.19 1.24
C ALA A 15 -2.79 15.84 1.87
N THR A 16 -3.83 16.55 1.43
CA THR A 16 -5.18 16.33 1.95
C THR A 16 -5.88 15.20 1.19
N LEU A 17 -7.07 14.82 1.65
CA LEU A 17 -7.83 13.77 1.02
C LEU A 17 -8.36 14.21 -0.34
N GLU A 18 -8.83 15.44 -0.41
CA GLU A 18 -9.37 15.99 -1.66
C GLU A 18 -8.27 16.08 -2.72
N GLN A 19 -7.08 16.51 -2.30
CA GLN A 19 -5.96 16.64 -3.22
C GLN A 19 -5.50 15.29 -3.72
N LEU A 20 -5.30 14.36 -2.79
CA LEU A 20 -4.86 13.01 -3.14
C LEU A 20 -5.82 12.37 -4.14
N THR A 21 -7.11 12.41 -3.83
CA THR A 21 -8.12 11.83 -4.70
C THR A 21 -8.11 12.50 -6.08
N GLU A 22 -8.04 13.83 -6.08
CA GLU A 22 -8.02 14.59 -7.32
C GLU A 22 -6.92 14.08 -8.25
N PHE A 23 -5.69 14.06 -7.74
CA PHE A 23 -4.55 13.62 -8.52
C PHE A 23 -4.74 12.17 -8.99
N PHE A 24 -5.26 11.34 -8.11
CA PHE A 24 -5.50 9.93 -8.41
C PHE A 24 -6.36 9.79 -9.67
N SER A 25 -7.51 10.44 -9.67
CA SER A 25 -8.43 10.38 -10.80
C SER A 25 -7.76 10.92 -12.06
N LYS A 26 -6.93 11.95 -11.89
CA LYS A 26 -6.23 12.55 -13.01
C LYS A 26 -5.37 11.53 -13.74
N HIS A 27 -4.79 10.60 -12.98
CA HIS A 27 -3.95 9.55 -13.56
C HIS A 27 -4.08 8.26 -12.78
N GLY A 28 -4.68 7.25 -13.40
CA GLY A 28 -4.86 5.97 -12.75
C GLY A 28 -6.23 5.81 -12.15
N THR A 29 -6.84 4.64 -12.33
CA THR A 29 -8.17 4.36 -11.81
C THR A 29 -8.12 3.34 -10.69
N VAL A 30 -8.54 3.75 -9.50
CA VAL A 30 -8.55 2.87 -8.34
C VAL A 30 -9.97 2.63 -7.83
N GLN A 31 -10.22 1.42 -7.34
CA GLN A 31 -11.54 1.06 -6.83
C GLN A 31 -11.78 1.72 -5.46
N ALA A 32 -10.88 1.46 -4.52
CA ALA A 32 -10.99 2.01 -3.19
C ALA A 32 -9.63 2.10 -2.51
N VAL A 33 -9.56 2.88 -1.44
CA VAL A 33 -8.31 3.05 -0.70
C VAL A 33 -8.57 3.25 0.80
N TRP A 34 -7.69 2.70 1.62
CA TRP A 34 -7.82 2.81 3.07
C TRP A 34 -6.48 2.58 3.75
N ARG A 35 -6.43 2.85 5.06
CA ARG A 35 -5.22 2.68 5.83
C ARG A 35 -5.53 2.61 7.33
N ARG A 36 -4.80 1.75 8.04
CA ARG A 36 -5.00 1.59 9.47
C ARG A 36 -3.69 1.22 10.17
N TYR A 37 -3.66 1.38 11.48
CA TYR A 37 -2.47 1.08 12.27
C TYR A 37 -2.84 0.58 13.66
N PHE A 38 -2.37 -0.62 14.00
CA PHE A 38 -2.65 -1.21 15.31
C PHE A 38 -1.63 -0.74 16.35
N ALA A 39 -2.13 -0.16 17.43
CA ALA A 39 -1.27 0.33 18.49
C ALA A 39 -0.86 -0.81 19.43
N GLY A 40 -1.75 -1.78 19.59
CA GLY A 40 -1.46 -2.91 20.46
C GLY A 40 -1.91 -2.67 21.89
N LYS A 41 -2.91 -3.41 22.32
CA LYS A 41 -3.43 -3.28 23.68
C LYS A 41 -3.75 -4.64 24.28
N LYS A 42 -2.77 -5.54 24.27
CA LYS A 42 -2.95 -6.88 24.81
C LYS A 42 -1.62 -7.43 25.33
N ASP A 43 -1.68 -8.63 25.92
CA ASP A 43 -0.49 -9.26 26.46
C ASP A 43 0.06 -10.30 25.49
N ALA A 44 -0.20 -10.10 24.20
CA ALA A 44 0.27 -11.01 23.17
C ALA A 44 1.26 -10.32 22.23
N PRO A 45 2.06 -11.13 21.51
CA PRO A 45 3.06 -10.62 20.57
C PRO A 45 2.41 -9.99 19.33
N PRO A 46 3.23 -9.27 18.54
CA PRO A 46 2.77 -8.61 17.32
C PRO A 46 2.42 -9.61 16.22
N GLU A 47 1.12 -9.90 16.09
CA GLU A 47 0.66 -10.84 15.07
C GLU A 47 0.31 -10.12 13.78
N SER A 48 -0.41 -9.00 13.90
CA SER A 48 -0.81 -8.22 12.74
C SER A 48 0.32 -7.29 12.29
N ARG A 49 0.11 -6.62 11.18
CA ARG A 49 1.12 -5.71 10.63
C ARG A 49 0.64 -4.26 10.71
N THR A 50 1.35 -3.45 11.49
CA THR A 50 0.99 -2.05 11.65
C THR A 50 2.06 -1.13 11.05
N LYS A 51 1.73 -0.54 9.91
CA LYS A 51 2.66 0.35 9.22
C LYS A 51 1.93 1.56 8.65
N PRO A 52 2.67 2.66 8.43
CA PRO A 52 2.12 3.89 7.88
C PRO A 52 1.69 3.75 6.42
N SER A 53 2.22 2.73 5.76
CA SER A 53 1.91 2.48 4.35
C SER A 53 0.40 2.44 4.14
N VAL A 54 -0.03 2.84 2.95
CA VAL A 54 -1.45 2.86 2.61
C VAL A 54 -1.80 1.68 1.69
N PHE A 55 -3.04 1.21 1.80
CA PHE A 55 -3.51 0.10 0.98
C PHE A 55 -4.47 0.58 -0.09
N VAL A 56 -4.22 0.18 -1.33
CA VAL A 56 -5.06 0.57 -2.46
C VAL A 56 -5.46 -0.64 -3.29
N VAL A 57 -6.72 -0.67 -3.72
CA VAL A 57 -7.23 -1.78 -4.53
C VAL A 57 -7.75 -1.28 -5.88
N PHE A 58 -7.13 -1.77 -6.95
CA PHE A 58 -7.54 -1.37 -8.29
C PHE A 58 -8.71 -2.21 -8.78
N ASN A 59 -9.59 -1.59 -9.58
CA ASN A 59 -10.75 -2.28 -10.12
C ASN A 59 -10.42 -3.02 -11.40
N SER A 60 -9.64 -2.36 -12.26
CA SER A 60 -9.24 -2.95 -13.53
C SER A 60 -8.07 -3.92 -13.35
N SER A 61 -8.21 -5.12 -13.89
CA SER A 61 -7.17 -6.14 -13.78
C SER A 61 -5.87 -5.67 -14.45
N GLU A 62 -6.00 -5.19 -15.68
CA GLU A 62 -4.85 -4.70 -16.43
C GLU A 62 -4.10 -3.62 -15.65
N GLU A 63 -4.82 -2.55 -15.30
CA GLU A 63 -4.23 -1.44 -14.56
C GLU A 63 -3.72 -1.92 -13.20
N ALA A 64 -4.37 -2.92 -12.64
CA ALA A 64 -3.98 -3.46 -11.34
C ALA A 64 -2.58 -4.08 -11.41
N GLU A 65 -2.37 -4.94 -12.39
CA GLU A 65 -1.08 -5.59 -12.56
C GLU A 65 -0.01 -4.59 -12.98
N ALA A 66 -0.38 -3.67 -13.85
CA ALA A 66 0.54 -2.66 -14.34
C ALA A 66 1.09 -1.82 -13.18
N PHE A 67 0.20 -1.38 -12.31
CA PHE A 67 0.59 -0.56 -11.16
C PHE A 67 1.37 -1.40 -10.15
N GLN A 68 0.93 -2.64 -9.95
CA GLN A 68 1.60 -3.54 -9.00
C GLN A 68 3.06 -3.73 -9.38
N LYS A 69 3.33 -3.93 -10.66
CA LYS A 69 4.69 -4.12 -11.15
C LYS A 69 5.56 -2.92 -10.80
N ALA A 70 5.29 -1.79 -11.43
CA ALA A 70 6.05 -0.57 -11.19
C ALA A 70 5.12 0.58 -10.78
N PRO A 71 5.71 1.61 -10.15
CA PRO A 71 4.95 2.79 -9.71
C PRO A 71 4.48 3.65 -10.88
N PRO A 72 3.58 4.60 -10.59
CA PRO A 72 3.03 5.50 -11.60
C PRO A 72 4.06 6.49 -12.11
N MET A 73 4.95 6.93 -11.22
CA MET A 73 5.99 7.88 -11.59
C MET A 73 5.39 9.21 -12.03
N TYR A 74 5.27 10.13 -11.08
CA TYR A 74 4.70 11.45 -11.36
C TYR A 74 5.72 12.55 -11.08
N ASP A 75 5.96 13.39 -12.09
CA ASP A 75 6.91 14.49 -11.95
C ASP A 75 6.60 15.33 -10.72
N ASP A 76 5.32 15.63 -10.52
CA ASP A 76 4.89 16.42 -9.38
C ASP A 76 5.42 15.83 -8.08
N VAL A 77 4.97 14.63 -7.75
CA VAL A 77 5.41 13.96 -6.53
C VAL A 77 5.87 12.54 -6.82
N GLN A 78 7.02 12.17 -6.27
CA GLN A 78 7.59 10.85 -6.47
C GLN A 78 6.73 9.78 -5.78
N LEU A 79 6.24 8.83 -6.57
CA LEU A 79 5.40 7.76 -6.04
C LEU A 79 6.21 6.48 -5.86
N THR A 80 6.00 5.80 -4.74
CA THR A 80 6.70 4.56 -4.45
C THR A 80 5.73 3.43 -4.12
N ALA A 81 5.52 2.54 -5.09
CA ALA A 81 4.62 1.42 -4.90
C ALA A 81 5.39 0.09 -4.84
N GLU A 82 4.97 -0.78 -3.93
CA GLU A 82 5.61 -2.08 -3.77
C GLU A 82 4.69 -3.22 -4.21
N MET A 83 5.25 -4.40 -4.37
CA MET A 83 4.48 -5.56 -4.78
C MET A 83 4.20 -6.49 -3.60
N LYS A 84 3.11 -7.25 -3.69
CA LYS A 84 2.73 -8.17 -2.63
C LYS A 84 3.79 -9.24 -2.43
N THR A 85 4.40 -9.67 -3.53
CA THR A 85 5.44 -10.69 -3.48
C THR A 85 6.64 -10.22 -2.66
N THR A 86 7.10 -9.01 -2.93
CA THR A 86 8.24 -8.44 -2.22
C THR A 86 8.01 -8.43 -0.72
N TYR A 87 6.84 -7.93 -0.31
CA TYR A 87 6.49 -7.86 1.10
C TYR A 87 6.49 -9.26 1.72
N LEU A 88 5.83 -10.19 1.05
CA LEU A 88 5.74 -11.57 1.53
C LEU A 88 7.13 -12.14 1.81
N GLU A 89 8.05 -11.93 0.87
CA GLU A 89 9.42 -12.42 1.02
C GLU A 89 10.12 -11.73 2.19
N ARG A 90 9.85 -10.44 2.35
CA ARG A 90 10.46 -9.67 3.43
C ARG A 90 10.09 -10.24 4.79
N LYS A 91 8.79 -10.32 5.05
CA LYS A 91 8.30 -10.85 6.33
C LYS A 91 8.76 -12.29 6.52
N ALA A 92 8.74 -13.08 5.44
CA ALA A 92 9.15 -14.47 5.50
C ALA A 92 10.58 -14.60 6.01
N GLU A 93 11.47 -13.76 5.48
CA GLU A 93 12.87 -13.77 5.89
C GLU A 93 13.03 -13.27 7.33
N GLU A 94 12.25 -12.25 7.68
CA GLU A 94 12.31 -11.68 9.02
C GLU A 94 12.02 -12.74 10.07
N ILE A 95 10.82 -13.31 10.02
CA ILE A 95 10.42 -14.34 10.97
C ILE A 95 11.38 -15.51 10.95
N ALA A 96 11.93 -15.81 9.78
CA ALA A 96 12.88 -16.91 9.63
C ALA A 96 14.08 -16.73 10.55
N ALA A 97 14.60 -15.51 10.59
CA ALA A 97 15.75 -15.21 11.44
C ALA A 97 15.37 -15.26 12.92
N LYS A 98 14.19 -14.75 13.24
CA LYS A 98 13.70 -14.74 14.62
C LYS A 98 13.55 -16.15 15.15
N LYS A 99 12.75 -16.96 14.46
CA LYS A 99 12.52 -18.34 14.87
C LYS A 99 13.58 -19.26 14.28
N THR A 1 -12.62 -17.16 -6.37
CA THR A 1 -12.38 -15.92 -5.66
C THR A 1 -10.97 -15.40 -5.91
N ASP A 2 -10.84 -14.09 -6.06
CA ASP A 2 -9.56 -13.47 -6.31
C ASP A 2 -9.34 -12.27 -5.39
N HIS A 3 -8.15 -12.17 -4.80
CA HIS A 3 -7.82 -11.06 -3.90
C HIS A 3 -6.61 -10.30 -4.42
N GLN A 4 -6.76 -8.99 -4.54
CA GLN A 4 -5.67 -8.13 -5.02
C GLN A 4 -5.50 -6.91 -4.12
N THR A 5 -4.26 -6.64 -3.73
CA THR A 5 -3.96 -5.51 -2.86
C THR A 5 -2.56 -4.97 -3.13
N VAL A 6 -2.44 -3.66 -3.24
CA VAL A 6 -1.15 -3.01 -3.50
C VAL A 6 -0.76 -2.10 -2.34
N TYR A 7 0.54 -1.99 -2.08
CA TYR A 7 1.04 -1.15 -1.01
C TYR A 7 1.79 0.05 -1.57
N VAL A 8 1.46 1.23 -1.07
CA VAL A 8 2.10 2.47 -1.51
C VAL A 8 2.63 3.26 -0.33
N LYS A 9 3.74 3.97 -0.55
CA LYS A 9 4.35 4.77 0.50
C LYS A 9 3.32 5.71 1.15
N PRO A 10 3.61 6.12 2.38
CA PRO A 10 2.72 7.02 3.14
C PRO A 10 2.70 8.43 2.56
N VAL A 11 1.73 9.22 3.00
CA VAL A 11 1.58 10.60 2.53
C VAL A 11 1.97 11.60 3.61
N PRO A 12 2.37 12.80 3.19
CA PRO A 12 2.78 13.87 4.10
C PRO A 12 1.59 14.43 4.89
N PRO A 13 1.90 15.23 5.93
CA PRO A 13 0.89 15.85 6.78
C PRO A 13 0.10 16.92 6.06
N THR A 14 0.65 17.42 4.96
CA THR A 14 0.01 18.46 4.17
C THR A 14 -0.98 17.87 3.17
N ALA A 15 -0.64 16.70 2.64
CA ALA A 15 -1.50 16.03 1.68
C ALA A 15 -2.87 15.75 2.26
N THR A 16 -3.88 16.45 1.75
CA THR A 16 -5.25 16.28 2.24
C THR A 16 -5.95 15.14 1.52
N LEU A 17 -7.16 14.83 1.94
CA LEU A 17 -7.94 13.75 1.34
C LEU A 17 -8.44 14.15 -0.04
N GLU A 18 -8.98 15.36 -0.14
CA GLU A 18 -9.50 15.87 -1.40
C GLU A 18 -8.39 15.97 -2.45
N GLN A 19 -7.20 16.35 -2.00
CA GLN A 19 -6.06 16.50 -2.89
C GLN A 19 -5.60 15.14 -3.41
N LEU A 20 -5.41 14.19 -2.49
CA LEU A 20 -4.98 12.85 -2.86
C LEU A 20 -5.95 12.20 -3.84
N THR A 21 -7.24 12.25 -3.49
CA THR A 21 -8.27 11.67 -4.35
C THR A 21 -8.30 12.33 -5.72
N GLU A 22 -8.25 13.66 -5.72
CA GLU A 22 -8.26 14.41 -6.97
C GLU A 22 -7.16 13.93 -7.91
N PHE A 23 -5.93 13.92 -7.42
CA PHE A 23 -4.79 13.48 -8.21
C PHE A 23 -4.99 12.05 -8.70
N PHE A 24 -5.47 11.19 -7.81
CA PHE A 24 -5.70 9.79 -8.14
C PHE A 24 -6.59 9.66 -9.37
N SER A 25 -7.78 10.24 -9.30
CA SER A 25 -8.72 10.19 -10.41
C SER A 25 -8.13 10.83 -11.65
N LYS A 26 -7.30 11.86 -11.45
CA LYS A 26 -6.67 12.56 -12.56
C LYS A 26 -5.82 11.61 -13.39
N HIS A 27 -5.19 10.65 -12.73
CA HIS A 27 -4.34 9.68 -13.41
C HIS A 27 -4.41 8.32 -12.72
N GLY A 28 -4.95 7.33 -13.43
CA GLY A 28 -5.08 6.00 -12.88
C GLY A 28 -6.47 5.73 -12.33
N THR A 29 -6.94 4.50 -12.49
CA THR A 29 -8.26 4.11 -12.00
C THR A 29 -8.15 3.15 -10.82
N VAL A 30 -8.63 3.61 -9.66
CA VAL A 30 -8.58 2.79 -8.45
C VAL A 30 -9.98 2.53 -7.92
N GLN A 31 -10.18 1.35 -7.34
CA GLN A 31 -11.49 0.97 -6.79
C GLN A 31 -11.71 1.63 -5.43
N ALA A 32 -10.78 1.42 -4.52
CA ALA A 32 -10.89 2.00 -3.18
C ALA A 32 -9.52 2.07 -2.50
N VAL A 33 -9.41 2.90 -1.47
CA VAL A 33 -8.16 3.06 -0.74
C VAL A 33 -8.42 3.28 0.75
N TRP A 34 -7.51 2.76 1.58
CA TRP A 34 -7.64 2.89 3.02
C TRP A 34 -6.31 2.63 3.72
N ARG A 35 -6.26 2.92 5.01
CA ARG A 35 -5.04 2.72 5.79
C ARG A 35 -5.34 2.68 7.28
N ARG A 36 -4.66 1.80 8.00
CA ARG A 36 -4.86 1.65 9.43
C ARG A 36 -3.56 1.31 10.13
N TYR A 37 -3.48 1.61 11.42
CA TYR A 37 -2.29 1.34 12.21
C TYR A 37 -2.65 0.86 13.61
N PHE A 38 -2.16 -0.32 13.98
CA PHE A 38 -2.44 -0.89 15.30
C PHE A 38 -1.46 -0.33 16.34
N ALA A 39 -2.01 0.26 17.40
CA ALA A 39 -1.20 0.82 18.46
C ALA A 39 -0.67 -0.26 19.39
N GLY A 40 -1.50 -1.29 19.61
CA GLY A 40 -1.10 -2.39 20.48
C GLY A 40 -1.42 -2.11 21.94
N LYS A 41 -2.41 -2.83 22.46
CA LYS A 41 -2.82 -2.67 23.85
C LYS A 41 -3.09 -4.02 24.51
N LYS A 42 -2.13 -4.94 24.36
CA LYS A 42 -2.26 -6.27 24.94
C LYS A 42 -0.89 -6.82 25.33
N ASP A 43 -0.89 -7.96 26.01
CA ASP A 43 0.34 -8.59 26.45
C ASP A 43 0.74 -9.73 25.50
N ALA A 44 0.33 -9.61 24.25
CA ALA A 44 0.64 -10.62 23.25
C ALA A 44 1.69 -10.11 22.25
N PRO A 45 2.34 -11.05 21.57
CA PRO A 45 3.38 -10.72 20.57
C PRO A 45 2.79 -10.06 19.32
N PRO A 46 3.67 -9.49 18.48
CA PRO A 46 3.27 -8.82 17.24
C PRO A 46 2.75 -9.81 16.20
N GLU A 47 1.43 -9.90 16.08
CA GLU A 47 0.81 -10.80 15.11
C GLU A 47 0.38 -10.04 13.86
N SER A 48 -0.22 -8.87 14.05
CA SER A 48 -0.67 -8.05 12.94
C SER A 48 0.44 -7.12 12.46
N ARG A 49 0.23 -6.52 11.29
CA ARG A 49 1.21 -5.61 10.71
C ARG A 49 0.73 -4.16 10.79
N THR A 50 1.46 -3.33 11.52
CA THR A 50 1.10 -1.93 11.67
C THR A 50 2.17 -1.03 11.06
N LYS A 51 1.85 -0.45 9.90
CA LYS A 51 2.78 0.45 9.21
C LYS A 51 2.04 1.66 8.64
N PRO A 52 2.79 2.75 8.41
CA PRO A 52 2.23 3.99 7.86
C PRO A 52 1.82 3.84 6.40
N SER A 53 2.33 2.80 5.75
CA SER A 53 2.02 2.55 4.34
C SER A 53 0.52 2.50 4.13
N VAL A 54 0.08 2.87 2.92
CA VAL A 54 -1.33 2.86 2.58
C VAL A 54 -1.68 1.69 1.66
N PHE A 55 -2.90 1.18 1.79
CA PHE A 55 -3.35 0.07 0.97
C PHE A 55 -4.34 0.53 -0.10
N VAL A 56 -4.10 0.13 -1.33
CA VAL A 56 -4.96 0.50 -2.45
C VAL A 56 -5.40 -0.72 -3.25
N VAL A 57 -6.65 -0.72 -3.67
CA VAL A 57 -7.20 -1.83 -4.45
C VAL A 57 -7.73 -1.35 -5.79
N PHE A 58 -7.13 -1.83 -6.87
CA PHE A 58 -7.54 -1.46 -8.21
C PHE A 58 -8.73 -2.31 -8.67
N ASN A 59 -9.59 -1.71 -9.50
CA ASN A 59 -10.77 -2.40 -10.01
C ASN A 59 -10.42 -3.20 -11.27
N SER A 60 -9.69 -2.55 -12.18
CA SER A 60 -9.30 -3.21 -13.43
C SER A 60 -8.12 -4.14 -13.21
N SER A 61 -8.25 -5.38 -13.69
CA SER A 61 -7.20 -6.37 -13.53
C SER A 61 -5.92 -5.91 -14.23
N GLU A 62 -6.04 -5.49 -15.48
CA GLU A 62 -4.90 -5.02 -16.26
C GLU A 62 -4.19 -3.88 -15.53
N GLU A 63 -4.93 -2.80 -15.27
CA GLU A 63 -4.36 -1.65 -14.59
C GLU A 63 -3.80 -2.03 -13.23
N ALA A 64 -4.45 -3.00 -12.58
CA ALA A 64 -4.02 -3.46 -11.27
C ALA A 64 -2.62 -4.05 -11.33
N GLU A 65 -2.41 -4.98 -12.25
CA GLU A 65 -1.10 -5.61 -12.41
C GLU A 65 -0.05 -4.60 -12.84
N ALA A 66 -0.45 -3.69 -13.73
CA ALA A 66 0.46 -2.67 -14.24
C ALA A 66 1.00 -1.80 -13.11
N PHE A 67 0.10 -1.31 -12.26
CA PHE A 67 0.48 -0.47 -11.14
C PHE A 67 1.29 -1.27 -10.11
N GLN A 68 0.90 -2.52 -9.92
CA GLN A 68 1.59 -3.39 -8.97
C GLN A 68 3.06 -3.56 -9.34
N LYS A 69 3.32 -3.78 -10.63
CA LYS A 69 4.68 -3.95 -11.11
C LYS A 69 5.54 -2.74 -10.76
N ALA A 70 5.24 -1.61 -11.39
CA ALA A 70 5.98 -0.39 -11.15
C ALA A 70 5.05 0.75 -10.74
N PRO A 71 5.62 1.79 -10.10
CA PRO A 71 4.86 2.95 -9.64
C PRO A 71 4.35 3.81 -10.80
N PRO A 72 3.44 4.74 -10.49
CA PRO A 72 2.87 5.64 -11.50
C PRO A 72 3.87 6.66 -12.02
N MET A 73 4.79 7.07 -11.15
CA MET A 73 5.82 8.04 -11.51
C MET A 73 5.18 9.37 -11.91
N TYR A 74 5.08 10.27 -10.95
CA TYR A 74 4.49 11.59 -11.21
C TYR A 74 5.50 12.70 -10.93
N ASP A 75 5.70 13.57 -11.92
CA ASP A 75 6.64 14.68 -11.77
C ASP A 75 6.32 15.51 -10.54
N ASP A 76 5.04 15.80 -10.34
CA ASP A 76 4.59 16.58 -9.19
C ASP A 76 5.13 15.99 -7.89
N VAL A 77 4.73 14.76 -7.60
CA VAL A 77 5.18 14.08 -6.39
C VAL A 77 5.68 12.68 -6.70
N GLN A 78 6.87 12.36 -6.19
CA GLN A 78 7.47 11.04 -6.42
C GLN A 78 6.65 9.95 -5.73
N LEU A 79 6.15 9.00 -6.53
CA LEU A 79 5.36 7.90 -6.00
C LEU A 79 6.20 6.63 -5.87
N THR A 80 6.04 5.93 -4.76
CA THR A 80 6.78 4.70 -4.51
C THR A 80 5.84 3.57 -4.13
N ALA A 81 5.60 2.66 -5.07
CA ALA A 81 4.71 1.52 -4.83
C ALA A 81 5.51 0.22 -4.79
N GLU A 82 5.09 -0.68 -3.92
CA GLU A 82 5.77 -1.97 -3.78
C GLU A 82 4.88 -3.11 -4.27
N MET A 83 5.46 -4.28 -4.44
CA MET A 83 4.73 -5.46 -4.90
C MET A 83 4.38 -6.38 -3.74
N LYS A 84 3.28 -7.12 -3.88
CA LYS A 84 2.84 -8.04 -2.85
C LYS A 84 3.90 -9.13 -2.61
N THR A 85 4.50 -9.61 -3.68
CA THR A 85 5.53 -10.64 -3.58
C THR A 85 6.72 -10.17 -2.75
N THR A 86 7.19 -8.96 -3.05
CA THR A 86 8.32 -8.38 -2.34
C THR A 86 8.05 -8.32 -0.83
N TYR A 87 6.97 -7.63 -0.46
CA TYR A 87 6.60 -7.49 0.94
C TYR A 87 6.50 -8.86 1.61
N LEU A 88 5.81 -9.78 0.97
CA LEU A 88 5.64 -11.14 1.50
C LEU A 88 7.00 -11.76 1.83
N GLU A 89 7.95 -11.60 0.90
CA GLU A 89 9.29 -12.16 1.09
C GLU A 89 9.98 -11.50 2.28
N ARG A 90 9.79 -10.19 2.42
CA ARG A 90 10.40 -9.44 3.52
C ARG A 90 9.93 -9.97 4.86
N LYS A 91 8.62 -9.93 5.08
CA LYS A 91 8.05 -10.41 6.34
C LYS A 91 8.43 -11.86 6.60
N ALA A 92 8.39 -12.68 5.55
CA ALA A 92 8.74 -14.09 5.68
C ALA A 92 10.16 -14.25 6.20
N GLU A 93 11.08 -13.46 5.66
CA GLU A 93 12.48 -13.53 6.08
C GLU A 93 12.65 -13.03 7.52
N GLU A 94 11.86 -12.03 7.88
CA GLU A 94 11.93 -11.46 9.23
C GLU A 94 11.55 -12.52 10.27
N ILE A 95 10.34 -13.06 10.15
CA ILE A 95 9.87 -14.07 11.08
C ILE A 95 10.75 -15.32 11.04
N ALA A 96 11.23 -15.65 9.85
CA ALA A 96 12.09 -16.82 9.68
C ALA A 96 13.35 -16.70 10.53
N ALA A 97 13.90 -15.50 10.61
CA ALA A 97 15.10 -15.26 11.41
C ALA A 97 14.83 -15.49 12.88
N LYS A 98 13.70 -15.00 13.36
CA LYS A 98 13.32 -15.15 14.77
C LYS A 98 13.00 -16.61 15.09
N LYS A 99 12.10 -17.19 14.30
CA LYS A 99 11.70 -18.59 14.50
C LYS A 99 12.71 -19.54 13.87
#